data_6NLX
#
_entry.id   6NLX
#
_cell.length_a   73.010
_cell.length_b   119.940
_cell.length_c   162.900
_cell.angle_alpha   90.000
_cell.angle_beta   90.000
_cell.angle_gamma   90.000
#
_symmetry.space_group_name_H-M   'P 21 21 21'
#
loop_
_entity.id
_entity.type
_entity.pdbx_description
1 polymer 'Glyceraldehyde-3-phosphate Dehydrogenase'
2 non-polymer 1,2-ETHANEDIOL
3 non-polymer NICOTINAMIDE-ADENINE-DINUCLEOTIDE
4 water water
#
_entity_poly.entity_id   1
_entity_poly.type   'polypeptide(L)'
_entity_poly.pdbx_seq_one_letter_code
;MAHHHHHHMVKVGINGFGRIGRLVFRASLERTDVEVVAINDIMMTPDYMIYMIKYDSVHGKFNGKLEYTENSIKVNGREI
HVFCEREPEKLPWGQYGVEYVVESTGVFTKLDTASKHLKGGAKRVVISAPADTPTFVMGVNNHEFKPEMTVINNASCTTN
CLAPIAAVLHENFGIVEGLMTTVHALTATQPTVDAPSKKDWRGGRAAGYNIIPSSTGAAKAVGLVIPSLNGKLTGMAFRV
PTADVSVVDLTCRLEKPATKKQIDEAMKKASESERFKGILKYTEEEVVSSDFIHDSASSTYDSKASISLNDHFVKVVAWY
DNEWGYSNRVLDLIISTSKVQ
;
_entity_poly.pdbx_strand_id   A,B,C,D
#
loop_
_chem_comp.id
_chem_comp.type
_chem_comp.name
_chem_comp.formula
EDO non-polymer 1,2-ETHANEDIOL 'C2 H6 O2'
NAD non-polymer NICOTINAMIDE-ADENINE-DINUCLEOTIDE 'C21 H27 N7 O14 P2'
#
# COMPACT_ATOMS: atom_id res chain seq x y z
N HIS A 5 2.14 -46.76 19.00
CA HIS A 5 1.95 -45.84 20.12
C HIS A 5 1.92 -44.41 19.62
N HIS A 6 1.96 -43.46 20.55
CA HIS A 6 1.97 -42.03 20.24
C HIS A 6 2.31 -41.26 21.51
N HIS A 7 2.62 -39.98 21.31
CA HIS A 7 2.85 -39.04 22.40
C HIS A 7 1.52 -38.44 22.86
N HIS A 8 1.49 -37.96 24.10
CA HIS A 8 0.30 -37.34 24.63
C HIS A 8 0.06 -35.98 23.99
N MET A 9 -1.19 -35.50 24.16
CA MET A 9 -1.56 -34.19 23.67
C MET A 9 -1.19 -33.15 24.72
N VAL A 10 -0.28 -32.24 24.36
CA VAL A 10 0.28 -31.31 25.33
C VAL A 10 -0.71 -30.18 25.56
N LYS A 11 -1.06 -29.94 26.83
CA LYS A 11 -1.94 -28.83 27.18
C LYS A 11 -1.11 -27.57 27.36
N VAL A 12 -1.53 -26.49 26.71
CA VAL A 12 -0.75 -25.26 26.60
C VAL A 12 -1.57 -24.09 27.10
N GLY A 13 -0.92 -23.17 27.80
CA GLY A 13 -1.49 -21.87 28.15
C GLY A 13 -0.80 -20.81 27.32
N ILE A 14 -1.56 -19.80 26.90
CA ILE A 14 -1.02 -18.68 26.14
C ILE A 14 -1.10 -17.45 27.01
N ASN A 15 0.04 -16.80 27.24
CA ASN A 15 0.11 -15.58 28.03
C ASN A 15 0.39 -14.42 27.09
N GLY A 16 -0.63 -13.60 26.84
CA GLY A 16 -0.50 -12.52 25.89
C GLY A 16 -1.12 -12.87 24.54
N PHE A 17 -2.40 -12.56 24.38
CA PHE A 17 -3.13 -12.85 23.15
C PHE A 17 -2.88 -11.80 22.08
N GLY A 18 -1.71 -11.17 22.07
CA GLY A 18 -1.32 -10.32 20.97
C GLY A 18 -1.21 -11.07 19.66
N ARG A 19 -0.55 -10.48 18.67
CA ARG A 19 -0.52 -11.05 17.33
C ARG A 19 0.14 -12.43 17.30
N ILE A 20 1.29 -12.60 17.97
CA ILE A 20 1.96 -13.90 17.94
C ILE A 20 1.16 -14.93 18.73
N GLY A 21 0.74 -14.58 19.95
CA GLY A 21 -0.03 -15.51 20.76
C GLY A 21 -1.32 -15.93 20.08
N ARG A 22 -1.96 -15.00 19.40
CA ARG A 22 -3.21 -15.33 18.72
C ARG A 22 -2.98 -16.22 17.51
N LEU A 23 -1.82 -16.07 16.84
CA LEU A 23 -1.55 -16.93 15.70
C LEU A 23 -1.06 -18.30 16.13
N VAL A 24 -0.34 -18.37 17.25
CA VAL A 24 -0.06 -19.67 17.86
C VAL A 24 -1.36 -20.39 18.15
N PHE A 25 -2.32 -19.68 18.73
CA PHE A 25 -3.62 -20.27 19.02
C PHE A 25 -4.30 -20.77 17.75
N ARG A 26 -4.35 -19.92 16.72
CA ARG A 26 -4.97 -20.34 15.46
C ARG A 26 -4.26 -21.55 14.88
N ALA A 27 -2.93 -21.53 14.86
CA ALA A 27 -2.17 -22.70 14.42
C ALA A 27 -2.59 -23.96 15.18
N SER A 28 -2.78 -23.85 16.51
CA SER A 28 -3.15 -25.02 17.29
C SER A 28 -4.54 -25.55 16.93
N LEU A 29 -5.45 -24.68 16.48
CA LEU A 29 -6.76 -25.17 16.08
C LEU A 29 -6.68 -26.00 14.82
N GLU A 30 -5.75 -25.69 13.92
CA GLU A 30 -5.53 -26.49 12.71
C GLU A 30 -4.81 -27.80 12.98
N ARG A 31 -4.49 -28.12 14.23
CA ARG A 31 -3.62 -29.25 14.55
C ARG A 31 -4.23 -30.07 15.69
N THR A 32 -3.73 -31.29 15.83
CA THR A 32 -4.26 -32.25 16.80
C THR A 32 -3.19 -32.81 17.73
N ASP A 33 -1.95 -32.30 17.68
CA ASP A 33 -0.88 -32.78 18.56
C ASP A 33 -0.73 -31.95 19.83
N VAL A 34 -1.57 -30.92 19.99
CA VAL A 34 -1.45 -29.96 21.08
C VAL A 34 -2.82 -29.32 21.23
N GLU A 35 -3.16 -28.86 22.43
CA GLU A 35 -4.36 -28.04 22.56
C GLU A 35 -4.16 -26.96 23.61
N VAL A 36 -4.56 -25.74 23.26
CA VAL A 36 -4.52 -24.59 24.15
C VAL A 36 -5.77 -24.61 25.01
N VAL A 37 -5.60 -24.68 26.33
CA VAL A 37 -6.74 -24.80 27.24
C VAL A 37 -6.96 -23.57 28.10
N ALA A 38 -6.08 -22.56 28.02
CA ALA A 38 -6.22 -21.37 28.84
C ALA A 38 -5.43 -20.24 28.21
N ILE A 39 -5.96 -19.03 28.31
CA ILE A 39 -5.41 -17.84 27.67
C ILE A 39 -5.46 -16.70 28.68
N ASN A 40 -4.37 -15.97 28.82
CA ASN A 40 -4.33 -14.83 29.72
C ASN A 40 -4.03 -13.56 28.94
N ASP A 41 -4.63 -12.46 29.37
CA ASP A 41 -4.47 -11.15 28.75
C ASP A 41 -5.15 -10.12 29.64
N ILE A 42 -4.77 -8.85 29.44
CA ILE A 42 -5.32 -7.76 30.22
C ILE A 42 -5.84 -6.61 29.36
N MET A 43 -5.67 -6.69 28.04
CA MET A 43 -6.24 -5.70 27.11
C MET A 43 -7.48 -6.22 26.41
N MET A 44 -7.96 -7.40 26.79
CA MET A 44 -9.05 -8.04 26.06
C MET A 44 -9.97 -8.78 27.03
N THR A 45 -11.24 -8.81 26.67
CA THR A 45 -12.30 -9.56 27.31
C THR A 45 -12.71 -10.73 26.42
N PRO A 46 -13.40 -11.73 26.95
CA PRO A 46 -13.68 -12.94 26.13
C PRO A 46 -14.47 -12.68 24.86
N ASP A 47 -15.42 -11.74 24.86
CA ASP A 47 -16.18 -11.45 23.65
C ASP A 47 -15.30 -10.84 22.56
N TYR A 48 -14.35 -10.01 22.96
CA TYR A 48 -13.44 -9.41 21.99
C TYR A 48 -12.41 -10.40 21.50
N MET A 49 -12.03 -11.39 22.34
CA MET A 49 -11.08 -12.40 21.91
C MET A 49 -11.63 -13.22 20.76
N ILE A 50 -12.92 -13.57 20.80
CA ILE A 50 -13.45 -14.39 19.71
C ILE A 50 -13.56 -13.57 18.43
N TYR A 51 -13.84 -12.26 18.53
CA TYR A 51 -13.79 -11.42 17.34
C TYR A 51 -12.40 -11.44 16.70
N MET A 52 -11.35 -11.34 17.51
CA MET A 52 -10.02 -11.32 16.92
C MET A 52 -9.63 -12.69 16.37
N ILE A 53 -10.15 -13.77 16.97
CA ILE A 53 -9.92 -15.11 16.46
C ILE A 53 -10.65 -15.31 15.13
N LYS A 54 -11.86 -14.76 15.02
CA LYS A 54 -12.73 -15.08 13.90
C LYS A 54 -12.24 -14.46 12.60
N TYR A 55 -11.79 -13.21 12.64
CA TYR A 55 -11.45 -12.43 11.46
C TYR A 55 -9.98 -12.05 11.51
N ASP A 56 -9.29 -12.24 10.37
CA ASP A 56 -7.88 -11.95 10.26
C ASP A 56 -7.61 -11.34 8.90
N SER A 57 -6.97 -10.17 8.90
CA SER A 57 -6.70 -9.45 7.66
C SER A 57 -5.68 -10.16 6.78
N VAL A 58 -4.85 -11.02 7.36
CA VAL A 58 -3.85 -11.79 6.62
C VAL A 58 -4.30 -13.23 6.37
N HIS A 59 -4.80 -13.91 7.41
CA HIS A 59 -4.99 -15.35 7.34
C HIS A 59 -6.44 -15.78 7.14
N GLY A 60 -7.33 -14.85 6.83
CA GLY A 60 -8.70 -15.21 6.52
C GLY A 60 -9.55 -15.52 7.74
N LYS A 61 -10.80 -15.85 7.43
CA LYS A 61 -11.81 -16.08 8.46
C LYS A 61 -11.63 -17.47 9.06
N PHE A 62 -11.84 -17.57 10.37
CA PHE A 62 -11.89 -18.88 11.03
C PHE A 62 -13.30 -19.43 10.88
N ASN A 63 -13.42 -20.63 10.34
CA ASN A 63 -14.71 -21.28 10.20
C ASN A 63 -14.82 -22.35 11.28
N GLY A 64 -15.83 -22.23 12.11
CA GLY A 64 -15.97 -23.01 13.33
C GLY A 64 -16.73 -22.19 14.35
N LYS A 65 -17.37 -22.89 15.27
CA LYS A 65 -18.26 -22.21 16.20
C LYS A 65 -17.45 -21.54 17.30
N LEU A 66 -17.76 -20.27 17.55
CA LEU A 66 -17.09 -19.50 18.59
C LEU A 66 -18.15 -18.90 19.52
N GLU A 67 -18.02 -19.17 20.80
CA GLU A 67 -18.89 -18.63 21.84
C GLU A 67 -18.02 -18.09 22.97
N TYR A 68 -18.63 -17.36 23.89
CA TYR A 68 -17.89 -16.77 25.01
C TYR A 68 -18.78 -16.73 26.25
N THR A 69 -18.11 -16.75 27.42
CA THR A 69 -18.78 -16.56 28.71
C THR A 69 -18.08 -15.45 29.47
N GLU A 70 -18.42 -15.28 30.75
CA GLU A 70 -17.79 -14.24 31.56
C GLU A 70 -16.30 -14.48 31.73
N ASN A 71 -15.86 -15.74 31.69
CA ASN A 71 -14.47 -16.06 31.99
C ASN A 71 -13.90 -17.13 31.05
N SER A 72 -14.44 -17.27 29.85
CA SER A 72 -13.97 -18.32 28.96
C SER A 72 -14.44 -18.06 27.53
N ILE A 73 -13.83 -18.78 26.60
CA ILE A 73 -14.31 -18.87 25.23
C ILE A 73 -14.51 -20.35 24.90
N LYS A 74 -15.33 -20.61 23.88
CA LYS A 74 -15.56 -21.97 23.41
C LYS A 74 -15.28 -22.04 21.92
N VAL A 75 -14.47 -23.01 21.51
CA VAL A 75 -14.18 -23.28 20.10
C VAL A 75 -14.75 -24.65 19.77
N ASN A 76 -15.73 -24.69 18.87
CA ASN A 76 -16.35 -25.94 18.44
C ASN A 76 -16.78 -26.78 19.64
N GLY A 77 -17.36 -26.13 20.64
CA GLY A 77 -17.86 -26.80 21.82
C GLY A 77 -16.88 -26.91 22.96
N ARG A 78 -15.59 -26.72 22.72
CA ARG A 78 -14.56 -26.94 23.72
C ARG A 78 -14.27 -25.66 24.48
N GLU A 79 -14.31 -25.73 25.81
CA GLU A 79 -14.19 -24.54 26.64
C GLU A 79 -12.73 -24.24 26.98
N ILE A 80 -12.36 -22.97 26.83
CA ILE A 80 -11.00 -22.49 27.09
C ILE A 80 -11.08 -21.36 28.12
N HIS A 81 -10.46 -21.55 29.27
CA HIS A 81 -10.54 -20.53 30.32
C HIS A 81 -9.73 -19.31 29.96
N VAL A 82 -10.28 -18.13 30.26
CA VAL A 82 -9.62 -16.86 29.98
C VAL A 82 -9.32 -16.17 31.31
N PHE A 83 -8.06 -15.81 31.51
CA PHE A 83 -7.58 -15.08 32.68
C PHE A 83 -7.43 -13.60 32.36
N CYS A 84 -7.36 -12.79 33.42
CA CYS A 84 -7.07 -11.37 33.33
C CYS A 84 -6.25 -11.00 34.57
N GLU A 85 -5.04 -11.52 34.65
CA GLU A 85 -4.17 -11.33 35.80
C GLU A 85 -3.00 -10.41 35.45
N ARG A 86 -2.43 -9.82 36.50
CA ARG A 86 -1.27 -8.96 36.37
C ARG A 86 0.02 -9.61 36.87
N GLU A 87 -0.01 -10.27 38.03
CA GLU A 87 1.14 -10.94 38.60
C GLU A 87 1.06 -12.44 38.28
N PRO A 88 1.83 -12.95 37.32
CA PRO A 88 1.64 -14.32 36.83
C PRO A 88 1.94 -15.41 37.84
N GLU A 89 2.39 -15.09 39.05
CA GLU A 89 2.67 -16.13 40.04
C GLU A 89 1.39 -16.72 40.61
N LYS A 90 0.27 -16.00 40.54
CA LYS A 90 -1.00 -16.51 41.04
C LYS A 90 -1.77 -17.30 40.01
N LEU A 91 -1.51 -17.09 38.72
CA LEU A 91 -2.18 -17.80 37.61
C LEU A 91 -2.20 -19.30 37.86
N PRO A 92 -3.38 -19.89 38.07
CA PRO A 92 -3.45 -21.32 38.41
C PRO A 92 -3.45 -22.24 37.18
N TRP A 93 -2.38 -22.12 36.38
CA TRP A 93 -2.27 -22.96 35.18
C TRP A 93 -2.45 -24.44 35.52
N GLY A 94 -1.91 -24.88 36.65
CA GLY A 94 -1.96 -26.28 37.00
C GLY A 94 -3.37 -26.79 37.25
N GLN A 95 -4.25 -25.90 37.72
CA GLN A 95 -5.65 -26.29 37.90
C GLN A 95 -6.30 -26.67 36.59
N TYR A 96 -5.88 -26.04 35.49
CA TYR A 96 -6.42 -26.33 34.17
C TYR A 96 -5.56 -27.30 33.38
N GLY A 97 -4.60 -27.96 34.03
CA GLY A 97 -3.78 -28.96 33.40
C GLY A 97 -2.73 -28.44 32.46
N VAL A 98 -2.42 -27.15 32.50
CA VAL A 98 -1.47 -26.57 31.56
C VAL A 98 -0.07 -27.13 31.83
N GLU A 99 0.56 -27.66 30.79
CA GLU A 99 1.92 -28.17 30.89
C GLU A 99 2.94 -27.09 30.51
N TYR A 100 2.77 -26.49 29.34
CA TYR A 100 3.63 -25.43 28.84
C TYR A 100 2.87 -24.11 28.75
N VAL A 101 3.55 -23.02 29.08
CA VAL A 101 3.02 -21.69 28.85
C VAL A 101 3.85 -21.02 27.76
N VAL A 102 3.16 -20.52 26.75
CA VAL A 102 3.77 -19.71 25.69
C VAL A 102 3.78 -18.27 26.18
N GLU A 103 4.96 -17.69 26.29
CA GLU A 103 5.15 -16.34 26.81
C GLU A 103 5.24 -15.39 25.62
N SER A 104 4.10 -14.85 25.20
CA SER A 104 4.05 -13.94 24.07
C SER A 104 3.57 -12.56 24.51
N THR A 105 4.07 -12.09 25.66
CA THR A 105 3.80 -10.72 26.07
C THR A 105 4.47 -9.69 25.18
N GLY A 106 5.53 -10.08 24.47
CA GLY A 106 6.33 -9.10 23.78
C GLY A 106 7.17 -8.23 24.68
N VAL A 107 7.24 -8.57 25.97
CA VAL A 107 7.99 -7.80 26.96
C VAL A 107 8.83 -8.74 27.80
N PHE A 108 8.17 -9.73 28.42
CA PHE A 108 8.76 -10.57 29.45
C PHE A 108 9.85 -11.45 28.86
N THR A 109 11.12 -11.10 29.11
CA THR A 109 12.23 -11.94 28.66
C THR A 109 13.30 -12.12 29.72
N LYS A 110 12.98 -11.86 30.98
CA LYS A 110 13.89 -12.13 32.10
C LYS A 110 13.64 -13.54 32.61
N LEU A 111 14.72 -14.31 32.76
CA LEU A 111 14.60 -15.73 33.09
C LEU A 111 13.72 -15.94 34.32
N ASP A 112 14.00 -15.19 35.40
CA ASP A 112 13.19 -15.31 36.62
C ASP A 112 11.75 -14.87 36.38
N THR A 113 11.57 -13.82 35.56
CA THR A 113 10.22 -13.34 35.24
C THR A 113 9.38 -14.44 34.61
N ALA A 114 9.85 -15.01 33.50
CA ALA A 114 9.10 -16.06 32.83
C ALA A 114 8.88 -17.28 33.72
N SER A 115 9.77 -17.49 34.69
CA SER A 115 9.65 -18.63 35.60
C SER A 115 8.47 -18.51 36.55
N LYS A 116 7.82 -17.34 36.62
CA LYS A 116 6.72 -17.17 37.57
C LYS A 116 5.55 -18.10 37.24
N HIS A 117 5.35 -18.41 35.95
CA HIS A 117 4.30 -19.34 35.53
C HIS A 117 4.46 -20.71 36.18
N LEU A 118 5.67 -21.09 36.60
CA LEU A 118 5.86 -22.38 37.24
C LEU A 118 5.28 -22.39 38.66
N LYS A 119 5.13 -21.22 39.28
CA LYS A 119 4.53 -21.17 40.60
C LYS A 119 3.05 -21.54 40.55
N GLY A 120 2.38 -21.20 39.45
CA GLY A 120 0.97 -21.53 39.29
C GLY A 120 0.70 -22.98 38.95
N GLY A 121 1.72 -23.71 38.49
CA GLY A 121 1.51 -25.12 38.20
C GLY A 121 1.96 -25.54 36.82
N ALA A 122 2.29 -24.59 35.97
CA ALA A 122 2.86 -24.93 34.67
C ALA A 122 4.24 -25.55 34.87
N LYS A 123 4.57 -26.52 34.01
CA LYS A 123 5.85 -27.17 34.12
C LYS A 123 6.94 -26.43 33.35
N ARG A 124 6.63 -25.87 32.19
CA ARG A 124 7.65 -25.28 31.33
C ARG A 124 7.11 -24.03 30.63
N VAL A 125 8.03 -23.19 30.18
CA VAL A 125 7.70 -21.94 29.53
C VAL A 125 8.53 -21.80 28.25
N VAL A 126 7.87 -21.46 27.16
CA VAL A 126 8.52 -21.12 25.90
C VAL A 126 8.25 -19.66 25.61
N ILE A 127 9.31 -18.86 25.54
CA ILE A 127 9.18 -17.45 25.16
C ILE A 127 9.17 -17.35 23.64
N SER A 128 8.15 -16.67 23.10
CA SER A 128 8.04 -16.55 21.65
C SER A 128 8.85 -15.36 21.11
N ALA A 129 10.13 -15.27 21.50
CA ALA A 129 11.03 -14.20 21.09
C ALA A 129 12.43 -14.48 21.64
N PRO A 130 13.47 -13.84 21.12
CA PRO A 130 14.80 -13.99 21.75
C PRO A 130 14.75 -13.53 23.20
N ALA A 131 15.58 -14.16 24.02
CA ALA A 131 15.60 -13.92 25.47
C ALA A 131 16.89 -14.49 26.02
N ASP A 132 17.20 -14.10 27.26
CA ASP A 132 18.41 -14.58 27.96
C ASP A 132 18.16 -15.93 28.61
N THR A 133 17.77 -16.89 27.78
CA THR A 133 17.47 -18.28 28.13
C THR A 133 18.07 -19.16 27.06
N PRO A 134 18.09 -20.49 27.23
CA PRO A 134 18.45 -21.37 26.10
C PRO A 134 17.57 -21.07 24.89
N THR A 135 18.18 -21.16 23.69
CA THR A 135 17.57 -20.73 22.43
C THR A 135 17.50 -21.90 21.46
N PHE A 136 16.39 -22.03 20.75
CA PHE A 136 16.19 -23.20 19.90
C PHE A 136 15.58 -22.83 18.57
N VAL A 137 16.04 -23.52 17.52
CA VAL A 137 15.44 -23.48 16.20
C VAL A 137 15.16 -24.92 15.79
N MET A 138 13.89 -25.22 15.50
CA MET A 138 13.53 -26.57 15.08
C MET A 138 14.32 -26.98 13.83
N GLY A 139 14.78 -28.22 13.83
CA GLY A 139 15.59 -28.72 12.75
C GLY A 139 17.05 -28.42 12.88
N VAL A 140 17.44 -27.53 13.78
CA VAL A 140 18.82 -27.10 13.94
C VAL A 140 19.39 -27.54 15.29
N ASN A 141 18.73 -27.19 16.40
CA ASN A 141 19.31 -27.58 17.69
C ASN A 141 18.26 -28.00 18.72
N ASN A 142 17.04 -28.32 18.31
CA ASN A 142 16.02 -28.64 19.31
C ASN A 142 16.36 -29.90 20.10
N HIS A 143 17.18 -30.78 19.56
CA HIS A 143 17.56 -31.97 20.30
C HIS A 143 18.64 -31.70 21.34
N GLU A 144 19.08 -30.45 21.47
CA GLU A 144 19.97 -30.07 22.56
C GLU A 144 19.22 -29.72 23.84
N PHE A 145 17.88 -29.69 23.81
CA PHE A 145 17.10 -29.39 25.00
C PHE A 145 17.38 -30.41 26.09
N LYS A 146 17.59 -29.92 27.33
CA LYS A 146 17.77 -30.71 28.54
C LYS A 146 16.58 -30.50 29.49
N PRO A 147 16.10 -31.57 30.13
CA PRO A 147 14.84 -31.46 30.88
C PRO A 147 14.86 -30.46 32.03
N GLU A 148 16.03 -30.02 32.49
CA GLU A 148 16.07 -29.00 33.53
C GLU A 148 15.92 -27.59 32.98
N MET A 149 15.73 -27.43 31.67
CA MET A 149 15.53 -26.11 31.06
C MET A 149 14.03 -25.79 31.09
N THR A 150 13.59 -25.28 32.24
CA THR A 150 12.16 -25.01 32.44
C THR A 150 11.68 -23.76 31.73
N VAL A 151 12.59 -22.86 31.34
CA VAL A 151 12.25 -21.69 30.52
C VAL A 151 13.22 -21.66 29.35
N ILE A 152 12.66 -21.61 28.13
CA ILE A 152 13.44 -21.57 26.90
C ILE A 152 12.79 -20.55 25.96
N ASN A 153 13.44 -20.32 24.81
CA ASN A 153 12.86 -19.44 23.81
C ASN A 153 13.04 -20.04 22.42
N ASN A 154 12.20 -19.56 21.48
CA ASN A 154 12.16 -20.03 20.10
C ASN A 154 12.85 -19.07 19.14
N ALA A 155 13.74 -18.21 19.64
CA ALA A 155 14.47 -17.26 18.79
C ALA A 155 13.44 -16.34 18.12
N SER A 156 13.76 -15.85 16.93
CA SER A 156 12.92 -14.94 16.15
C SER A 156 12.51 -15.61 14.85
N CYS A 157 11.53 -15.02 14.15
CA CYS A 157 11.13 -15.58 12.86
C CYS A 157 12.28 -15.54 11.85
N THR A 158 13.06 -14.46 11.84
CA THR A 158 14.19 -14.35 10.92
C THR A 158 15.26 -15.39 11.21
N THR A 159 15.58 -15.63 12.48
CA THR A 159 16.55 -16.67 12.84
C THR A 159 16.05 -18.04 12.42
N ASN A 160 14.72 -18.28 12.54
CA ASN A 160 14.15 -19.55 12.10
C ASN A 160 14.18 -19.72 10.58
N CYS A 161 14.18 -18.62 9.81
CA CYS A 161 14.41 -18.72 8.37
C CYS A 161 15.89 -18.91 8.04
N LEU A 162 16.76 -18.13 8.68
CA LEU A 162 18.18 -18.15 8.33
C LEU A 162 18.87 -19.43 8.79
N ALA A 163 18.58 -19.89 9.99
CA ALA A 163 19.37 -20.98 10.55
C ALA A 163 19.27 -22.29 9.75
N PRO A 164 18.09 -22.72 9.25
CA PRO A 164 18.08 -23.94 8.41
C PRO A 164 18.87 -23.79 7.11
N ILE A 165 18.80 -22.61 6.49
CA ILE A 165 19.55 -22.35 5.27
C ILE A 165 21.05 -22.40 5.56
N ALA A 166 21.49 -21.75 6.63
CA ALA A 166 22.91 -21.74 6.97
C ALA A 166 23.41 -23.14 7.30
N ALA A 167 22.57 -23.96 7.96
CA ALA A 167 22.99 -25.32 8.29
C ALA A 167 23.24 -26.14 7.04
N VAL A 168 22.39 -25.99 6.02
CA VAL A 168 22.60 -26.77 4.80
C VAL A 168 23.87 -26.31 4.08
N LEU A 169 24.06 -24.99 3.95
CA LEU A 169 25.28 -24.47 3.33
C LEU A 169 26.52 -24.91 4.10
N HIS A 170 26.50 -24.72 5.41
CA HIS A 170 27.68 -24.98 6.23
C HIS A 170 28.04 -26.45 6.23
N GLU A 171 27.03 -27.33 6.30
CA GLU A 171 27.30 -28.76 6.34
C GLU A 171 27.69 -29.30 4.96
N ASN A 172 27.13 -28.75 3.89
CA ASN A 172 27.50 -29.27 2.58
C ASN A 172 28.79 -28.66 2.04
N PHE A 173 29.07 -27.40 2.33
CA PHE A 173 30.20 -26.71 1.70
C PHE A 173 31.06 -25.97 2.70
N GLY A 174 30.49 -25.58 3.84
CA GLY A 174 31.23 -24.81 4.83
C GLY A 174 31.17 -23.31 4.60
N ILE A 175 30.53 -22.60 5.52
CA ILE A 175 30.48 -21.14 5.43
C ILE A 175 31.77 -20.57 6.01
N VAL A 176 32.50 -19.80 5.20
CA VAL A 176 33.66 -19.07 5.70
C VAL A 176 33.20 -17.83 6.45
N GLU A 177 32.28 -17.07 5.86
CA GLU A 177 31.72 -15.86 6.43
C GLU A 177 30.51 -15.46 5.59
N GLY A 178 29.61 -14.71 6.20
CA GLY A 178 28.42 -14.30 5.50
C GLY A 178 27.82 -13.02 6.05
N LEU A 179 27.13 -12.31 5.16
CA LEU A 179 26.39 -11.10 5.50
C LEU A 179 24.98 -11.29 4.99
N MET A 180 24.00 -10.96 5.82
CA MET A 180 22.61 -11.25 5.51
C MET A 180 21.81 -9.96 5.46
N THR A 181 20.85 -9.93 4.56
CA THR A 181 19.83 -8.89 4.54
C THR A 181 18.48 -9.59 4.64
N THR A 182 17.56 -9.05 5.43
CA THR A 182 16.20 -9.52 5.35
C THR A 182 15.30 -8.37 4.91
N VAL A 183 14.52 -8.62 3.88
CA VAL A 183 13.51 -7.67 3.43
C VAL A 183 12.22 -8.11 4.08
N HIS A 184 11.76 -7.34 5.07
CA HIS A 184 10.82 -7.83 6.08
C HIS A 184 9.51 -7.08 6.00
N ALA A 185 8.40 -7.82 6.11
CA ALA A 185 7.07 -7.21 6.14
C ALA A 185 6.88 -6.34 7.39
N LEU A 186 5.81 -5.56 7.38
CA LEU A 186 5.48 -4.69 8.51
C LEU A 186 5.20 -5.50 9.77
N THR A 187 5.59 -4.97 10.93
CA THR A 187 5.21 -5.57 12.22
C THR A 187 4.52 -4.53 13.11
N ALA A 188 3.92 -5.03 14.19
CA ALA A 188 3.05 -4.20 15.04
C ALA A 188 3.81 -3.08 15.73
N THR A 189 5.12 -3.19 15.86
CA THR A 189 5.91 -2.15 16.52
C THR A 189 6.08 -0.91 15.67
N GLN A 190 5.66 -0.94 14.42
CA GLN A 190 5.80 0.22 13.55
C GLN A 190 4.52 1.05 13.54
N PRO A 191 4.62 2.37 13.42
CA PRO A 191 3.43 3.21 13.39
C PRO A 191 2.96 3.47 11.95
N THR A 192 1.72 3.93 11.86
CA THR A 192 1.16 4.22 10.55
CA THR A 192 1.09 4.25 10.59
C THR A 192 1.52 5.61 10.05
N VAL A 193 1.88 6.54 10.94
CA VAL A 193 2.34 7.86 10.58
C VAL A 193 3.69 8.06 11.28
N ASP A 194 4.42 9.09 10.84
CA ASP A 194 5.66 9.45 11.55
C ASP A 194 5.34 9.70 13.02
N ALA A 195 5.99 8.95 13.91
CA ALA A 195 5.61 8.91 15.31
C ALA A 195 6.86 8.70 16.15
N PRO A 196 6.82 9.05 17.45
CA PRO A 196 8.05 8.96 18.26
C PRO A 196 8.49 7.52 18.44
N SER A 197 9.81 7.31 18.33
CA SER A 197 10.39 5.99 18.55
C SER A 197 11.82 6.22 19.06
N LYS A 198 11.91 6.49 20.36
CA LYS A 198 13.12 7.09 20.93
C LYS A 198 14.33 6.18 20.83
N LYS A 199 14.13 4.86 20.87
CA LYS A 199 15.23 3.92 20.76
C LYS A 199 15.50 3.48 19.32
N ASP A 200 14.73 3.98 18.35
CA ASP A 200 14.85 3.57 16.95
C ASP A 200 14.23 4.65 16.07
N TRP A 201 14.98 5.71 15.77
CA TRP A 201 14.39 6.84 15.06
C TRP A 201 13.83 6.40 13.70
N ARG A 202 14.57 5.60 12.94
CA ARG A 202 14.04 5.17 11.66
C ARG A 202 12.75 4.39 11.81
N GLY A 203 12.66 3.56 12.86
CA GLY A 203 11.49 2.72 13.08
C GLY A 203 10.22 3.47 13.46
N GLY A 204 10.32 4.76 13.80
CA GLY A 204 9.14 5.59 14.04
C GLY A 204 8.54 6.19 12.78
N ARG A 205 9.25 6.13 11.67
CA ARG A 205 8.75 6.71 10.44
C ARG A 205 7.63 5.85 9.85
N ALA A 206 6.71 6.50 9.13
CA ALA A 206 5.48 5.86 8.69
C ALA A 206 5.75 4.58 7.92
N ALA A 207 5.19 3.48 8.42
CA ALA A 207 5.59 2.16 7.94
C ALA A 207 5.14 1.88 6.52
N GLY A 208 3.95 2.35 6.15
CA GLY A 208 3.42 2.03 4.86
C GLY A 208 3.99 2.81 3.69
N TYR A 209 4.87 3.78 3.93
CA TYR A 209 5.30 4.68 2.86
C TYR A 209 6.81 4.82 2.81
N ASN A 210 7.55 3.83 3.31
CA ASN A 210 9.00 3.93 3.39
C ASN A 210 9.63 2.56 3.32
N ILE A 211 10.83 2.51 2.74
CA ILE A 211 11.78 1.44 2.98
C ILE A 211 12.60 1.88 4.18
N ILE A 212 12.63 1.05 5.22
CA ILE A 212 13.13 1.49 6.52
C ILE A 212 14.26 0.56 6.97
N PRO A 213 15.52 1.00 6.94
CA PRO A 213 16.60 0.15 7.46
C PRO A 213 16.40 -0.12 8.94
N SER A 214 16.78 -1.31 9.35
CA SER A 214 16.55 -1.72 10.73
C SER A 214 17.67 -2.65 11.14
N SER A 215 17.87 -2.73 12.45
CA SER A 215 18.82 -3.66 13.01
C SER A 215 18.13 -4.99 13.27
N THR A 216 18.91 -6.06 13.27
CA THR A 216 18.40 -7.36 13.63
C THR A 216 19.58 -8.16 14.18
N GLY A 217 19.36 -8.84 15.29
CA GLY A 217 20.43 -9.69 15.77
C GLY A 217 20.39 -11.09 15.20
N ALA A 218 19.55 -11.34 14.19
CA ALA A 218 19.25 -12.70 13.80
C ALA A 218 20.48 -13.41 13.25
N ALA A 219 21.28 -12.72 12.44
CA ALA A 219 22.47 -13.35 11.86
C ALA A 219 23.52 -13.66 12.94
N LYS A 220 23.73 -12.76 13.90
CA LYS A 220 24.60 -13.10 15.01
C LYS A 220 24.01 -14.25 15.84
N ALA A 221 22.70 -14.20 16.08
CA ALA A 221 22.06 -15.23 16.91
C ALA A 221 22.16 -16.61 16.29
N VAL A 222 22.41 -16.72 14.98
CA VAL A 222 22.60 -18.04 14.39
C VAL A 222 23.74 -18.76 15.09
N GLY A 223 24.72 -18.01 15.61
CA GLY A 223 25.80 -18.58 16.39
C GLY A 223 25.38 -19.25 17.68
N LEU A 224 24.20 -18.91 18.20
CA LEU A 224 23.72 -19.57 19.41
C LEU A 224 23.17 -20.96 19.10
N VAL A 225 22.53 -21.14 17.93
CA VAL A 225 22.00 -22.44 17.57
C VAL A 225 22.94 -23.26 16.70
N ILE A 226 23.91 -22.63 16.03
CA ILE A 226 24.97 -23.32 15.30
C ILE A 226 26.29 -22.79 15.83
N PRO A 227 26.78 -23.30 16.94
CA PRO A 227 27.96 -22.70 17.58
C PRO A 227 29.18 -22.50 16.68
N SER A 228 29.42 -23.38 15.70
CA SER A 228 30.60 -23.17 14.86
C SER A 228 30.46 -21.94 13.96
N LEU A 229 29.26 -21.39 13.83
CA LEU A 229 29.07 -20.16 13.07
C LEU A 229 29.14 -18.92 13.94
N ASN A 230 29.47 -19.06 15.22
CA ASN A 230 29.58 -17.87 16.07
C ASN A 230 30.63 -16.92 15.50
N GLY A 231 30.23 -15.66 15.32
CA GLY A 231 31.15 -14.64 14.83
C GLY A 231 31.41 -14.64 13.33
N LYS A 232 30.75 -15.52 12.57
CA LYS A 232 30.96 -15.61 11.13
CA LYS A 232 30.97 -15.60 11.13
C LYS A 232 29.84 -15.00 10.30
N LEU A 233 28.78 -14.48 10.93
CA LEU A 233 27.68 -13.84 10.21
C LEU A 233 27.25 -12.57 10.94
N THR A 234 26.87 -11.55 10.19
CA THR A 234 26.06 -10.46 10.74
C THR A 234 25.14 -9.99 9.63
N GLY A 235 24.31 -9.00 9.91
CA GLY A 235 23.35 -8.61 8.90
C GLY A 235 22.48 -7.44 9.33
N MET A 236 21.50 -7.15 8.48
CA MET A 236 20.60 -6.04 8.75
CA MET A 236 20.63 -5.99 8.66
C MET A 236 19.28 -6.31 8.03
N ALA A 237 18.33 -5.39 8.19
CA ALA A 237 16.99 -5.56 7.64
C ALA A 237 16.57 -4.29 6.91
N PHE A 238 15.66 -4.48 5.95
CA PHE A 238 14.85 -3.40 5.37
C PHE A 238 13.39 -3.77 5.57
N ARG A 239 12.67 -2.93 6.32
CA ARG A 239 11.24 -3.12 6.48
CA ARG A 239 11.24 -3.11 6.49
C ARG A 239 10.53 -2.44 5.32
N VAL A 240 9.61 -3.16 4.68
CA VAL A 240 8.94 -2.62 3.50
C VAL A 240 7.43 -2.75 3.68
N PRO A 241 6.65 -1.99 2.92
CA PRO A 241 5.17 -2.01 3.11
C PRO A 241 4.46 -3.22 2.50
N THR A 242 4.57 -4.37 3.17
CA THR A 242 3.72 -5.52 2.86
C THR A 242 3.18 -6.08 4.16
N ALA A 243 2.02 -6.74 4.06
CA ALA A 243 1.30 -7.14 5.27
C ALA A 243 1.97 -8.31 5.99
N ASP A 244 2.57 -9.22 5.25
CA ASP A 244 3.12 -10.44 5.83
C ASP A 244 3.93 -11.11 4.73
N VAL A 245 4.90 -11.94 5.15
CA VAL A 245 5.86 -12.70 4.37
C VAL A 245 7.11 -11.85 4.14
N SER A 246 8.27 -12.41 4.47
CA SER A 246 9.56 -11.73 4.40
C SER A 246 10.53 -12.61 3.64
N VAL A 247 11.72 -12.09 3.34
CA VAL A 247 12.68 -12.87 2.57
C VAL A 247 14.09 -12.58 3.09
N VAL A 248 14.85 -13.66 3.33
CA VAL A 248 16.25 -13.60 3.70
C VAL A 248 17.09 -13.63 2.43
N ASP A 249 18.09 -12.75 2.40
CA ASP A 249 18.99 -12.58 1.27
C ASP A 249 20.39 -12.74 1.87
N LEU A 250 20.98 -13.95 1.76
CA LEU A 250 22.20 -14.32 2.46
C LEU A 250 23.37 -14.42 1.47
N THR A 251 24.36 -13.55 1.63
CA THR A 251 25.55 -13.57 0.78
C THR A 251 26.69 -14.24 1.56
N CYS A 252 27.14 -15.39 1.03
CA CYS A 252 28.03 -16.32 1.70
C CYS A 252 29.28 -16.59 0.89
N ARG A 253 30.44 -16.62 1.57
CA ARG A 253 31.64 -17.24 1.04
C ARG A 253 31.72 -18.68 1.50
N LEU A 254 31.97 -19.60 0.57
CA LEU A 254 32.00 -21.03 0.85
C LEU A 254 33.42 -21.58 0.82
N GLU A 255 33.64 -22.63 1.61
CA GLU A 255 34.97 -23.24 1.74
C GLU A 255 35.25 -24.19 0.59
N LYS A 256 34.38 -25.15 0.38
CA LYS A 256 34.37 -26.10 -0.73
C LYS A 256 33.72 -25.46 -1.96
N PRO A 257 34.28 -25.67 -3.15
CA PRO A 257 33.61 -25.17 -4.37
C PRO A 257 32.24 -25.80 -4.56
N ALA A 258 31.25 -24.95 -4.83
CA ALA A 258 29.88 -25.40 -5.03
C ALA A 258 29.32 -24.69 -6.25
N THR A 259 28.90 -25.47 -7.23
CA THR A 259 28.13 -24.90 -8.33
C THR A 259 26.72 -24.58 -7.84
N LYS A 260 26.06 -23.67 -8.57
CA LYS A 260 24.66 -23.35 -8.27
CA LYS A 260 24.67 -23.34 -8.28
C LYS A 260 23.81 -24.60 -8.28
N LYS A 261 24.07 -25.53 -9.21
CA LYS A 261 23.26 -26.74 -9.28
C LYS A 261 23.48 -27.63 -8.07
N GLN A 262 24.71 -27.68 -7.56
CA GLN A 262 24.95 -28.43 -6.34
C GLN A 262 24.28 -27.79 -5.14
N ILE A 263 24.20 -26.45 -5.11
CA ILE A 263 23.52 -25.79 -4.02
C ILE A 263 22.03 -26.12 -4.07
N ASP A 264 21.44 -26.10 -5.28
CA ASP A 264 20.04 -26.47 -5.44
C ASP A 264 19.79 -27.89 -4.96
N GLU A 265 20.66 -28.84 -5.35
CA GLU A 265 20.51 -30.24 -4.93
C GLU A 265 20.58 -30.37 -3.41
N ALA A 266 21.50 -29.64 -2.78
CA ALA A 266 21.65 -29.74 -1.33
C ALA A 266 20.40 -29.23 -0.61
N MET A 267 19.82 -28.13 -1.10
CA MET A 267 18.59 -27.63 -0.51
C MET A 267 17.43 -28.59 -0.77
N LYS A 268 17.35 -29.13 -1.98
CA LYS A 268 16.29 -30.09 -2.30
C LYS A 268 16.37 -31.32 -1.42
N LYS A 269 17.57 -31.89 -1.28
CA LYS A 269 17.72 -33.07 -0.44
C LYS A 269 17.38 -32.78 1.01
N ALA A 270 17.75 -31.60 1.50
CA ALA A 270 17.42 -31.23 2.87
C ALA A 270 15.91 -31.12 3.05
N SER A 271 15.21 -30.57 2.06
CA SER A 271 13.77 -30.40 2.16
C SER A 271 13.03 -31.72 2.24
N GLU A 272 13.64 -32.80 1.74
CA GLU A 272 13.05 -34.14 1.79
C GLU A 272 13.46 -34.93 3.02
N SER A 273 14.37 -34.41 3.83
CA SER A 273 14.89 -35.18 4.96
C SER A 273 13.91 -35.12 6.13
N GLU A 274 13.98 -36.14 6.99
CA GLU A 274 13.15 -36.14 8.19
C GLU A 274 13.47 -34.96 9.09
N ARG A 275 14.75 -34.56 9.13
CA ARG A 275 15.18 -33.45 9.97
C ARG A 275 14.50 -32.15 9.60
N PHE A 276 14.35 -31.86 8.31
CA PHE A 276 13.88 -30.57 7.84
C PHE A 276 12.49 -30.62 7.21
N LYS A 277 11.86 -31.79 7.15
CA LYS A 277 10.56 -31.95 6.51
C LYS A 277 9.54 -30.98 7.11
N GLY A 278 8.92 -30.17 6.24
CA GLY A 278 8.01 -29.14 6.66
C GLY A 278 8.66 -27.91 7.25
N ILE A 279 9.98 -27.93 7.49
CA ILE A 279 10.68 -26.79 8.06
C ILE A 279 11.37 -26.02 6.96
N LEU A 280 12.24 -26.71 6.21
CA LEU A 280 12.88 -26.15 5.04
C LEU A 280 12.17 -26.71 3.82
N LYS A 281 11.65 -25.82 2.97
CA LYS A 281 11.03 -26.24 1.73
C LYS A 281 11.86 -25.74 0.55
N TYR A 282 11.55 -26.26 -0.63
CA TYR A 282 12.31 -25.98 -1.85
C TYR A 282 11.35 -25.58 -2.96
N THR A 283 11.70 -24.55 -3.74
CA THR A 283 10.91 -24.24 -4.94
C THR A 283 11.82 -23.87 -6.11
N GLU A 284 11.33 -24.21 -7.32
CA GLU A 284 11.91 -23.74 -8.57
C GLU A 284 10.91 -22.90 -9.36
N GLU A 285 9.85 -22.44 -8.72
CA GLU A 285 8.79 -21.73 -9.43
C GLU A 285 8.97 -20.22 -9.34
N GLU A 286 8.27 -19.51 -10.23
CA GLU A 286 8.36 -18.05 -10.30
C GLU A 286 7.47 -17.40 -9.23
N VAL A 287 7.87 -17.59 -7.97
CA VAL A 287 7.01 -17.21 -6.84
C VAL A 287 7.22 -15.74 -6.49
N VAL A 288 6.22 -15.17 -5.81
CA VAL A 288 6.34 -13.87 -5.16
C VAL A 288 5.81 -14.00 -3.72
N SER A 289 5.97 -12.93 -2.94
CA SER A 289 5.78 -13.08 -1.49
C SER A 289 4.37 -13.58 -1.13
N SER A 290 3.33 -13.14 -1.85
CA SER A 290 1.97 -13.55 -1.46
CA SER A 290 1.99 -13.55 -1.42
C SER A 290 1.76 -15.06 -1.59
N ASP A 291 2.62 -15.73 -2.35
CA ASP A 291 2.46 -17.17 -2.54
C ASP A 291 2.86 -17.94 -1.30
N PHE A 292 3.46 -17.29 -0.31
CA PHE A 292 3.82 -17.92 0.95
C PHE A 292 2.91 -17.54 2.11
N ILE A 293 1.85 -16.78 1.86
CA ILE A 293 0.90 -16.49 2.94
C ILE A 293 0.24 -17.78 3.38
N HIS A 294 0.31 -18.03 4.69
CA HIS A 294 -0.22 -19.21 5.37
C HIS A 294 0.57 -20.47 5.04
N ASP A 295 1.83 -20.31 4.64
CA ASP A 295 2.73 -21.44 4.45
C ASP A 295 3.52 -21.61 5.74
N SER A 296 3.45 -22.80 6.33
CA SER A 296 4.00 -22.99 7.67
C SER A 296 5.50 -23.32 7.67
N ALA A 297 6.17 -23.28 6.52
CA ALA A 297 7.62 -23.50 6.55
C ALA A 297 8.33 -22.42 7.37
N SER A 298 9.47 -22.79 7.97
CA SER A 298 10.40 -21.79 8.50
C SER A 298 11.14 -21.06 7.39
N SER A 299 11.32 -21.72 6.24
CA SER A 299 12.22 -21.24 5.20
C SER A 299 11.89 -21.97 3.91
N THR A 300 11.70 -21.24 2.81
CA THR A 300 11.60 -21.89 1.49
C THR A 300 12.71 -21.36 0.61
N TYR A 301 13.60 -22.27 0.18
CA TYR A 301 14.69 -21.89 -0.71
C TYR A 301 14.16 -21.60 -2.11
N ASP A 302 14.54 -20.45 -2.66
CA ASP A 302 14.08 -19.99 -3.97
C ASP A 302 15.23 -20.22 -4.95
N SER A 303 15.14 -21.29 -5.74
CA SER A 303 16.25 -21.67 -6.62
CA SER A 303 16.27 -21.64 -6.58
C SER A 303 16.46 -20.64 -7.71
N LYS A 304 15.37 -20.16 -8.33
CA LYS A 304 15.52 -19.29 -9.49
C LYS A 304 16.00 -17.90 -9.11
N ALA A 305 15.69 -17.47 -7.88
CA ALA A 305 16.09 -16.14 -7.44
C ALA A 305 17.51 -16.14 -6.89
N SER A 306 18.00 -17.26 -6.38
CA SER A 306 19.34 -17.29 -5.83
C SER A 306 20.34 -17.23 -6.97
N ILE A 307 21.54 -16.70 -6.69
CA ILE A 307 22.53 -16.48 -7.73
C ILE A 307 23.91 -16.72 -7.16
N SER A 308 24.80 -17.22 -8.01
CA SER A 308 26.18 -17.48 -7.65
CA SER A 308 26.19 -17.48 -7.65
C SER A 308 27.08 -16.64 -8.54
N LEU A 309 28.01 -15.89 -7.93
CA LEU A 309 29.00 -15.18 -8.74
C LEU A 309 30.07 -16.15 -9.23
N ASN A 310 30.55 -17.01 -8.34
CA ASN A 310 31.52 -18.05 -8.66
C ASN A 310 31.27 -19.23 -7.72
N ASP A 311 32.19 -20.21 -7.76
CA ASP A 311 31.99 -21.43 -6.98
C ASP A 311 32.16 -21.21 -5.48
N HIS A 312 32.60 -20.03 -5.04
CA HIS A 312 32.88 -19.79 -3.64
C HIS A 312 32.12 -18.60 -3.07
N PHE A 313 31.24 -17.97 -3.85
CA PHE A 313 30.62 -16.71 -3.45
C PHE A 313 29.20 -16.69 -4.00
N VAL A 314 28.20 -16.79 -3.11
CA VAL A 314 26.83 -17.06 -3.50
C VAL A 314 25.88 -16.17 -2.72
N LYS A 315 24.72 -15.91 -3.33
CA LYS A 315 23.61 -15.20 -2.70
C LYS A 315 22.41 -16.12 -2.69
N VAL A 316 21.97 -16.54 -1.50
CA VAL A 316 20.86 -17.46 -1.35
C VAL A 316 19.61 -16.71 -0.87
N VAL A 317 18.47 -16.98 -1.51
CA VAL A 317 17.20 -16.29 -1.23
C VAL A 317 16.23 -17.30 -0.62
N ALA A 318 15.67 -16.98 0.54
CA ALA A 318 14.76 -17.89 1.24
C ALA A 318 13.59 -17.10 1.80
N TRP A 319 12.36 -17.58 1.53
CA TRP A 319 11.12 -16.93 1.93
C TRP A 319 10.63 -17.41 3.28
N TYR A 320 9.93 -16.55 4.00
CA TYR A 320 9.28 -17.02 5.23
C TYR A 320 8.03 -16.21 5.56
N ASP A 321 6.92 -16.90 5.79
CA ASP A 321 5.76 -16.27 6.42
C ASP A 321 6.13 -16.01 7.87
N ASN A 322 6.53 -14.78 8.16
CA ASN A 322 7.04 -14.45 9.49
C ASN A 322 6.00 -14.66 10.58
N GLU A 323 4.71 -14.63 10.23
CA GLU A 323 3.66 -14.89 11.21
C GLU A 323 3.38 -16.39 11.37
N TRP A 324 3.14 -17.10 10.26
CA TRP A 324 2.58 -18.45 10.33
C TRP A 324 3.64 -19.50 10.57
N GLY A 325 4.80 -19.36 9.93
CA GLY A 325 5.87 -20.31 10.17
C GLY A 325 6.30 -20.34 11.63
N TYR A 326 6.62 -19.17 12.17
CA TYR A 326 7.08 -19.08 13.55
C TYR A 326 6.03 -19.58 14.53
N SER A 327 4.76 -19.27 14.28
CA SER A 327 3.69 -19.75 15.16
C SER A 327 3.65 -21.26 15.22
N ASN A 328 3.86 -21.92 14.07
CA ASN A 328 3.85 -23.37 14.06
C ASN A 328 5.12 -23.94 14.66
N ARG A 329 6.25 -23.24 14.53
CA ARG A 329 7.48 -23.69 15.17
C ARG A 329 7.38 -23.65 16.69
N VAL A 330 6.69 -22.63 17.24
CA VAL A 330 6.51 -22.57 18.69
C VAL A 330 5.84 -23.85 19.19
N LEU A 331 4.76 -24.26 18.52
CA LEU A 331 4.07 -25.50 18.88
C LEU A 331 4.96 -26.72 18.66
N ASP A 332 5.70 -26.76 17.56
CA ASP A 332 6.65 -27.86 17.32
C ASP A 332 7.66 -27.97 18.46
N LEU A 333 8.17 -26.82 18.92
CA LEU A 333 9.19 -26.85 19.97
C LEU A 333 8.60 -27.33 21.29
N ILE A 334 7.37 -26.91 21.60
CA ILE A 334 6.66 -27.45 22.76
C ILE A 334 6.63 -28.97 22.69
N ILE A 335 6.18 -29.51 21.56
CA ILE A 335 6.02 -30.96 21.42
C ILE A 335 7.36 -31.65 21.48
N SER A 336 8.35 -31.14 20.73
CA SER A 336 9.67 -31.78 20.68
C SER A 336 10.28 -31.87 22.07
N THR A 337 10.25 -30.77 22.83
CA THR A 337 10.86 -30.79 24.15
C THR A 337 10.00 -31.52 25.18
N SER A 338 8.68 -31.60 24.97
CA SER A 338 7.84 -32.36 25.90
C SER A 338 8.23 -33.84 25.95
N LYS A 339 8.81 -34.36 24.87
CA LYS A 339 9.23 -35.76 24.82
CA LYS A 339 9.21 -35.77 24.85
C LYS A 339 10.46 -36.03 25.66
N VAL A 340 11.18 -34.99 26.08
CA VAL A 340 12.44 -35.11 26.81
C VAL A 340 12.18 -34.81 28.28
N GLN A 341 12.30 -35.83 29.13
CA GLN A 341 12.00 -35.69 30.55
C GLN A 341 13.17 -36.15 31.41
N MET B 9 23.25 27.23 -25.32
CA MET B 9 22.27 26.24 -24.89
C MET B 9 22.18 25.06 -25.84
N VAL B 10 22.12 23.85 -25.29
CA VAL B 10 21.91 22.64 -26.08
C VAL B 10 20.41 22.43 -26.23
N LYS B 11 19.95 22.32 -27.48
CA LYS B 11 18.53 22.12 -27.75
C LYS B 11 18.19 20.63 -27.73
N VAL B 12 17.19 20.25 -26.94
CA VAL B 12 16.89 18.86 -26.67
C VAL B 12 15.46 18.53 -27.10
N GLY B 13 15.27 17.38 -27.72
CA GLY B 13 13.95 16.80 -27.96
C GLY B 13 13.76 15.58 -27.08
N ILE B 14 12.53 15.40 -26.58
CA ILE B 14 12.19 14.28 -25.70
C ILE B 14 11.24 13.36 -26.45
N ASN B 15 11.62 12.10 -26.58
CA ASN B 15 10.78 11.07 -27.20
C ASN B 15 10.27 10.15 -26.10
N GLY B 16 8.97 10.22 -25.83
CA GLY B 16 8.37 9.49 -24.72
C GLY B 16 8.32 10.34 -23.48
N PHE B 17 7.14 10.91 -23.20
CA PHE B 17 6.95 11.92 -22.16
C PHE B 17 6.36 11.26 -20.91
N GLY B 18 7.07 10.27 -20.41
CA GLY B 18 6.62 9.45 -19.28
C GLY B 18 7.23 9.91 -17.97
N ARG B 19 7.43 8.97 -17.05
CA ARG B 19 8.05 9.35 -15.78
C ARG B 19 9.41 10.00 -16.03
N ILE B 20 10.27 9.36 -16.82
CA ILE B 20 11.58 9.95 -17.06
C ILE B 20 11.46 11.16 -17.96
N GLY B 21 10.66 11.06 -19.02
CA GLY B 21 10.54 12.19 -19.94
C GLY B 21 10.07 13.46 -19.25
N ARG B 22 9.04 13.34 -18.41
CA ARG B 22 8.49 14.53 -17.75
C ARG B 22 9.41 15.08 -16.67
N LEU B 23 10.22 14.23 -16.04
CA LEU B 23 11.10 14.73 -15.01
C LEU B 23 12.39 15.28 -15.58
N VAL B 24 12.89 14.70 -16.68
CA VAL B 24 13.92 15.34 -17.47
C VAL B 24 13.49 16.75 -17.86
N PHE B 25 12.21 16.90 -18.22
CA PHE B 25 11.71 18.20 -18.64
C PHE B 25 11.68 19.18 -17.47
N ARG B 26 11.11 18.79 -16.33
CA ARG B 26 11.13 19.67 -15.17
C ARG B 26 12.54 20.06 -14.79
N ALA B 27 13.45 19.07 -14.78
CA ALA B 27 14.84 19.35 -14.44
C ALA B 27 15.47 20.36 -15.40
N SER B 28 15.10 20.30 -16.68
CA SER B 28 15.71 21.21 -17.65
C SER B 28 15.31 22.65 -17.40
N LEU B 29 14.15 22.88 -16.78
CA LEU B 29 13.73 24.24 -16.49
C LEU B 29 14.64 24.91 -15.48
N GLU B 30 15.38 24.13 -14.70
CA GLU B 30 16.30 24.64 -13.69
C GLU B 30 17.71 24.87 -14.22
N ARG B 31 17.99 24.54 -15.49
CA ARG B 31 19.31 24.69 -16.09
C ARG B 31 19.33 25.84 -17.07
N THR B 32 20.47 26.52 -17.15
CA THR B 32 20.63 27.61 -18.10
C THR B 32 21.37 27.19 -19.37
N ASP B 33 21.89 25.96 -19.42
CA ASP B 33 22.70 25.52 -20.54
C ASP B 33 22.01 24.51 -21.44
N VAL B 34 20.77 24.13 -21.13
CA VAL B 34 20.02 23.16 -21.90
C VAL B 34 18.56 23.58 -21.94
N GLU B 35 17.89 23.26 -23.04
CA GLU B 35 16.53 23.74 -23.30
C GLU B 35 15.79 22.70 -24.12
N VAL B 36 14.66 22.21 -23.60
CA VAL B 36 13.82 21.28 -24.36
C VAL B 36 12.93 22.07 -25.30
N VAL B 37 13.05 21.80 -26.61
CA VAL B 37 12.32 22.56 -27.62
C VAL B 37 11.24 21.73 -28.33
N ALA B 38 11.23 20.41 -28.15
CA ALA B 38 10.22 19.59 -28.82
C ALA B 38 10.00 18.32 -28.03
N ILE B 39 8.73 17.88 -27.96
CA ILE B 39 8.34 16.68 -27.21
C ILE B 39 7.46 15.81 -28.10
N ASN B 40 7.72 14.50 -28.11
CA ASN B 40 6.85 13.56 -28.82
C ASN B 40 6.29 12.54 -27.83
N ASP B 41 4.99 12.25 -27.94
CA ASP B 41 4.37 11.16 -27.19
C ASP B 41 3.06 10.80 -27.87
N ILE B 42 2.86 9.52 -28.19
CA ILE B 42 1.68 9.13 -28.95
C ILE B 42 0.43 8.92 -28.12
N MET B 43 0.52 9.01 -26.79
CA MET B 43 -0.65 8.81 -25.95
C MET B 43 -1.19 10.12 -25.38
N MET B 44 -0.75 11.26 -25.92
CA MET B 44 -1.09 12.57 -25.39
C MET B 44 -1.46 13.53 -26.51
N THR B 45 -2.21 14.57 -26.15
CA THR B 45 -2.36 15.79 -26.93
C THR B 45 -1.84 16.95 -26.08
N PRO B 46 -1.53 18.10 -26.69
CA PRO B 46 -0.96 19.21 -25.90
C PRO B 46 -1.76 19.60 -24.66
N ASP B 47 -3.09 19.65 -24.74
CA ASP B 47 -3.87 20.04 -23.55
C ASP B 47 -3.72 19.01 -22.44
N TYR B 48 -3.72 17.73 -22.79
CA TYR B 48 -3.48 16.69 -21.80
C TYR B 48 -2.05 16.76 -21.28
N MET B 49 -1.10 17.05 -22.17
CA MET B 49 0.30 17.12 -21.78
C MET B 49 0.52 18.13 -20.66
N ILE B 50 -0.13 19.30 -20.71
CA ILE B 50 0.18 20.25 -19.65
C ILE B 50 -0.46 19.83 -18.34
N TYR B 51 -1.56 19.05 -18.39
CA TYR B 51 -2.09 18.47 -17.15
C TYR B 51 -1.07 17.54 -16.50
N MET B 52 -0.40 16.71 -17.31
CA MET B 52 0.54 15.73 -16.79
C MET B 52 1.79 16.41 -16.25
N ILE B 53 2.17 17.56 -16.82
CA ILE B 53 3.23 18.37 -16.25
C ILE B 53 2.79 18.98 -14.91
N LYS B 54 1.56 19.49 -14.85
CA LYS B 54 1.13 20.27 -13.71
C LYS B 54 1.09 19.44 -12.43
N TYR B 55 0.53 18.23 -12.52
CA TYR B 55 0.23 17.40 -11.36
C TYR B 55 1.07 16.14 -11.40
N ASP B 56 1.72 15.81 -10.29
CA ASP B 56 2.61 14.66 -10.20
C ASP B 56 2.45 14.02 -8.84
N SER B 57 2.06 12.74 -8.84
CA SER B 57 1.80 12.05 -7.59
C SER B 57 3.04 11.91 -6.71
N VAL B 58 4.25 11.97 -7.28
CA VAL B 58 5.48 11.80 -6.50
C VAL B 58 6.15 13.13 -6.18
N HIS B 59 6.25 14.03 -7.18
CA HIS B 59 7.12 15.20 -7.09
C HIS B 59 6.33 16.49 -6.94
N GLY B 60 5.02 16.41 -6.72
CA GLY B 60 4.25 17.60 -6.41
C GLY B 60 3.88 18.43 -7.63
N LYS B 61 3.20 19.53 -7.34
CA LYS B 61 2.64 20.40 -8.37
C LYS B 61 3.73 21.29 -8.98
N PHE B 62 3.63 21.50 -10.29
CA PHE B 62 4.39 22.53 -10.99
C PHE B 62 3.54 23.78 -11.07
N ASN B 63 4.10 24.92 -10.66
CA ASN B 63 3.29 26.12 -10.53
C ASN B 63 3.58 27.19 -11.58
N GLY B 64 4.46 26.93 -12.54
CA GLY B 64 4.67 27.87 -13.62
C GLY B 64 3.46 27.97 -14.53
N LYS B 65 3.55 28.90 -15.48
CA LYS B 65 2.47 29.14 -16.43
C LYS B 65 2.47 28.07 -17.51
N LEU B 66 1.28 27.51 -17.78
CA LEU B 66 1.14 26.41 -18.74
C LEU B 66 0.01 26.73 -19.71
N GLU B 67 0.34 26.69 -21.01
CA GLU B 67 -0.63 26.94 -22.07
C GLU B 67 -0.43 25.88 -23.14
N TYR B 68 -1.39 25.77 -24.05
CA TYR B 68 -1.29 24.81 -25.13
C TYR B 68 -1.90 25.38 -26.40
N THR B 69 -1.49 24.80 -27.54
CA THR B 69 -2.18 24.94 -28.81
C THR B 69 -2.45 23.53 -29.30
N GLU B 70 -2.78 23.35 -30.58
CA GLU B 70 -2.98 21.99 -31.07
C GLU B 70 -1.68 21.29 -31.43
N ASN B 71 -0.57 22.04 -31.54
CA ASN B 71 0.69 21.36 -31.84
C ASN B 71 1.85 21.85 -31.00
N SER B 72 1.58 22.42 -29.82
CA SER B 72 2.66 22.97 -29.02
C SER B 72 2.18 23.21 -27.59
N ILE B 73 3.14 23.32 -26.68
CA ILE B 73 2.82 23.80 -25.35
C ILE B 73 3.65 25.06 -25.12
N LYS B 74 3.23 25.86 -24.14
CA LYS B 74 3.98 27.02 -23.69
C LYS B 74 4.19 26.93 -22.19
N VAL B 75 5.46 26.98 -21.78
CA VAL B 75 5.83 26.88 -20.38
C VAL B 75 6.52 28.19 -20.01
N ASN B 76 5.90 28.94 -19.10
CA ASN B 76 6.33 30.30 -18.76
C ASN B 76 6.59 31.12 -20.01
N GLY B 77 5.66 31.03 -20.96
CA GLY B 77 5.72 31.86 -22.15
C GLY B 77 6.58 31.34 -23.29
N ARG B 78 7.33 30.26 -23.08
CA ARG B 78 8.22 29.72 -24.09
C ARG B 78 7.54 28.56 -24.81
N GLU B 79 7.43 28.65 -26.13
CA GLU B 79 6.71 27.63 -26.88
C GLU B 79 7.59 26.43 -27.19
N ILE B 80 7.02 25.24 -27.01
CA ILE B 80 7.71 23.96 -27.21
C ILE B 80 6.84 23.15 -28.16
N HIS B 81 7.42 22.69 -29.27
CA HIS B 81 6.63 21.96 -30.25
C HIS B 81 6.28 20.55 -29.74
N VAL B 82 5.12 20.06 -30.13
CA VAL B 82 4.63 18.77 -29.69
C VAL B 82 4.34 17.89 -30.91
N PHE B 83 5.02 16.74 -30.96
CA PHE B 83 4.77 15.73 -31.99
C PHE B 83 3.85 14.65 -31.42
N CYS B 84 3.27 13.87 -32.34
CA CYS B 84 2.47 12.72 -31.95
C CYS B 84 2.71 11.64 -33.01
N GLU B 85 3.92 11.08 -33.02
CA GLU B 85 4.38 10.27 -34.14
C GLU B 85 4.97 8.96 -33.61
N ARG B 86 4.39 7.86 -34.06
CA ARG B 86 4.70 6.53 -33.54
C ARG B 86 6.04 6.02 -34.05
N GLU B 87 6.50 6.51 -35.22
CA GLU B 87 7.74 6.05 -35.83
C GLU B 87 8.83 7.09 -35.68
N PRO B 88 9.95 6.77 -35.02
CA PRO B 88 11.05 7.76 -34.89
C PRO B 88 11.56 8.25 -36.22
N GLU B 89 11.59 7.38 -37.24
CA GLU B 89 12.11 7.77 -38.54
C GLU B 89 11.35 8.94 -39.15
N LYS B 90 10.12 9.19 -38.69
CA LYS B 90 9.27 10.25 -39.24
C LYS B 90 9.29 11.55 -38.44
N LEU B 91 10.09 11.66 -37.38
CA LEU B 91 10.07 12.86 -36.54
C LEU B 91 11.01 13.92 -37.11
N PRO B 92 10.52 15.09 -37.52
CA PRO B 92 11.40 16.11 -38.11
C PRO B 92 12.12 16.93 -37.04
N TRP B 93 12.96 16.24 -36.25
CA TRP B 93 13.68 16.89 -35.16
C TRP B 93 14.51 18.06 -35.68
N GLY B 94 15.16 17.87 -36.83
CA GLY B 94 16.03 18.92 -37.36
C GLY B 94 15.31 20.21 -37.64
N GLN B 95 14.03 20.13 -38.02
CA GLN B 95 13.24 21.32 -38.29
C GLN B 95 13.16 22.26 -37.10
N TYR B 96 13.30 21.74 -35.88
CA TYR B 96 13.20 22.55 -34.66
C TYR B 96 14.53 22.73 -33.97
N GLY B 97 15.64 22.47 -34.67
CA GLY B 97 16.96 22.72 -34.14
C GLY B 97 17.38 21.78 -33.03
N VAL B 98 16.78 20.59 -32.94
CA VAL B 98 17.09 19.66 -31.87
C VAL B 98 18.48 19.08 -32.11
N GLU B 99 19.36 19.21 -31.12
CA GLU B 99 20.68 18.62 -31.20
C GLU B 99 20.68 17.20 -30.64
N TYR B 100 20.14 17.04 -29.43
CA TYR B 100 20.08 15.75 -28.74
C TYR B 100 18.63 15.35 -28.59
N VAL B 101 18.33 14.08 -28.88
CA VAL B 101 17.05 13.48 -28.51
C VAL B 101 17.27 12.61 -27.29
N VAL B 102 16.42 12.79 -26.27
CA VAL B 102 16.31 11.86 -25.15
C VAL B 102 15.31 10.77 -25.56
N GLU B 103 15.77 9.53 -25.64
CA GLU B 103 14.91 8.42 -26.05
C GLU B 103 14.44 7.68 -24.81
N SER B 104 13.23 8.04 -24.36
CA SER B 104 12.70 7.60 -23.08
C SER B 104 11.31 6.98 -23.22
N THR B 105 11.01 6.35 -24.36
CA THR B 105 9.75 5.63 -24.53
C THR B 105 9.76 4.27 -23.87
N GLY B 106 10.95 3.71 -23.68
CA GLY B 106 11.07 2.34 -23.21
C GLY B 106 10.92 1.30 -24.28
N VAL B 107 10.60 1.67 -25.52
CA VAL B 107 10.41 0.69 -26.58
C VAL B 107 11.44 0.80 -27.69
N PHE B 108 12.36 1.77 -27.64
CA PHE B 108 13.42 1.85 -28.63
C PHE B 108 14.78 1.79 -27.95
N THR B 109 15.01 0.76 -27.14
CA THR B 109 16.28 0.62 -26.43
C THR B 109 17.30 -0.20 -27.22
N LYS B 110 17.32 -0.03 -28.54
CA LYS B 110 18.27 -0.72 -29.41
C LYS B 110 18.92 0.30 -30.33
N LEU B 111 20.20 0.09 -30.63
CA LEU B 111 20.89 1.00 -31.54
C LEU B 111 20.17 1.08 -32.88
N ASP B 112 19.70 -0.06 -33.37
CA ASP B 112 18.92 -0.16 -34.60
C ASP B 112 17.80 0.87 -34.68
N THR B 113 16.93 0.90 -33.67
CA THR B 113 15.74 1.74 -33.75
C THR B 113 15.97 3.14 -33.19
N ALA B 114 16.77 3.27 -32.12
CA ALA B 114 17.05 4.60 -31.59
C ALA B 114 17.82 5.47 -32.57
N SER B 115 18.55 4.88 -33.53
CA SER B 115 19.29 5.67 -34.50
CA SER B 115 19.30 5.64 -34.52
C SER B 115 18.39 6.30 -35.56
N LYS B 116 17.14 5.86 -35.67
CA LYS B 116 16.23 6.46 -36.64
C LYS B 116 15.95 7.92 -36.32
N HIS B 117 16.18 8.37 -35.08
CA HIS B 117 16.03 9.78 -34.76
C HIS B 117 16.99 10.66 -35.56
N LEU B 118 18.12 10.10 -35.99
CA LEU B 118 19.07 10.87 -36.79
C LEU B 118 18.54 11.11 -38.21
N LYS B 119 17.68 10.23 -38.71
CA LYS B 119 17.15 10.38 -40.06
C LYS B 119 16.40 11.70 -40.23
N GLY B 120 15.73 12.16 -39.18
CA GLY B 120 15.03 13.43 -39.19
C GLY B 120 15.87 14.64 -38.81
N GLY B 121 17.17 14.48 -38.57
CA GLY B 121 18.04 15.62 -38.36
C GLY B 121 18.48 15.88 -36.92
N ALA B 122 18.07 15.06 -35.96
CA ALA B 122 18.76 15.08 -34.68
C ALA B 122 20.22 14.73 -34.91
N LYS B 123 21.10 15.26 -34.06
CA LYS B 123 22.52 15.00 -34.21
C LYS B 123 23.04 13.89 -33.29
N ARG B 124 22.47 13.74 -32.09
CA ARG B 124 22.87 12.71 -31.15
C ARG B 124 21.64 12.23 -30.40
N VAL B 125 21.71 10.98 -29.90
CA VAL B 125 20.64 10.36 -29.14
C VAL B 125 21.21 9.83 -27.82
N VAL B 126 20.52 10.10 -26.71
CA VAL B 126 20.81 9.48 -25.42
C VAL B 126 19.61 8.60 -25.09
N ILE B 127 19.82 7.28 -25.06
CA ILE B 127 18.79 6.34 -24.64
C ILE B 127 18.78 6.30 -23.12
N SER B 128 17.59 6.42 -22.52
CA SER B 128 17.43 6.50 -21.07
C SER B 128 17.33 5.13 -20.42
N ALA B 129 18.12 4.18 -20.88
CA ALA B 129 18.07 2.80 -20.42
C ALA B 129 19.29 2.07 -20.96
N PRO B 130 19.69 0.96 -20.34
CA PRO B 130 20.72 0.11 -20.94
C PRO B 130 20.35 -0.28 -22.38
N ALA B 131 21.37 -0.41 -23.22
CA ALA B 131 21.17 -0.69 -24.64
C ALA B 131 22.48 -1.17 -25.24
N ASP B 132 22.41 -1.67 -26.49
CA ASP B 132 23.61 -2.16 -27.19
C ASP B 132 24.33 -0.99 -27.87
N THR B 133 24.66 0.01 -27.04
CA THR B 133 25.39 1.20 -27.46
C THR B 133 26.43 1.48 -26.37
N PRO B 134 27.40 2.38 -26.61
CA PRO B 134 28.26 2.84 -25.50
C PRO B 134 27.42 3.27 -24.31
N THR B 135 27.86 2.89 -23.12
CA THR B 135 27.13 3.14 -21.88
C THR B 135 27.91 4.08 -20.98
N PHE B 136 27.22 4.99 -20.29
CA PHE B 136 27.89 5.99 -19.49
C PHE B 136 27.22 6.19 -18.13
N VAL B 137 28.06 6.41 -17.11
CA VAL B 137 27.62 6.88 -15.81
C VAL B 137 28.39 8.16 -15.49
N MET B 138 27.66 9.25 -15.27
CA MET B 138 28.32 10.49 -14.88
C MET B 138 29.13 10.29 -13.60
N GLY B 139 30.32 10.87 -13.58
CA GLY B 139 31.24 10.69 -12.47
C GLY B 139 32.18 9.51 -12.62
N VAL B 140 31.84 8.53 -13.47
CA VAL B 140 32.61 7.29 -13.59
C VAL B 140 33.31 7.20 -14.95
N ASN B 141 32.57 7.32 -16.05
CA ASN B 141 33.25 7.19 -17.34
C ASN B 141 32.75 8.15 -18.43
N ASN B 142 32.09 9.25 -18.06
CA ASN B 142 31.55 10.13 -19.10
C ASN B 142 32.65 10.80 -19.93
N HIS B 143 33.88 10.82 -19.44
CA HIS B 143 34.97 11.40 -20.23
C HIS B 143 35.54 10.42 -21.25
N GLU B 144 35.00 9.21 -21.32
CA GLU B 144 35.36 8.26 -22.37
C GLU B 144 34.54 8.47 -23.64
N PHE B 145 33.57 9.38 -23.63
CA PHE B 145 32.78 9.68 -24.81
C PHE B 145 33.67 10.14 -25.97
N LYS B 146 33.38 9.62 -27.17
CA LYS B 146 34.04 10.01 -28.41
C LYS B 146 33.04 10.64 -29.37
N PRO B 147 33.45 11.64 -30.16
CA PRO B 147 32.48 12.41 -30.94
C PRO B 147 31.77 11.61 -32.00
N GLU B 148 32.33 10.48 -32.44
CA GLU B 148 31.63 9.66 -33.42
C GLU B 148 30.47 8.89 -32.82
N MET B 149 30.37 8.81 -31.49
CA MET B 149 29.30 8.08 -30.82
C MET B 149 28.01 8.90 -30.87
N THR B 150 27.29 8.76 -31.98
CA THR B 150 26.05 9.53 -32.14
C THR B 150 24.89 8.97 -31.34
N VAL B 151 24.96 7.72 -30.88
CA VAL B 151 23.90 7.12 -30.07
C VAL B 151 24.54 6.46 -28.87
N ILE B 152 24.16 6.89 -27.66
CA ILE B 152 24.71 6.38 -26.43
C ILE B 152 23.55 6.12 -25.46
N ASN B 153 23.88 5.52 -24.32
CA ASN B 153 22.88 5.34 -23.28
C ASN B 153 23.48 5.71 -21.93
N ASN B 154 22.59 6.03 -20.99
CA ASN B 154 22.91 6.51 -19.64
C ASN B 154 22.76 5.42 -18.60
N ALA B 155 22.78 4.16 -19.02
CA ALA B 155 22.66 2.95 -18.18
C ALA B 155 21.31 2.96 -17.47
N SER B 156 21.21 2.26 -16.35
CA SER B 156 19.99 2.20 -15.57
C SER B 156 20.11 3.07 -14.34
N CYS B 157 18.98 3.31 -13.67
CA CYS B 157 19.03 4.01 -12.40
C CYS B 157 19.90 3.26 -11.41
N THR B 158 19.79 1.93 -11.39
CA THR B 158 20.55 1.14 -10.43
C THR B 158 22.05 1.21 -10.69
N THR B 159 22.47 1.11 -11.96
CA THR B 159 23.88 1.26 -12.26
C THR B 159 24.42 2.61 -11.84
N ASN B 160 23.59 3.66 -11.96
CA ASN B 160 24.06 5.00 -11.59
C ASN B 160 24.27 5.12 -10.08
N CYS B 161 23.53 4.34 -9.30
CA CYS B 161 23.72 4.32 -7.85
C CYS B 161 24.92 3.46 -7.45
N LEU B 162 25.05 2.29 -8.09
CA LEU B 162 26.09 1.33 -7.69
C LEU B 162 27.48 1.71 -8.18
N ALA B 163 27.60 2.24 -9.41
CA ALA B 163 28.93 2.50 -9.96
C ALA B 163 29.73 3.49 -9.14
N PRO B 164 29.19 4.63 -8.67
CA PRO B 164 30.01 5.51 -7.83
C PRO B 164 30.47 4.82 -6.55
N ILE B 165 29.61 4.01 -5.95
CA ILE B 165 29.97 3.27 -4.73
C ILE B 165 31.10 2.29 -5.03
N ALA B 166 30.96 1.53 -6.12
CA ALA B 166 31.99 0.53 -6.44
C ALA B 166 33.31 1.21 -6.78
N ALA B 167 33.26 2.35 -7.46
CA ALA B 167 34.51 3.03 -7.80
C ALA B 167 35.26 3.46 -6.55
N VAL B 168 34.55 3.95 -5.53
CA VAL B 168 35.22 4.39 -4.31
C VAL B 168 35.83 3.22 -3.57
N LEU B 169 35.07 2.13 -3.40
CA LEU B 169 35.64 0.96 -2.74
C LEU B 169 36.80 0.39 -3.54
N HIS B 170 36.62 0.23 -4.86
CA HIS B 170 37.64 -0.41 -5.69
C HIS B 170 38.92 0.42 -5.75
N GLU B 171 38.80 1.73 -5.90
CA GLU B 171 39.99 2.58 -6.02
C GLU B 171 40.76 2.66 -4.70
N ASN B 172 40.05 2.68 -3.57
CA ASN B 172 40.71 2.82 -2.26
C ASN B 172 41.24 1.48 -1.74
N PHE B 173 40.43 0.43 -1.84
CA PHE B 173 40.72 -0.85 -1.18
C PHE B 173 40.77 -2.03 -2.14
N GLY B 174 40.18 -1.93 -3.33
CA GLY B 174 40.15 -3.03 -4.28
C GLY B 174 39.02 -4.00 -4.00
N ILE B 175 38.10 -4.16 -4.95
CA ILE B 175 37.00 -5.12 -4.84
C ILE B 175 37.45 -6.45 -5.44
N VAL B 176 37.58 -7.47 -4.59
CA VAL B 176 37.89 -8.81 -5.08
C VAL B 176 36.67 -9.41 -5.78
N GLU B 177 35.51 -9.37 -5.10
CA GLU B 177 34.27 -9.92 -5.62
C GLU B 177 33.13 -9.24 -4.87
N GLY B 178 31.95 -9.17 -5.51
CA GLY B 178 30.81 -8.53 -4.89
C GLY B 178 29.49 -9.03 -5.44
N LEU B 179 28.47 -9.03 -4.57
CA LEU B 179 27.11 -9.37 -4.94
C LEU B 179 26.21 -8.26 -4.44
N MET B 180 25.26 -7.84 -5.28
CA MET B 180 24.42 -6.67 -5.02
CA MET B 180 24.42 -6.70 -4.95
C MET B 180 22.96 -7.08 -5.01
N THR B 181 22.19 -6.46 -4.12
CA THR B 181 20.75 -6.48 -4.16
C THR B 181 20.29 -5.04 -4.23
N THR B 182 19.28 -4.75 -5.04
CA THR B 182 18.60 -3.47 -4.93
C THR B 182 17.15 -3.73 -4.53
N VAL B 183 16.71 -3.04 -3.47
CA VAL B 183 15.30 -3.01 -3.08
C VAL B 183 14.72 -1.78 -3.77
N HIS B 184 13.85 -2.02 -4.76
CA HIS B 184 13.51 -1.05 -5.81
C HIS B 184 12.04 -0.69 -5.76
N ALA B 185 11.76 0.61 -5.88
CA ALA B 185 10.38 1.10 -5.97
C ALA B 185 9.67 0.59 -7.23
N LEU B 186 8.34 0.69 -7.22
CA LEU B 186 7.54 0.26 -8.38
C LEU B 186 7.84 1.12 -9.59
N THR B 187 7.71 0.53 -10.79
CA THR B 187 7.79 1.30 -12.04
C THR B 187 6.65 0.90 -12.97
N ALA B 188 6.57 1.64 -14.09
CA ALA B 188 5.43 1.53 -15.00
C ALA B 188 5.27 0.15 -15.63
N THR B 189 6.36 -0.63 -15.72
CA THR B 189 6.26 -1.97 -16.29
C THR B 189 5.51 -2.96 -15.40
N GLN B 190 5.21 -2.60 -14.15
CA GLN B 190 4.49 -3.54 -13.31
C GLN B 190 2.99 -3.24 -13.34
N PRO B 191 2.13 -4.26 -13.31
CA PRO B 191 0.67 -4.06 -13.27
C PRO B 191 0.11 -3.91 -11.86
N THR B 192 -1.13 -3.37 -11.79
CA THR B 192 -1.78 -3.18 -10.50
CA THR B 192 -1.79 -3.16 -10.51
C THR B 192 -2.39 -4.46 -9.95
N VAL B 193 -2.71 -5.41 -10.81
CA VAL B 193 -3.28 -6.72 -10.46
C VAL B 193 -2.45 -7.79 -11.16
N ASP B 194 -2.64 -9.06 -10.77
CA ASP B 194 -1.96 -10.17 -11.46
C ASP B 194 -2.33 -10.17 -12.94
N ALA B 195 -1.35 -9.92 -13.83
CA ALA B 195 -1.63 -9.66 -15.23
C ALA B 195 -0.57 -10.33 -16.11
N PRO B 196 -0.73 -10.40 -17.44
CA PRO B 196 0.23 -11.17 -18.25
C PRO B 196 1.55 -10.45 -18.42
N SER B 197 2.64 -11.23 -18.30
CA SER B 197 4.01 -10.75 -18.43
C SER B 197 4.83 -11.92 -18.97
N LYS B 198 4.71 -12.16 -20.29
CA LYS B 198 5.22 -13.36 -20.95
C LYS B 198 6.69 -13.61 -20.68
N LYS B 199 7.50 -12.55 -20.64
CA LYS B 199 8.95 -12.68 -20.52
C LYS B 199 9.45 -12.54 -19.10
N ASP B 200 8.55 -12.36 -18.13
CA ASP B 200 8.93 -12.13 -16.75
C ASP B 200 7.72 -12.43 -15.88
N TRP B 201 7.49 -13.72 -15.59
CA TRP B 201 6.26 -14.13 -14.91
C TRP B 201 6.09 -13.43 -13.56
N ARG B 202 7.14 -13.40 -12.73
CA ARG B 202 7.00 -12.74 -11.42
C ARG B 202 6.62 -11.28 -11.59
N GLY B 203 7.14 -10.64 -12.65
CA GLY B 203 6.87 -9.24 -12.92
C GLY B 203 5.45 -8.96 -13.36
N GLY B 204 4.68 -9.99 -13.67
CA GLY B 204 3.25 -9.80 -13.91
C GLY B 204 2.39 -9.78 -12.66
N ARG B 205 2.94 -10.16 -11.51
CA ARG B 205 2.12 -10.24 -10.31
C ARG B 205 1.85 -8.84 -9.74
N ALA B 206 0.75 -8.74 -8.99
CA ALA B 206 0.28 -7.45 -8.49
C ALA B 206 1.38 -6.67 -7.79
N ALA B 207 1.69 -5.48 -8.34
CA ALA B 207 2.87 -4.75 -7.86
C ALA B 207 2.70 -4.29 -6.41
N GLY B 208 1.51 -3.86 -6.03
CA GLY B 208 1.37 -3.22 -4.73
C GLY B 208 1.27 -4.17 -3.56
N TYR B 209 1.20 -5.47 -3.80
CA TYR B 209 0.87 -6.42 -2.75
C TYR B 209 1.89 -7.55 -2.69
N ASN B 210 3.11 -7.29 -3.16
CA ASN B 210 4.10 -8.36 -3.24
C ASN B 210 5.50 -7.78 -3.15
N ILE B 211 6.39 -8.56 -2.54
CA ILE B 211 7.83 -8.47 -2.78
C ILE B 211 8.13 -9.35 -3.98
N ILE B 212 8.72 -8.77 -5.02
CA ILE B 212 8.81 -9.43 -6.34
C ILE B 212 10.26 -9.51 -6.79
N PRO B 213 10.89 -10.70 -6.72
CA PRO B 213 12.26 -10.83 -7.26
C PRO B 213 12.31 -10.47 -8.72
N SER B 214 13.41 -9.83 -9.12
CA SER B 214 13.52 -9.35 -10.48
C SER B 214 14.99 -9.39 -10.87
N SER B 215 15.24 -9.57 -12.16
CA SER B 215 16.60 -9.62 -12.64
C SER B 215 17.07 -8.23 -13.04
N THR B 216 18.38 -8.04 -12.98
CA THR B 216 18.98 -6.76 -13.30
C THR B 216 20.41 -7.02 -13.76
N GLY B 217 20.82 -6.32 -14.79
CA GLY B 217 22.20 -6.40 -15.23
C GLY B 217 23.09 -5.33 -14.65
N ALA B 218 22.65 -4.61 -13.61
CA ALA B 218 23.36 -3.41 -13.19
C ALA B 218 24.76 -3.75 -12.67
N ALA B 219 24.87 -4.78 -11.85
CA ALA B 219 26.19 -5.13 -11.29
C ALA B 219 27.14 -5.58 -12.38
N LYS B 220 26.67 -6.39 -13.35
CA LYS B 220 27.50 -6.71 -14.49
CA LYS B 220 27.49 -6.71 -14.51
C LYS B 220 27.89 -5.45 -15.27
N ALA B 221 26.92 -4.55 -15.49
CA ALA B 221 27.17 -3.32 -16.25
C ALA B 221 28.24 -2.46 -15.62
N VAL B 222 28.35 -2.47 -14.29
CA VAL B 222 29.44 -1.74 -13.64
C VAL B 222 30.77 -2.14 -14.26
N GLY B 223 30.88 -3.39 -14.72
CA GLY B 223 32.06 -3.85 -15.43
C GLY B 223 32.28 -3.21 -16.79
N LEU B 224 31.23 -2.64 -17.38
CA LEU B 224 31.40 -1.90 -18.62
C LEU B 224 31.90 -0.48 -18.36
N VAL B 225 31.37 0.17 -17.32
CA VAL B 225 31.83 1.53 -17.01
C VAL B 225 33.11 1.53 -16.16
N ILE B 226 33.40 0.45 -15.45
CA ILE B 226 34.67 0.31 -14.73
C ILE B 226 35.31 -0.98 -15.21
N PRO B 227 36.15 -0.93 -16.26
CA PRO B 227 36.59 -2.17 -16.92
C PRO B 227 37.30 -3.16 -16.01
N SER B 228 38.07 -2.69 -15.03
CA SER B 228 38.80 -3.61 -14.17
C SER B 228 37.87 -4.43 -13.27
N LEU B 229 36.62 -4.03 -13.15
CA LEU B 229 35.63 -4.78 -12.39
C LEU B 229 34.83 -5.75 -13.25
N ASN B 230 35.22 -5.94 -14.51
CA ASN B 230 34.54 -6.86 -15.39
C ASN B 230 34.52 -8.27 -14.81
N GLY B 231 33.32 -8.82 -14.64
CA GLY B 231 33.15 -10.18 -14.15
C GLY B 231 33.23 -10.37 -12.66
N LYS B 232 33.41 -9.29 -11.89
CA LYS B 232 33.64 -9.40 -10.46
CA LYS B 232 33.64 -9.39 -10.46
C LYS B 232 32.41 -9.06 -9.62
N LEU B 233 31.30 -8.64 -10.25
CA LEU B 233 30.08 -8.33 -9.54
C LEU B 233 28.88 -8.89 -10.30
N THR B 234 27.87 -9.31 -9.55
CA THR B 234 26.55 -9.58 -10.12
C THR B 234 25.52 -9.32 -9.03
N GLY B 235 24.25 -9.45 -9.37
CA GLY B 235 23.23 -9.09 -8.40
C GLY B 235 21.83 -9.31 -8.92
N MET B 236 20.87 -8.87 -8.10
CA MET B 236 19.45 -9.09 -8.34
CA MET B 236 19.46 -9.03 -8.42
C MET B 236 18.68 -7.93 -7.71
N ALA B 237 17.36 -7.94 -7.92
CA ALA B 237 16.48 -6.90 -7.39
C ALA B 237 15.30 -7.53 -6.69
N PHE B 238 14.74 -6.79 -5.73
CA PHE B 238 13.40 -7.05 -5.20
C PHE B 238 12.57 -5.78 -5.41
N ARG B 239 11.48 -5.89 -6.17
CA ARG B 239 10.54 -4.78 -6.29
C ARG B 239 9.59 -4.79 -5.10
N VAL B 240 9.36 -3.63 -4.50
CA VAL B 240 8.52 -3.55 -3.30
C VAL B 240 7.55 -2.39 -3.48
N PRO B 241 6.45 -2.38 -2.70
CA PRO B 241 5.38 -1.36 -2.91
C PRO B 241 5.72 0.00 -2.31
N THR B 242 6.62 0.72 -2.96
CA THR B 242 6.79 2.15 -2.73
C THR B 242 6.76 2.87 -4.06
N ALA B 243 6.42 4.17 -4.03
CA ALA B 243 6.16 4.91 -5.24
C ALA B 243 7.44 5.36 -5.92
N ASP B 244 8.51 5.56 -5.16
CA ASP B 244 9.74 6.12 -5.69
C ASP B 244 10.78 6.01 -4.59
N VAL B 245 12.05 5.97 -5.02
CA VAL B 245 13.27 5.85 -4.21
C VAL B 245 13.58 4.39 -3.92
N SER B 246 14.80 3.99 -4.27
CA SER B 246 15.28 2.62 -4.18
C SER B 246 16.58 2.63 -3.38
N VAL B 247 17.11 1.45 -3.09
CA VAL B 247 18.34 1.39 -2.28
C VAL B 247 19.17 0.22 -2.76
N VAL B 248 20.49 0.45 -2.86
CA VAL B 248 21.47 -0.57 -3.21
C VAL B 248 22.08 -1.13 -1.94
N ASP B 249 22.29 -2.44 -1.93
CA ASP B 249 22.83 -3.19 -0.81
C ASP B 249 23.94 -4.03 -1.42
N LEU B 250 25.20 -3.59 -1.27
CA LEU B 250 26.35 -4.20 -1.93
C LEU B 250 27.22 -4.92 -0.90
N THR B 251 27.37 -6.23 -1.07
CA THR B 251 28.23 -7.03 -0.21
C THR B 251 29.48 -7.38 -1.00
N CYS B 252 30.65 -6.98 -0.49
CA CYS B 252 31.85 -7.27 -1.23
CA CYS B 252 31.92 -7.05 -1.20
C CYS B 252 33.01 -7.62 -0.30
N ARG B 253 33.95 -8.31 -0.91
CA ARG B 253 35.20 -8.68 -0.27
C ARG B 253 36.27 -7.73 -0.79
N LEU B 254 37.06 -7.16 0.11
CA LEU B 254 38.05 -6.15 -0.25
C LEU B 254 39.46 -6.73 -0.24
N GLU B 255 40.27 -6.29 -1.21
CA GLU B 255 41.64 -6.80 -1.31
C GLU B 255 42.49 -6.31 -0.16
N LYS B 256 42.41 -5.02 0.15
CA LYS B 256 43.16 -4.42 1.24
C LYS B 256 42.23 -4.11 2.41
N PRO B 257 42.74 -4.12 3.63
CA PRO B 257 41.86 -3.95 4.79
C PRO B 257 41.32 -2.53 4.89
N ALA B 258 40.06 -2.42 5.33
CA ALA B 258 39.40 -1.14 5.52
C ALA B 258 38.49 -1.26 6.74
N THR B 259 38.81 -0.52 7.80
CA THR B 259 37.87 -0.37 8.90
C THR B 259 36.61 0.36 8.42
N LYS B 260 35.52 0.23 9.20
CA LYS B 260 34.29 0.94 8.85
C LYS B 260 34.51 2.44 8.85
N LYS B 261 35.36 2.93 9.75
CA LYS B 261 35.71 4.34 9.77
C LYS B 261 36.45 4.74 8.50
N GLN B 262 37.36 3.91 8.02
CA GLN B 262 38.05 4.22 6.76
C GLN B 262 37.09 4.23 5.58
N ILE B 263 36.11 3.31 5.56
CA ILE B 263 35.12 3.31 4.48
C ILE B 263 34.28 4.58 4.52
N ASP B 264 33.83 4.97 5.73
CA ASP B 264 33.10 6.23 5.87
C ASP B 264 33.93 7.41 5.37
N GLU B 265 35.19 7.51 5.83
CA GLU B 265 36.02 8.65 5.44
C GLU B 265 36.24 8.67 3.93
N ALA B 266 36.42 7.50 3.31
CA ALA B 266 36.59 7.45 1.85
C ALA B 266 35.34 7.91 1.13
N MET B 267 34.16 7.50 1.60
CA MET B 267 32.91 7.94 0.98
C MET B 267 32.70 9.43 1.16
N LYS B 268 33.03 9.96 2.35
CA LYS B 268 32.86 11.38 2.60
C LYS B 268 33.80 12.19 1.72
N LYS B 269 35.07 11.80 1.66
CA LYS B 269 36.01 12.47 0.78
C LYS B 269 35.52 12.48 -0.67
N ALA B 270 35.07 11.32 -1.16
CA ALA B 270 34.59 11.22 -2.53
C ALA B 270 33.41 12.16 -2.78
N SER B 271 32.49 12.26 -1.81
CA SER B 271 31.33 13.12 -1.99
C SER B 271 31.72 14.58 -2.11
N GLU B 272 32.93 14.94 -1.68
CA GLU B 272 33.38 16.32 -1.72
C GLU B 272 34.30 16.62 -2.90
N SER B 273 34.60 15.62 -3.72
CA SER B 273 35.49 15.79 -4.85
C SER B 273 34.76 16.40 -6.03
N GLU B 274 35.49 17.12 -6.88
CA GLU B 274 34.87 17.68 -8.09
C GLU B 274 34.20 16.59 -8.92
N ARG B 275 34.82 15.41 -8.97
CA ARG B 275 34.34 14.31 -9.79
C ARG B 275 32.93 13.87 -9.39
N PHE B 276 32.65 13.78 -8.09
CA PHE B 276 31.40 13.22 -7.59
C PHE B 276 30.49 14.24 -6.90
N LYS B 277 30.83 15.53 -6.95
CA LYS B 277 30.01 16.54 -6.29
C LYS B 277 28.60 16.54 -6.88
N GLY B 278 27.61 16.39 -6.01
CA GLY B 278 26.22 16.29 -6.44
C GLY B 278 25.81 14.93 -6.96
N ILE B 279 26.77 14.04 -7.23
CA ILE B 279 26.47 12.73 -7.80
C ILE B 279 26.45 11.70 -6.69
N LEU B 280 27.56 11.58 -5.97
CA LEU B 280 27.63 10.75 -4.77
C LEU B 280 27.54 11.65 -3.54
N LYS B 281 26.55 11.41 -2.70
CA LYS B 281 26.39 12.18 -1.47
C LYS B 281 26.62 11.27 -0.26
N TYR B 282 26.68 11.89 0.92
CA TYR B 282 27.05 11.21 2.15
C TYR B 282 26.10 11.60 3.26
N THR B 283 25.58 10.63 4.00
CA THR B 283 24.75 10.94 5.15
C THR B 283 25.17 10.11 6.38
N GLU B 284 25.06 10.73 7.55
CA GLU B 284 25.16 10.04 8.83
C GLU B 284 23.85 10.06 9.60
N GLU B 285 22.76 10.48 8.97
CA GLU B 285 21.49 10.63 9.66
C GLU B 285 20.62 9.39 9.51
N GLU B 286 19.59 9.31 10.37
CA GLU B 286 18.70 8.15 10.47
C GLU B 286 17.60 8.25 9.41
N VAL B 287 18.00 8.11 8.15
CA VAL B 287 17.12 8.41 7.02
C VAL B 287 16.30 7.19 6.63
N VAL B 288 15.15 7.45 5.98
CA VAL B 288 14.35 6.41 5.35
C VAL B 288 14.07 6.85 3.91
N SER B 289 13.43 5.96 3.13
CA SER B 289 13.40 6.17 1.69
C SER B 289 12.74 7.48 1.30
N SER B 290 11.62 7.87 1.95
CA SER B 290 10.95 9.10 1.51
CA SER B 290 10.96 9.09 1.49
C SER B 290 11.84 10.33 1.65
N ASP B 291 12.86 10.27 2.51
CA ASP B 291 13.75 11.43 2.67
C ASP B 291 14.56 11.72 1.40
N PHE B 292 14.62 10.79 0.45
CA PHE B 292 15.34 11.05 -0.79
C PHE B 292 14.42 11.39 -1.95
N ILE B 293 13.13 11.55 -1.71
CA ILE B 293 12.24 11.99 -2.78
C ILE B 293 12.66 13.38 -3.24
N HIS B 294 12.93 13.50 -4.54
CA HIS B 294 13.36 14.75 -5.17
C HIS B 294 14.79 15.14 -4.78
N ASP B 295 15.59 14.17 -4.36
CA ASP B 295 17.03 14.37 -4.16
C ASP B 295 17.72 13.95 -5.46
N SER B 296 18.51 14.87 -6.04
CA SER B 296 19.05 14.64 -7.38
C SER B 296 20.33 13.82 -7.39
N ALA B 297 20.82 13.33 -6.24
CA ALA B 297 22.01 12.51 -6.24
C ALA B 297 21.80 11.22 -7.04
N SER B 298 22.87 10.70 -7.64
CA SER B 298 22.84 9.34 -8.16
C SER B 298 22.88 8.31 -7.05
N SER B 299 23.56 8.64 -5.95
CA SER B 299 23.83 7.69 -4.88
C SER B 299 24.06 8.46 -3.60
N THR B 300 23.42 8.06 -2.50
CA THR B 300 23.77 8.59 -1.18
C THR B 300 24.21 7.43 -0.28
N TYR B 301 25.49 7.43 0.08
CA TYR B 301 26.02 6.44 1.00
C TYR B 301 25.43 6.62 2.39
N ASP B 302 24.90 5.53 2.95
CA ASP B 302 24.26 5.53 4.27
C ASP B 302 25.25 4.97 5.27
N SER B 303 25.93 5.86 5.99
CA SER B 303 26.97 5.42 6.92
CA SER B 303 26.98 5.39 6.89
C SER B 303 26.41 4.57 8.04
N LYS B 304 25.30 5.02 8.65
CA LYS B 304 24.81 4.27 9.80
C LYS B 304 24.22 2.92 9.40
N ALA B 305 23.70 2.78 8.18
CA ALA B 305 23.06 1.53 7.79
C ALA B 305 24.06 0.50 7.27
N SER B 306 25.17 0.97 6.71
CA SER B 306 26.23 0.11 6.23
C SER B 306 26.93 -0.57 7.41
N ILE B 307 27.36 -1.82 7.20
CA ILE B 307 27.97 -2.61 8.27
C ILE B 307 29.11 -3.45 7.74
N SER B 308 30.08 -3.73 8.62
CA SER B 308 31.24 -4.56 8.30
C SER B 308 31.24 -5.80 9.18
N LEU B 309 31.46 -6.97 8.57
CA LEU B 309 31.78 -8.15 9.38
C LEU B 309 33.22 -8.08 9.88
N ASN B 310 34.11 -7.59 9.05
CA ASN B 310 35.54 -7.46 9.38
C ASN B 310 36.16 -6.54 8.34
N ASP B 311 37.48 -6.37 8.45
CA ASP B 311 38.20 -5.42 7.60
C ASP B 311 38.18 -5.79 6.13
N HIS B 312 37.79 -7.01 5.77
CA HIS B 312 37.80 -7.45 4.37
C HIS B 312 36.43 -7.85 3.83
N PHE B 313 35.35 -7.65 4.58
CA PHE B 313 34.04 -8.19 4.18
C PHE B 313 32.97 -7.25 4.70
N VAL B 314 32.30 -6.54 3.79
CA VAL B 314 31.46 -5.41 4.15
C VAL B 314 30.19 -5.38 3.32
N LYS B 315 29.16 -4.74 3.88
CA LYS B 315 27.89 -4.47 3.21
C LYS B 315 27.68 -2.97 3.24
N VAL B 316 27.60 -2.36 2.06
CA VAL B 316 27.46 -0.92 1.91
C VAL B 316 26.06 -0.63 1.38
N VAL B 317 25.40 0.37 1.97
CA VAL B 317 24.02 0.74 1.65
C VAL B 317 24.02 2.15 1.04
N ALA B 318 23.32 2.31 -0.09
CA ALA B 318 23.29 3.56 -0.83
C ALA B 318 21.93 3.80 -1.47
N TRP B 319 21.37 5.00 -1.26
CA TRP B 319 20.03 5.38 -1.69
C TRP B 319 20.04 6.07 -3.04
N TYR B 320 18.95 5.92 -3.80
CA TYR B 320 18.78 6.70 -5.02
C TYR B 320 17.31 6.97 -5.32
N ASP B 321 16.98 8.22 -5.64
CA ASP B 321 15.70 8.53 -6.27
C ASP B 321 15.78 8.08 -7.72
N ASN B 322 15.22 6.91 -8.02
CA ASN B 322 15.37 6.34 -9.36
C ASN B 322 14.74 7.21 -10.44
N GLU B 323 13.75 8.03 -10.08
CA GLU B 323 13.17 8.95 -11.05
C GLU B 323 14.00 10.23 -11.20
N TRP B 324 14.23 10.94 -10.07
CA TRP B 324 14.77 12.31 -10.17
C TRP B 324 16.30 12.31 -10.35
N GLY B 325 17.02 11.44 -9.65
CA GLY B 325 18.47 11.43 -9.84
C GLY B 325 18.83 11.08 -11.27
N TYR B 326 18.21 10.03 -11.81
CA TYR B 326 18.52 9.58 -13.16
C TYR B 326 18.16 10.65 -14.19
N SER B 327 16.99 11.28 -14.04
CA SER B 327 16.61 12.34 -14.98
C SER B 327 17.62 13.47 -15.01
N ASN B 328 18.17 13.83 -13.85
CA ASN B 328 19.16 14.89 -13.81
C ASN B 328 20.48 14.45 -14.44
N ARG B 329 20.84 13.19 -14.29
CA ARG B 329 22.04 12.66 -14.94
C ARG B 329 21.90 12.65 -16.45
N VAL B 330 20.70 12.39 -16.98
CA VAL B 330 20.52 12.44 -18.43
C VAL B 330 20.92 13.82 -18.96
N LEU B 331 20.49 14.88 -18.29
CA LEU B 331 20.86 16.22 -18.72
C LEU B 331 22.34 16.48 -18.52
N ASP B 332 22.89 16.01 -17.40
CA ASP B 332 24.33 16.14 -17.17
C ASP B 332 25.12 15.46 -18.28
N LEU B 333 24.68 14.27 -18.72
CA LEU B 333 25.40 13.57 -19.77
C LEU B 333 25.31 14.33 -21.09
N ILE B 334 24.14 14.88 -21.38
CA ILE B 334 24.00 15.65 -22.61
C ILE B 334 24.97 16.82 -22.62
N ILE B 335 25.05 17.57 -21.51
CA ILE B 335 25.94 18.71 -21.44
C ILE B 335 27.39 18.24 -21.54
N SER B 336 27.72 17.15 -20.86
CA SER B 336 29.10 16.68 -20.81
C SER B 336 29.59 16.29 -22.20
N THR B 337 28.83 15.43 -22.88
CA THR B 337 29.23 14.97 -24.21
C THR B 337 29.09 16.07 -25.27
N SER B 338 28.26 17.09 -25.02
CA SER B 338 28.12 18.15 -26.03
C SER B 338 29.40 18.94 -26.20
N LYS B 339 30.24 18.97 -25.16
CA LYS B 339 31.53 19.66 -25.25
C LYS B 339 32.55 18.90 -26.09
N VAL B 340 32.25 17.67 -26.49
CA VAL B 340 33.17 16.80 -27.21
C VAL B 340 32.71 16.76 -28.65
N GLN B 341 33.50 17.37 -29.54
CA GLN B 341 33.12 17.49 -30.94
C GLN B 341 34.25 17.04 -31.87
N HIS C 7 -23.91 -34.08 -13.95
CA HIS C 7 -24.52 -35.06 -14.85
C HIS C 7 -24.63 -34.50 -16.26
N HIS C 8 -25.61 -33.62 -16.46
CA HIS C 8 -25.64 -32.77 -17.65
C HIS C 8 -24.98 -31.44 -17.32
N MET C 9 -24.00 -31.04 -18.13
CA MET C 9 -23.26 -29.81 -17.90
C MET C 9 -23.32 -28.91 -19.13
N VAL C 10 -23.49 -27.62 -18.86
CA VAL C 10 -23.35 -26.58 -19.86
C VAL C 10 -21.86 -26.38 -20.15
N LYS C 11 -21.48 -26.52 -21.41
CA LYS C 11 -20.08 -26.32 -21.81
C LYS C 11 -19.82 -24.84 -22.10
N VAL C 12 -18.75 -24.31 -21.51
CA VAL C 12 -18.45 -22.88 -21.54
C VAL C 12 -17.07 -22.67 -22.14
N GLY C 13 -16.94 -21.64 -22.97
CA GLY C 13 -15.64 -21.12 -23.37
C GLY C 13 -15.40 -19.78 -22.71
N ILE C 14 -14.14 -19.50 -22.36
CA ILE C 14 -13.79 -18.22 -21.74
C ILE C 14 -12.93 -17.44 -22.72
N ASN C 15 -13.38 -16.24 -23.06
CA ASN C 15 -12.59 -15.33 -23.89
C ASN C 15 -12.00 -14.24 -22.99
N GLY C 16 -10.70 -14.30 -22.74
CA GLY C 16 -10.08 -13.33 -21.87
C GLY C 16 -9.85 -13.93 -20.50
N PHE C 17 -8.65 -14.44 -20.27
CA PHE C 17 -8.36 -15.22 -19.07
C PHE C 17 -7.69 -14.34 -18.01
N GLY C 18 -8.39 -13.24 -17.65
CA GLY C 18 -7.89 -12.24 -16.73
C GLY C 18 -8.37 -12.48 -15.31
N ARG C 19 -8.54 -11.39 -14.55
CA ARG C 19 -9.06 -11.53 -13.18
C ARG C 19 -10.42 -12.21 -13.20
N ILE C 20 -11.35 -11.72 -14.02
CA ILE C 20 -12.67 -12.34 -14.05
C ILE C 20 -12.60 -13.69 -14.75
N GLY C 21 -11.88 -13.78 -15.87
CA GLY C 21 -11.78 -15.06 -16.59
C GLY C 21 -11.23 -16.19 -15.75
N ARG C 22 -10.16 -15.93 -14.98
CA ARG C 22 -9.55 -17.00 -14.18
C ARG C 22 -10.36 -17.35 -12.96
N LEU C 23 -11.11 -16.39 -12.41
CA LEU C 23 -11.90 -16.69 -11.23
C LEU C 23 -13.22 -17.33 -11.61
N VAL C 24 -13.79 -16.94 -12.75
CA VAL C 24 -14.88 -17.73 -13.32
C VAL C 24 -14.43 -19.17 -13.51
N PHE C 25 -13.21 -19.36 -14.00
CA PHE C 25 -12.68 -20.71 -14.14
C PHE C 25 -12.55 -21.43 -12.80
N ARG C 26 -11.89 -20.80 -11.81
CA ARG C 26 -11.79 -21.47 -10.51
C ARG C 26 -13.18 -21.78 -9.96
N ALA C 27 -14.12 -20.84 -10.08
CA ALA C 27 -15.48 -21.09 -9.61
C ALA C 27 -16.11 -22.27 -10.32
N SER C 28 -15.83 -22.44 -11.63
CA SER C 28 -16.48 -23.51 -12.38
C SER C 28 -16.04 -24.88 -11.90
N LEU C 29 -14.87 -24.98 -11.28
CA LEU C 29 -14.39 -26.27 -10.81
C LEU C 29 -15.14 -26.74 -9.58
N GLU C 30 -15.84 -25.84 -8.89
CA GLU C 30 -16.61 -26.16 -7.69
C GLU C 30 -18.08 -26.44 -8.00
N ARG C 31 -18.47 -26.44 -9.27
CA ARG C 31 -19.85 -26.70 -9.69
C ARG C 31 -19.90 -27.94 -10.56
N THR C 32 -21.04 -28.61 -10.53
CA THR C 32 -21.23 -29.84 -11.30
C THR C 32 -22.06 -29.64 -12.56
N ASP C 33 -22.66 -28.46 -12.76
CA ASP C 33 -23.56 -28.24 -13.88
C ASP C 33 -22.98 -27.36 -14.98
N VAL C 34 -21.73 -26.93 -14.83
CA VAL C 34 -21.05 -26.15 -15.86
CA VAL C 34 -21.03 -26.13 -15.84
C VAL C 34 -19.62 -26.66 -15.95
N GLU C 35 -19.06 -26.66 -17.17
CA GLU C 35 -17.65 -27.00 -17.31
C GLU C 35 -17.02 -26.17 -18.43
N VAL C 36 -15.86 -25.60 -18.13
CA VAL C 36 -15.07 -24.84 -19.11
C VAL C 36 -14.27 -25.81 -19.96
N VAL C 37 -14.50 -25.78 -21.28
CA VAL C 37 -13.84 -26.71 -22.20
C VAL C 37 -12.84 -26.04 -23.12
N ALA C 38 -12.79 -24.70 -23.15
CA ALA C 38 -11.92 -23.97 -24.04
C ALA C 38 -11.67 -22.59 -23.46
N ILE C 39 -10.44 -22.08 -23.67
CA ILE C 39 -9.98 -20.79 -23.14
C ILE C 39 -9.18 -20.09 -24.23
N ASN C 40 -9.46 -18.81 -24.45
CA ASN C 40 -8.68 -17.99 -25.37
C ASN C 40 -8.06 -16.82 -24.63
N ASP C 41 -6.77 -16.57 -24.87
CA ASP C 41 -6.13 -15.36 -24.38
C ASP C 41 -4.93 -15.07 -25.26
N ILE C 42 -4.84 -13.83 -25.73
CA ILE C 42 -3.78 -13.46 -26.67
C ILE C 42 -2.43 -13.23 -26.02
N MET C 43 -2.39 -13.09 -24.69
CA MET C 43 -1.16 -12.75 -24.00
C MET C 43 -0.53 -13.92 -23.25
N MET C 44 -1.00 -15.15 -23.48
CA MET C 44 -0.54 -16.32 -22.74
C MET C 44 -0.33 -17.49 -23.69
N THR C 45 0.45 -18.46 -23.20
CA THR C 45 0.55 -19.79 -23.77
C THR C 45 0.07 -20.78 -22.72
N PRO C 46 -0.20 -22.05 -23.07
CA PRO C 46 -0.71 -22.99 -22.06
C PRO C 46 0.18 -23.15 -20.83
N ASP C 47 1.49 -23.23 -20.99
CA ASP C 47 2.36 -23.38 -19.82
C ASP C 47 2.23 -22.17 -18.89
N TYR C 48 2.15 -20.97 -19.47
CA TYR C 48 1.95 -19.77 -18.66
C TYR C 48 0.56 -19.76 -18.03
N MET C 49 -0.44 -20.24 -18.76
CA MET C 49 -1.80 -20.25 -18.22
CA MET C 49 -1.81 -20.27 -18.23
C MET C 49 -1.89 -21.04 -16.92
N ILE C 50 -1.24 -22.20 -16.84
CA ILE C 50 -1.39 -22.97 -15.59
C ILE C 50 -0.64 -22.30 -14.43
N TYR C 51 0.43 -21.55 -14.71
CA TYR C 51 1.05 -20.73 -13.67
C TYR C 51 0.07 -19.69 -13.12
N MET C 52 -0.66 -19.01 -14.01
CA MET C 52 -1.57 -17.97 -13.56
C MET C 52 -2.76 -18.57 -12.81
N ILE C 53 -3.15 -19.80 -13.16
CA ILE C 53 -4.18 -20.52 -12.40
C ILE C 53 -3.66 -20.88 -11.02
N LYS C 54 -2.41 -21.34 -10.96
CA LYS C 54 -1.89 -21.91 -9.71
C LYS C 54 -1.76 -20.87 -8.61
N TYR C 55 -1.22 -19.69 -8.92
CA TYR C 55 -0.88 -18.69 -7.92
C TYR C 55 -1.70 -17.42 -8.12
N ASP C 56 -2.29 -16.92 -7.05
CA ASP C 56 -3.14 -15.74 -7.10
C ASP C 56 -2.85 -14.86 -5.89
N SER C 57 -2.52 -13.59 -6.14
CA SER C 57 -2.15 -12.70 -5.04
C SER C 57 -3.31 -12.37 -4.11
N VAL C 58 -4.56 -12.51 -4.57
CA VAL C 58 -5.74 -12.25 -3.75
C VAL C 58 -6.35 -13.53 -3.20
N HIS C 59 -6.55 -14.53 -4.05
CA HIS C 59 -7.38 -15.69 -3.70
C HIS C 59 -6.57 -16.95 -3.37
N GLY C 60 -5.25 -16.84 -3.22
CA GLY C 60 -4.46 -17.97 -2.75
C GLY C 60 -4.19 -18.97 -3.84
N LYS C 61 -3.56 -20.08 -3.43
CA LYS C 61 -3.03 -21.08 -4.36
C LYS C 61 -4.10 -22.09 -4.77
N PHE C 62 -4.01 -22.56 -6.02
CA PHE C 62 -4.81 -23.69 -6.49
C PHE C 62 -3.96 -24.94 -6.46
N ASN C 63 -4.44 -25.97 -5.76
CA ASN C 63 -3.60 -27.13 -5.43
C ASN C 63 -3.91 -28.38 -6.24
N GLY C 64 -4.86 -28.33 -7.15
CA GLY C 64 -5.14 -29.47 -8.03
C GLY C 64 -4.00 -29.71 -9.00
N LYS C 65 -4.13 -30.78 -9.77
CA LYS C 65 -3.12 -31.14 -10.75
C LYS C 65 -3.24 -30.25 -11.97
N LEU C 66 -2.09 -29.75 -12.45
CA LEU C 66 -2.04 -28.81 -13.57
C LEU C 66 -1.01 -29.29 -14.56
N GLU C 67 -1.43 -29.50 -15.82
CA GLU C 67 -0.54 -29.91 -16.89
C GLU C 67 -0.83 -29.07 -18.12
N TYR C 68 0.08 -29.10 -19.08
CA TYR C 68 -0.10 -28.35 -20.32
C TYR C 68 0.43 -29.14 -21.50
N THR C 69 -0.11 -28.82 -22.68
CA THR C 69 0.42 -29.31 -23.95
C THR C 69 0.61 -28.14 -24.90
N GLU C 70 0.94 -28.41 -26.17
CA GLU C 70 1.13 -27.34 -27.14
C GLU C 70 -0.14 -26.54 -27.36
N ASN C 71 -1.31 -27.12 -27.12
CA ASN C 71 -2.54 -26.41 -27.47
C ASN C 71 -3.66 -26.66 -26.46
N SER C 72 -3.31 -26.97 -25.22
CA SER C 72 -4.31 -27.30 -24.21
C SER C 72 -3.68 -27.25 -22.83
N ILE C 73 -4.57 -27.20 -21.83
CA ILE C 73 -4.20 -27.42 -20.43
C ILE C 73 -5.01 -28.61 -19.95
N LYS C 74 -4.56 -29.19 -18.84
CA LYS C 74 -5.27 -30.28 -18.18
C LYS C 74 -5.36 -29.95 -16.70
N VAL C 75 -6.57 -29.91 -16.16
CA VAL C 75 -6.76 -29.58 -14.75
C VAL C 75 -7.39 -30.80 -14.09
N ASN C 76 -6.70 -31.35 -13.10
CA ASN C 76 -7.14 -32.59 -12.45
C ASN C 76 -7.46 -33.65 -13.50
N GLY C 77 -6.64 -33.69 -14.56
CA GLY C 77 -6.75 -34.71 -15.57
C GLY C 77 -7.67 -34.39 -16.73
N ARG C 78 -8.46 -33.32 -16.64
CA ARG C 78 -9.41 -32.98 -17.69
C ARG C 78 -8.77 -31.99 -18.66
N GLU C 79 -8.75 -32.35 -19.95
CA GLU C 79 -8.10 -31.49 -20.94
C GLU C 79 -9.02 -30.36 -21.39
N ILE C 80 -8.46 -29.16 -21.48
CA ILE C 80 -9.16 -27.94 -21.86
C ILE C 80 -8.40 -27.31 -23.03
N HIS C 81 -9.08 -27.12 -24.16
CA HIS C 81 -8.40 -26.55 -25.31
C HIS C 81 -8.07 -25.07 -25.08
N VAL C 82 -6.94 -24.65 -25.66
CA VAL C 82 -6.42 -23.29 -25.50
C VAL C 82 -6.29 -22.66 -26.88
N PHE C 83 -6.92 -21.51 -27.05
CA PHE C 83 -6.80 -20.67 -28.24
C PHE C 83 -5.83 -19.51 -27.97
N CYS C 84 -5.31 -18.92 -29.05
CA CYS C 84 -4.56 -17.66 -28.96
C CYS C 84 -4.88 -16.85 -30.21
N GLU C 85 -6.06 -16.23 -30.20
CA GLU C 85 -6.61 -15.56 -31.37
C GLU C 85 -7.19 -14.21 -30.97
N ARG C 86 -6.77 -13.15 -31.66
CA ARG C 86 -7.23 -11.81 -31.29
C ARG C 86 -8.69 -11.58 -31.67
N GLU C 87 -9.18 -12.21 -32.75
CA GLU C 87 -10.50 -11.88 -33.29
CA GLU C 87 -10.50 -11.88 -33.28
C GLU C 87 -11.51 -12.95 -32.92
N PRO C 88 -12.58 -12.61 -32.20
CA PRO C 88 -13.62 -13.60 -31.87
C PRO C 88 -14.17 -14.37 -33.07
N GLU C 89 -14.34 -13.72 -34.21
CA GLU C 89 -14.98 -14.49 -35.29
C GLU C 89 -14.04 -15.53 -35.91
N LYS C 90 -12.80 -15.61 -35.44
CA LYS C 90 -11.86 -16.64 -35.85
C LYS C 90 -11.71 -17.75 -34.81
N LEU C 91 -12.55 -17.77 -33.77
CA LEU C 91 -12.51 -18.81 -32.75
C LEU C 91 -13.53 -19.90 -33.06
N PRO C 92 -13.11 -21.14 -33.31
CA PRO C 92 -14.04 -22.24 -33.57
C PRO C 92 -14.58 -22.87 -32.30
N TRP C 93 -15.43 -22.14 -31.59
CA TRP C 93 -15.95 -22.62 -30.31
C TRP C 93 -16.77 -23.88 -30.50
N GLY C 94 -17.57 -23.95 -31.55
CA GLY C 94 -18.47 -25.07 -31.75
C GLY C 94 -17.77 -26.38 -32.03
N GLN C 95 -16.52 -26.32 -32.48
CA GLN C 95 -15.73 -27.52 -32.65
C GLN C 95 -15.46 -28.21 -31.32
N TYR C 96 -15.56 -27.49 -30.20
CA TYR C 96 -15.34 -28.05 -28.87
C TYR C 96 -16.65 -28.15 -28.09
N GLY C 97 -17.79 -28.07 -28.77
CA GLY C 97 -19.07 -28.19 -28.14
C GLY C 97 -19.43 -27.05 -27.20
N VAL C 98 -18.81 -25.88 -27.37
CA VAL C 98 -19.07 -24.75 -26.48
C VAL C 98 -20.48 -24.23 -26.71
N GLU C 99 -21.26 -24.14 -25.64
CA GLU C 99 -22.60 -23.57 -25.73
C GLU C 99 -22.63 -22.09 -25.37
N TYR C 100 -22.00 -21.70 -24.25
CA TYR C 100 -21.86 -20.30 -23.84
C TYR C 100 -20.41 -19.86 -23.88
N VAL C 101 -20.18 -18.63 -24.36
CA VAL C 101 -18.89 -17.96 -24.22
C VAL C 101 -19.02 -16.86 -23.17
N VAL C 102 -18.07 -16.84 -22.24
CA VAL C 102 -17.91 -15.73 -21.31
C VAL C 102 -16.97 -14.72 -21.94
N GLU C 103 -17.47 -13.53 -22.23
CA GLU C 103 -16.69 -12.50 -22.93
C GLU C 103 -16.12 -11.57 -21.85
N SER C 104 -14.86 -11.83 -21.46
CA SER C 104 -14.22 -11.18 -20.32
C SER C 104 -12.88 -10.58 -20.70
N THR C 105 -12.70 -10.19 -21.97
CA THR C 105 -11.48 -9.50 -22.38
C THR C 105 -11.46 -8.05 -21.93
N GLY C 106 -12.64 -7.45 -21.73
CA GLY C 106 -12.76 -6.04 -21.48
C GLY C 106 -12.74 -5.18 -22.72
N VAL C 107 -12.56 -5.77 -23.91
CA VAL C 107 -12.46 -5.01 -25.16
C VAL C 107 -13.53 -5.37 -26.17
N PHE C 108 -14.47 -6.26 -25.84
CA PHE C 108 -15.60 -6.57 -26.73
C PHE C 108 -16.93 -6.39 -25.97
N THR C 109 -17.13 -5.20 -25.39
CA THR C 109 -18.32 -4.91 -24.57
C THR C 109 -19.42 -4.25 -25.38
N LYS C 110 -19.58 -4.68 -26.63
CA LYS C 110 -20.61 -4.19 -27.53
C LYS C 110 -21.28 -5.37 -28.21
N LEU C 111 -22.57 -5.20 -28.55
CA LEU C 111 -23.30 -6.27 -29.21
C LEU C 111 -22.63 -6.66 -30.51
N ASP C 112 -22.23 -5.67 -31.31
CA ASP C 112 -21.75 -5.97 -32.66
CA ASP C 112 -21.74 -5.93 -32.65
C ASP C 112 -20.43 -6.72 -32.63
N THR C 113 -19.62 -6.57 -31.59
CA THR C 113 -18.36 -7.31 -31.55
C THR C 113 -18.45 -8.60 -30.74
N ALA C 114 -19.18 -8.60 -29.63
CA ALA C 114 -19.31 -9.84 -28.86
C ALA C 114 -20.17 -10.86 -29.61
N SER C 115 -21.04 -10.44 -30.53
CA SER C 115 -21.82 -11.43 -31.25
CA SER C 115 -21.84 -11.39 -31.30
C SER C 115 -20.97 -12.26 -32.20
N LYS C 116 -19.75 -11.82 -32.52
CA LYS C 116 -18.92 -12.55 -33.48
C LYS C 116 -18.52 -13.94 -32.96
N HIS C 117 -18.63 -14.18 -31.65
CA HIS C 117 -18.41 -15.54 -31.13
C HIS C 117 -19.40 -16.53 -31.70
N LEU C 118 -20.57 -16.06 -32.12
CA LEU C 118 -21.55 -16.97 -32.71
C LEU C 118 -21.11 -17.50 -34.07
N LYS C 119 -20.23 -16.77 -34.77
CA LYS C 119 -19.79 -17.24 -36.08
C LYS C 119 -19.06 -18.57 -35.99
N GLY C 120 -18.32 -18.78 -34.90
CA GLY C 120 -17.60 -20.02 -34.68
C GLY C 120 -18.39 -21.14 -34.05
N GLY C 121 -19.69 -20.95 -33.83
CA GLY C 121 -20.54 -22.02 -33.34
C GLY C 121 -20.99 -21.91 -31.89
N ALA C 122 -20.51 -20.94 -31.12
CA ALA C 122 -21.09 -20.72 -29.80
C ALA C 122 -22.57 -20.37 -29.97
N LYS C 123 -23.40 -20.77 -29.00
CA LYS C 123 -24.82 -20.49 -29.09
C LYS C 123 -25.23 -19.21 -28.36
N ARG C 124 -24.57 -18.87 -27.26
CA ARG C 124 -24.92 -17.70 -26.46
C ARG C 124 -23.64 -17.08 -25.89
N VAL C 125 -23.68 -15.77 -25.61
CA VAL C 125 -22.54 -15.04 -25.09
C VAL C 125 -22.98 -14.26 -23.86
N VAL C 126 -22.18 -14.32 -22.79
CA VAL C 126 -22.39 -13.48 -21.61
C VAL C 126 -21.22 -12.53 -21.50
N ILE C 127 -21.46 -11.23 -21.72
CA ILE C 127 -20.42 -10.20 -21.55
C ILE C 127 -20.28 -9.89 -20.06
N SER C 128 -19.02 -9.91 -19.55
CA SER C 128 -18.75 -9.67 -18.13
C SER C 128 -18.68 -8.17 -17.78
N ALA C 129 -19.52 -7.36 -18.39
CA ALA C 129 -19.54 -5.93 -18.13
C ALA C 129 -20.80 -5.31 -18.70
N PRO C 130 -21.14 -4.07 -18.36
CA PRO C 130 -22.23 -3.40 -19.06
C PRO C 130 -21.96 -3.32 -20.54
N ALA C 131 -23.04 -3.38 -21.32
CA ALA C 131 -22.95 -3.39 -22.78
C ALA C 131 -24.33 -3.04 -23.31
N ASP C 132 -24.38 -2.75 -24.62
CA ASP C 132 -25.62 -2.40 -25.31
C ASP C 132 -26.41 -3.67 -25.72
N THR C 133 -26.73 -4.49 -24.72
CA THR C 133 -27.44 -5.76 -24.81
C THR C 133 -28.40 -5.87 -23.64
N PRO C 134 -29.31 -6.88 -23.62
CA PRO C 134 -30.03 -7.17 -22.38
C PRO C 134 -29.07 -7.33 -21.20
N THR C 135 -29.45 -6.75 -20.06
CA THR C 135 -28.63 -6.69 -18.86
C THR C 135 -29.32 -7.43 -17.72
N PHE C 136 -28.56 -8.21 -16.96
CA PHE C 136 -29.16 -9.05 -15.93
C PHE C 136 -28.38 -9.00 -14.63
N VAL C 137 -29.13 -9.01 -13.53
CA VAL C 137 -28.61 -9.18 -12.19
C VAL C 137 -29.33 -10.35 -11.53
N MET C 138 -28.59 -11.37 -11.13
CA MET C 138 -29.17 -12.52 -10.45
C MET C 138 -29.91 -12.10 -9.19
N GLY C 139 -31.11 -12.65 -9.00
CA GLY C 139 -31.95 -12.30 -7.88
C GLY C 139 -32.87 -11.12 -8.13
N VAL C 140 -32.62 -10.34 -9.18
CA VAL C 140 -33.34 -9.10 -9.43
C VAL C 140 -34.15 -9.18 -10.74
N ASN C 141 -33.50 -9.55 -11.85
CA ASN C 141 -34.26 -9.71 -13.08
C ASN C 141 -33.82 -10.86 -13.98
N ASN C 142 -33.12 -11.89 -13.46
CA ASN C 142 -32.65 -12.93 -14.37
C ASN C 142 -33.79 -13.74 -14.99
N HIS C 143 -34.97 -13.77 -14.38
CA HIS C 143 -36.11 -14.47 -15.00
C HIS C 143 -36.75 -13.69 -16.14
N GLU C 144 -36.25 -12.50 -16.44
CA GLU C 144 -36.68 -11.76 -17.62
C GLU C 144 -35.94 -12.17 -18.89
N PHE C 145 -34.94 -13.04 -18.79
CA PHE C 145 -34.27 -13.57 -19.97
C PHE C 145 -35.26 -14.32 -20.86
N LYS C 146 -35.22 -14.02 -22.18
CA LYS C 146 -36.09 -14.56 -23.21
C LYS C 146 -35.32 -15.55 -24.08
N PRO C 147 -35.92 -16.66 -24.50
CA PRO C 147 -35.14 -17.74 -25.14
C PRO C 147 -34.42 -17.33 -26.42
N GLU C 148 -34.91 -16.32 -27.16
CA GLU C 148 -34.26 -15.89 -28.40
C GLU C 148 -33.04 -15.01 -28.17
N MET C 149 -32.80 -14.55 -26.94
CA MET C 149 -31.62 -13.74 -26.67
C MET C 149 -30.36 -14.57 -26.84
N THR C 150 -29.37 -14.02 -27.52
CA THR C 150 -28.12 -14.72 -27.75
C THR C 150 -26.93 -14.04 -27.12
N VAL C 151 -26.89 -12.71 -27.06
CA VAL C 151 -25.81 -11.98 -26.41
C VAL C 151 -26.43 -11.15 -25.28
N ILE C 152 -25.97 -11.39 -24.07
CA ILE C 152 -26.46 -10.70 -22.88
C ILE C 152 -25.25 -10.28 -22.04
N ASN C 153 -25.52 -9.50 -20.97
CA ASN C 153 -24.44 -9.09 -20.07
C ASN C 153 -24.90 -9.25 -18.62
N ASN C 154 -23.92 -9.34 -17.71
CA ASN C 154 -24.16 -9.53 -16.28
C ASN C 154 -23.94 -8.24 -15.49
N ALA C 155 -24.05 -7.08 -16.17
CA ALA C 155 -23.89 -5.76 -15.59
C ALA C 155 -22.49 -5.61 -15.02
N SER C 156 -22.29 -4.69 -14.07
CA SER C 156 -21.02 -4.48 -13.39
C SER C 156 -21.04 -5.12 -12.01
N CYS C 157 -19.85 -5.21 -11.39
CA CYS C 157 -19.79 -5.64 -10.00
C CYS C 157 -20.61 -4.72 -9.11
N THR C 158 -20.55 -3.40 -9.35
CA THR C 158 -21.25 -2.44 -8.50
C THR C 158 -22.76 -2.57 -8.66
N THR C 159 -23.25 -2.77 -9.88
CA THR C 159 -24.69 -2.99 -10.07
C THR C 159 -25.15 -4.25 -9.35
N ASN C 160 -24.33 -5.31 -9.37
CA ASN C 160 -24.71 -6.52 -8.64
C ASN C 160 -24.74 -6.31 -7.13
N CYS C 161 -24.01 -5.34 -6.59
CA CYS C 161 -24.12 -5.09 -5.15
C CYS C 161 -25.30 -4.16 -4.85
N LEU C 162 -25.47 -3.12 -5.65
CA LEU C 162 -26.51 -2.13 -5.37
C LEU C 162 -27.91 -2.67 -5.65
N ALA C 163 -28.09 -3.43 -6.74
CA ALA C 163 -29.45 -3.76 -7.17
C ALA C 163 -30.19 -4.63 -6.17
N PRO C 164 -29.59 -5.65 -5.54
CA PRO C 164 -30.32 -6.38 -4.48
C PRO C 164 -30.71 -5.51 -3.31
N ILE C 165 -29.83 -4.59 -2.91
CA ILE C 165 -30.11 -3.68 -1.81
C ILE C 165 -31.29 -2.78 -2.17
N ALA C 166 -31.25 -2.22 -3.38
CA ALA C 166 -32.31 -1.32 -3.82
C ALA C 166 -33.64 -2.05 -3.95
N ALA C 167 -33.60 -3.30 -4.43
CA ALA C 167 -34.83 -4.10 -4.53
C ALA C 167 -35.48 -4.30 -3.18
N VAL C 168 -34.69 -4.62 -2.14
CA VAL C 168 -35.28 -4.82 -0.81
C VAL C 168 -35.89 -3.52 -0.30
N LEU C 169 -35.16 -2.40 -0.43
CA LEU C 169 -35.67 -1.13 0.06
C LEU C 169 -36.89 -0.68 -0.72
N HIS C 170 -36.86 -0.89 -2.03
CA HIS C 170 -37.96 -0.41 -2.87
C HIS C 170 -39.24 -1.23 -2.65
N GLU C 171 -39.10 -2.56 -2.58
CA GLU C 171 -40.27 -3.40 -2.36
C GLU C 171 -40.87 -3.19 -0.96
N ASN C 172 -40.02 -2.96 0.04
CA ASN C 172 -40.53 -2.86 1.41
C ASN C 172 -41.02 -1.46 1.75
N PHE C 173 -40.28 -0.43 1.35
CA PHE C 173 -40.54 0.93 1.78
C PHE C 173 -40.75 1.91 0.63
N GLY C 174 -40.20 1.62 -0.55
CA GLY C 174 -40.29 2.52 -1.68
C GLY C 174 -39.16 3.53 -1.69
N ILE C 175 -38.37 3.57 -2.76
CA ILE C 175 -37.31 4.56 -2.91
C ILE C 175 -37.87 5.71 -3.74
N VAL C 176 -37.89 6.91 -3.15
CA VAL C 176 -38.31 8.11 -3.88
C VAL C 176 -37.17 8.60 -4.78
N GLU C 177 -35.95 8.61 -4.25
CA GLU C 177 -34.76 9.07 -4.97
C GLU C 177 -33.54 8.62 -4.18
N GLY C 178 -32.42 8.38 -4.87
CA GLY C 178 -31.22 7.93 -4.19
C GLY C 178 -29.96 8.38 -4.90
N LEU C 179 -28.88 8.51 -4.13
CA LEU C 179 -27.57 8.87 -4.64
C LEU C 179 -26.56 7.93 -4.02
N MET C 180 -25.68 7.37 -4.84
CA MET C 180 -24.83 6.26 -4.42
C MET C 180 -23.37 6.63 -4.63
N THR C 181 -22.52 6.24 -3.67
CA THR C 181 -21.07 6.26 -3.84
C THR C 181 -20.56 4.84 -3.64
N THR C 182 -19.62 4.40 -4.48
CA THR C 182 -18.89 3.17 -4.16
C THR C 182 -17.41 3.49 -3.94
N VAL C 183 -16.89 3.04 -2.81
CA VAL C 183 -15.47 3.08 -2.53
C VAL C 183 -14.93 1.73 -3.01
N HIS C 184 -14.12 1.74 -4.09
CA HIS C 184 -13.87 0.57 -4.94
C HIS C 184 -12.38 0.20 -4.97
N ALA C 185 -12.09 -1.10 -4.89
CA ALA C 185 -10.71 -1.57 -4.99
C ALA C 185 -10.12 -1.27 -6.37
N LEU C 186 -8.78 -1.27 -6.42
CA LEU C 186 -8.04 -1.12 -7.68
C LEU C 186 -8.42 -2.21 -8.68
N THR C 187 -8.41 -1.87 -9.98
CA THR C 187 -8.54 -2.89 -11.02
C THR C 187 -7.47 -2.70 -12.09
N ALA C 188 -7.45 -3.65 -13.03
CA ALA C 188 -6.45 -3.72 -14.10
C ALA C 188 -6.42 -2.51 -15.00
N THR C 189 -7.50 -1.71 -15.07
CA THR C 189 -7.42 -0.53 -15.93
C THR C 189 -6.66 0.62 -15.29
N GLN C 190 -6.24 0.51 -14.07
CA GLN C 190 -5.48 1.60 -13.45
C GLN C 190 -4.00 1.30 -13.49
N PRO C 191 -3.14 2.33 -13.62
CA PRO C 191 -1.70 2.07 -13.72
C PRO C 191 -0.97 2.19 -12.40
N THR C 192 0.23 1.64 -12.34
CA THR C 192 0.99 1.73 -11.09
CA THR C 192 1.02 1.70 -11.11
C THR C 192 1.65 3.09 -10.90
N VAL C 193 1.92 3.83 -11.97
CA VAL C 193 2.49 5.17 -11.89
C VAL C 193 1.60 6.12 -12.66
N ASP C 194 1.83 7.43 -12.50
CA ASP C 194 1.09 8.42 -13.30
C ASP C 194 1.32 8.11 -14.79
N ALA C 195 0.27 7.73 -15.50
CA ALA C 195 0.45 7.23 -16.87
C ALA C 195 -0.66 7.77 -17.76
N PRO C 196 -0.60 7.59 -19.10
CA PRO C 196 -1.62 8.21 -19.95
C PRO C 196 -2.96 7.52 -19.84
N SER C 197 -4.01 8.34 -19.87
CA SER C 197 -5.38 7.83 -19.85
C SER C 197 -6.24 8.89 -20.52
N LYS C 198 -6.19 8.95 -21.86
CA LYS C 198 -6.70 10.13 -22.57
C LYS C 198 -8.19 10.32 -22.37
N LYS C 199 -8.95 9.24 -22.18
CA LYS C 199 -10.40 9.34 -21.99
C LYS C 199 -10.80 9.48 -20.53
N ASP C 200 -9.85 9.41 -19.58
CA ASP C 200 -10.16 9.51 -18.16
C ASP C 200 -8.89 9.97 -17.43
N TRP C 201 -8.65 11.29 -17.39
CA TRP C 201 -7.39 11.82 -16.86
C TRP C 201 -7.15 11.38 -15.41
N ARG C 202 -8.18 11.42 -14.56
CA ARG C 202 -7.94 11.02 -13.17
C ARG C 202 -7.53 9.55 -13.10
N GLY C 203 -8.11 8.72 -13.96
CA GLY C 203 -7.85 7.28 -14.01
C GLY C 203 -6.44 6.91 -14.48
N GLY C 204 -5.69 7.86 -15.02
CA GLY C 204 -4.29 7.60 -15.28
C GLY C 204 -3.35 7.83 -14.11
N ARG C 205 -3.83 8.43 -13.02
CA ARG C 205 -2.92 8.76 -11.92
C ARG C 205 -2.61 7.50 -11.11
N ALA C 206 -1.43 7.50 -10.47
CA ALA C 206 -0.91 6.31 -9.79
C ALA C 206 -1.95 5.67 -8.85
N ALA C 207 -2.27 4.39 -9.11
CA ALA C 207 -3.40 3.76 -8.43
C ALA C 207 -3.15 3.58 -6.95
N GLY C 208 -1.93 3.21 -6.58
CA GLY C 208 -1.64 2.82 -5.22
C GLY C 208 -1.47 3.96 -4.23
N TYR C 209 -1.46 5.23 -4.68
CA TYR C 209 -1.11 6.38 -3.83
C TYR C 209 -2.11 7.52 -3.98
N ASN C 210 -3.37 7.19 -4.32
CA ASN C 210 -4.38 8.21 -4.54
C ASN C 210 -5.77 7.67 -4.26
N ILE C 211 -6.61 8.52 -3.66
CA ILE C 211 -8.07 8.40 -3.82
C ILE C 211 -8.44 9.04 -5.15
N ILE C 212 -9.15 8.31 -5.99
CA ILE C 212 -9.35 8.72 -7.39
C ILE C 212 -10.82 8.73 -7.76
N PRO C 213 -11.45 9.90 -7.88
CA PRO C 213 -12.85 9.94 -8.32
C PRO C 213 -13.04 9.30 -9.68
N SER C 214 -14.14 8.59 -9.83
CA SER C 214 -14.35 7.80 -11.03
C SER C 214 -15.84 7.77 -11.34
N SER C 215 -16.15 7.49 -12.59
CA SER C 215 -17.54 7.43 -13.04
C SER C 215 -18.06 6.00 -13.01
N THR C 216 -19.36 5.87 -12.82
CA THR C 216 -19.99 4.56 -12.81
C THR C 216 -21.44 4.73 -13.21
N GLY C 217 -21.92 3.85 -14.08
CA GLY C 217 -23.30 3.93 -14.51
C GLY C 217 -24.19 2.99 -13.73
N ALA C 218 -23.68 2.52 -12.58
CA ALA C 218 -24.35 1.46 -11.86
C ALA C 218 -25.68 1.92 -11.27
N ALA C 219 -25.73 3.15 -10.74
CA ALA C 219 -26.97 3.61 -10.13
C ALA C 219 -28.04 3.84 -11.20
N LYS C 220 -27.65 4.37 -12.37
CA LYS C 220 -28.56 4.39 -13.51
C LYS C 220 -28.97 2.98 -13.93
N ALA C 221 -28.01 2.08 -14.06
CA ALA C 221 -28.31 0.73 -14.55
C ALA C 221 -29.32 0.00 -13.67
N VAL C 222 -29.42 0.37 -12.39
CA VAL C 222 -30.44 -0.23 -11.53
C VAL C 222 -31.82 -0.01 -12.12
N GLY C 223 -32.01 1.11 -12.82
CA GLY C 223 -33.25 1.37 -13.53
C GLY C 223 -33.50 0.49 -14.74
N LEU C 224 -32.47 -0.17 -15.28
CA LEU C 224 -32.70 -1.17 -16.32
C LEU C 224 -33.20 -2.49 -15.73
N VAL C 225 -32.62 -2.90 -14.61
CA VAL C 225 -32.99 -4.17 -14.00
C VAL C 225 -34.15 -4.04 -13.00
N ILE C 226 -34.45 -2.83 -12.54
CA ILE C 226 -35.64 -2.52 -11.74
C ILE C 226 -36.32 -1.36 -12.45
N PRO C 227 -37.19 -1.62 -13.42
CA PRO C 227 -37.68 -0.54 -14.29
C PRO C 227 -38.36 0.61 -13.56
N SER C 228 -39.04 0.35 -12.44
CA SER C 228 -39.68 1.46 -11.75
C SER C 228 -38.69 2.43 -11.13
N LEU C 229 -37.41 2.07 -11.04
CA LEU C 229 -36.40 2.98 -10.50
C LEU C 229 -35.68 3.75 -11.59
N ASN C 230 -36.15 3.67 -12.84
CA ASN C 230 -35.54 4.43 -13.92
C ASN C 230 -35.55 5.92 -13.60
N GLY C 231 -34.40 6.56 -13.72
CA GLY C 231 -34.27 7.97 -13.45
C GLY C 231 -34.27 8.36 -11.98
N LYS C 232 -34.33 7.40 -11.06
CA LYS C 232 -34.47 7.76 -9.66
C LYS C 232 -33.16 7.65 -8.87
N LEU C 233 -32.08 7.13 -9.45
CA LEU C 233 -30.79 7.00 -8.79
CA LEU C 233 -30.79 7.05 -8.78
C LEU C 233 -29.66 7.41 -9.72
N THR C 234 -28.61 8.00 -9.16
CA THR C 234 -27.36 8.18 -9.88
C THR C 234 -26.24 8.13 -8.83
N GLY C 235 -24.99 8.23 -9.27
CA GLY C 235 -23.92 8.06 -8.30
C GLY C 235 -22.56 8.22 -8.93
N MET C 236 -21.53 7.93 -8.12
CA MET C 236 -20.15 7.99 -8.58
CA MET C 236 -20.12 8.11 -8.47
C MET C 236 -19.29 7.06 -7.74
N ALA C 237 -17.98 7.06 -8.01
CA ALA C 237 -17.08 6.11 -7.36
C ALA C 237 -15.80 6.81 -6.92
N PHE C 238 -15.15 6.26 -5.90
CA PHE C 238 -13.77 6.59 -5.55
C PHE C 238 -12.96 5.29 -5.59
N ARG C 239 -11.90 5.27 -6.42
CA ARG C 239 -10.96 4.14 -6.37
C ARG C 239 -9.93 4.39 -5.29
N VAL C 240 -9.68 3.37 -4.47
CA VAL C 240 -8.73 3.50 -3.36
C VAL C 240 -7.76 2.32 -3.39
N PRO C 241 -6.59 2.46 -2.76
CA PRO C 241 -5.57 1.41 -2.84
C PRO C 241 -5.86 0.18 -1.99
N THR C 242 -6.76 -0.69 -2.44
CA THR C 242 -6.89 -2.04 -1.90
C THR C 242 -6.94 -3.01 -3.07
N ALA C 243 -6.49 -4.24 -2.82
CA ALA C 243 -6.35 -5.22 -3.88
C ALA C 243 -7.70 -5.73 -4.36
N ASP C 244 -8.67 -5.82 -3.45
CA ASP C 244 -9.95 -6.43 -3.77
C ASP C 244 -10.91 -6.10 -2.64
N VAL C 245 -12.21 -6.13 -2.98
CA VAL C 245 -13.38 -5.89 -2.13
C VAL C 245 -13.71 -4.40 -2.14
N SER C 246 -14.97 -4.09 -2.37
CA SER C 246 -15.47 -2.74 -2.56
C SER C 246 -16.70 -2.56 -1.70
N VAL C 247 -17.21 -1.33 -1.59
CA VAL C 247 -18.35 -1.08 -0.71
C VAL C 247 -19.27 -0.05 -1.34
N VAL C 248 -20.57 -0.29 -1.27
CA VAL C 248 -21.59 0.63 -1.74
C VAL C 248 -22.11 1.42 -0.54
N ASP C 249 -22.28 2.72 -0.75
CA ASP C 249 -22.76 3.67 0.25
C ASP C 249 -23.96 4.32 -0.44
N LEU C 250 -25.17 3.88 -0.09
CA LEU C 250 -26.39 4.34 -0.76
C LEU C 250 -27.19 5.23 0.19
N THR C 251 -27.40 6.48 -0.22
CA THR C 251 -28.18 7.46 0.53
C THR C 251 -29.49 7.62 -0.20
N CYS C 252 -30.62 7.25 0.44
CA CYS C 252 -31.87 7.40 -0.26
CA CYS C 252 -31.93 7.19 -0.18
C CYS C 252 -32.96 7.92 0.67
N ARG C 253 -33.97 8.47 0.00
CA ARG C 253 -35.19 8.93 0.63
C ARG C 253 -36.26 7.89 0.37
N LEU C 254 -36.99 7.52 1.42
CA LEU C 254 -37.98 6.46 1.35
C LEU C 254 -39.38 7.04 1.35
N GLU C 255 -40.31 6.31 0.71
CA GLU C 255 -41.70 6.74 0.67
C GLU C 255 -42.41 6.47 1.99
N LYS C 256 -42.59 5.20 2.34
CA LYS C 256 -43.11 4.81 3.65
C LYS C 256 -42.04 4.95 4.72
N PRO C 257 -42.42 5.12 5.99
CA PRO C 257 -41.41 5.19 7.06
C PRO C 257 -40.75 3.84 7.28
N ALA C 258 -39.48 3.87 7.69
CA ALA C 258 -38.75 2.65 7.99
C ALA C 258 -37.76 2.94 9.10
N THR C 259 -38.02 2.39 10.29
CA THR C 259 -37.02 2.49 11.36
C THR C 259 -35.79 1.68 10.98
N LYS C 260 -34.65 1.99 11.62
CA LYS C 260 -33.46 1.19 11.38
C LYS C 260 -33.73 -0.29 11.62
N LYS C 261 -34.52 -0.61 12.65
CA LYS C 261 -34.81 -2.01 12.95
C LYS C 261 -35.57 -2.68 11.81
N GLN C 262 -36.53 -1.97 11.21
CA GLN C 262 -37.28 -2.54 10.10
C GLN C 262 -36.40 -2.75 8.87
N ILE C 263 -35.44 -1.85 8.63
CA ILE C 263 -34.51 -2.05 7.53
C ILE C 263 -33.65 -3.28 7.80
N ASP C 264 -33.11 -3.40 9.02
CA ASP C 264 -32.32 -4.57 9.38
C ASP C 264 -33.11 -5.85 9.16
N GLU C 265 -34.36 -5.86 9.65
CA GLU C 265 -35.21 -7.05 9.56
C GLU C 265 -35.53 -7.37 8.10
N ALA C 266 -35.80 -6.34 7.27
CA ALA C 266 -36.08 -6.58 5.86
C ALA C 266 -34.87 -7.18 5.14
N MET C 267 -33.67 -6.69 5.47
CA MET C 267 -32.47 -7.23 4.84
C MET C 267 -32.20 -8.66 5.29
N LYS C 268 -32.38 -8.95 6.58
CA LYS C 268 -32.18 -10.30 7.07
C LYS C 268 -33.16 -11.28 6.42
N LYS C 269 -34.43 -10.90 6.34
CA LYS C 269 -35.41 -11.78 5.70
C LYS C 269 -35.07 -12.02 4.24
N ALA C 270 -34.61 -10.98 3.54
CA ALA C 270 -34.23 -11.17 2.15
C ALA C 270 -33.08 -12.15 2.01
N SER C 271 -32.10 -12.06 2.92
CA SER C 271 -30.93 -12.95 2.86
C SER C 271 -31.30 -14.41 3.09
N GLU C 272 -32.42 -14.68 3.76
CA GLU C 272 -32.88 -16.05 3.98
C GLU C 272 -33.82 -16.56 2.89
N SER C 273 -34.26 -15.70 1.98
CA SER C 273 -35.22 -16.10 0.96
C SER C 273 -34.54 -16.92 -0.14
N GLU C 274 -35.34 -17.77 -0.79
CA GLU C 274 -34.82 -18.51 -1.95
C GLU C 274 -34.34 -17.57 -3.04
N ARG C 275 -35.02 -16.43 -3.20
CA ARG C 275 -34.67 -15.46 -4.24
C ARG C 275 -33.24 -14.94 -4.09
N PHE C 276 -32.84 -14.59 -2.87
CA PHE C 276 -31.55 -13.94 -2.63
C PHE C 276 -30.55 -14.80 -1.87
N LYS C 277 -30.87 -16.03 -1.51
CA LYS C 277 -29.95 -16.83 -0.69
C LYS C 277 -28.61 -17.00 -1.40
N GLY C 278 -27.53 -16.61 -0.71
CA GLY C 278 -26.18 -16.64 -1.27
C GLY C 278 -25.82 -15.45 -2.12
N ILE C 279 -26.81 -14.65 -2.52
CA ILE C 279 -26.60 -13.45 -3.33
C ILE C 279 -26.53 -12.21 -2.46
N LEU C 280 -27.54 -12.03 -1.61
CA LEU C 280 -27.56 -10.96 -0.63
C LEU C 280 -27.36 -11.58 0.74
N LYS C 281 -26.29 -11.21 1.42
CA LYS C 281 -26.04 -11.68 2.78
C LYS C 281 -26.22 -10.52 3.77
N TYR C 282 -26.20 -10.88 5.05
CA TYR C 282 -26.51 -9.98 6.15
C TYR C 282 -25.44 -10.13 7.23
N THR C 283 -24.95 -9.01 7.75
CA THR C 283 -24.04 -9.09 8.89
C THR C 283 -24.39 -8.03 9.93
N GLU C 284 -24.19 -8.39 11.19
CA GLU C 284 -24.20 -7.47 12.32
C GLU C 284 -22.85 -7.40 13.04
N GLU C 285 -21.79 -7.90 12.42
CA GLU C 285 -20.49 -7.90 13.08
C GLU C 285 -19.65 -6.70 12.64
N GLU C 286 -18.53 -6.50 13.34
CA GLU C 286 -17.65 -5.34 13.13
C GLU C 286 -16.63 -5.63 12.01
N VAL C 287 -17.15 -5.78 10.80
CA VAL C 287 -16.34 -6.28 9.69
C VAL C 287 -15.58 -5.15 9.02
N VAL C 288 -14.49 -5.51 8.34
CA VAL C 288 -13.76 -4.61 7.46
C VAL C 288 -13.59 -5.30 6.10
N SER C 289 -12.97 -4.60 5.15
CA SER C 289 -13.05 -5.07 3.76
C SER C 289 -12.39 -6.44 3.56
N SER C 290 -11.27 -6.72 4.22
CA SER C 290 -10.62 -8.01 4.02
CA SER C 290 -10.62 -8.01 4.02
C SER C 290 -11.48 -9.18 4.47
N ASP C 291 -12.49 -8.93 5.32
CA ASP C 291 -13.33 -10.03 5.76
C ASP C 291 -14.22 -10.57 4.65
N PHE C 292 -14.31 -9.87 3.52
CA PHE C 292 -15.12 -10.32 2.39
C PHE C 292 -14.27 -10.88 1.26
N ILE C 293 -12.96 -11.04 1.46
CA ILE C 293 -12.15 -11.65 0.41
C ILE C 293 -12.57 -13.10 0.22
N HIS C 294 -12.93 -13.45 -1.02
CA HIS C 294 -13.36 -14.78 -1.40
C HIS C 294 -14.75 -15.12 -0.84
N ASP C 295 -15.58 -14.12 -0.59
CA ASP C 295 -16.97 -14.30 -0.20
C ASP C 295 -17.77 -14.12 -1.47
N SER C 296 -18.59 -15.13 -1.82
CA SER C 296 -19.18 -15.13 -3.15
C SER C 296 -20.48 -14.34 -3.21
N ALA C 297 -20.86 -13.65 -2.13
CA ALA C 297 -22.07 -12.84 -2.17
C ALA C 297 -21.96 -11.75 -3.24
N SER C 298 -23.11 -11.38 -3.84
CA SER C 298 -23.16 -10.14 -4.61
C SER C 298 -23.11 -8.92 -3.71
N SER C 299 -23.61 -9.06 -2.49
CA SER C 299 -23.88 -7.92 -1.64
C SER C 299 -24.06 -8.41 -0.23
N THR C 300 -23.34 -7.80 0.73
CA THR C 300 -23.55 -8.07 2.15
C THR C 300 -23.94 -6.77 2.85
N TYR C 301 -25.16 -6.73 3.38
CA TYR C 301 -25.66 -5.56 4.10
C TYR C 301 -24.98 -5.45 5.46
N ASP C 302 -24.39 -4.30 5.74
CA ASP C 302 -23.67 -4.04 6.97
C ASP C 302 -24.61 -3.30 7.91
N SER C 303 -25.23 -4.02 8.85
CA SER C 303 -26.22 -3.39 9.70
CA SER C 303 -26.22 -3.40 9.73
C SER C 303 -25.59 -2.32 10.60
N LYS C 304 -24.46 -2.63 11.24
CA LYS C 304 -23.87 -1.68 12.19
C LYS C 304 -23.32 -0.43 11.52
N ALA C 305 -22.84 -0.54 10.29
CA ALA C 305 -22.30 0.62 9.58
C ALA C 305 -23.39 1.50 8.95
N SER C 306 -24.55 0.92 8.67
CA SER C 306 -25.63 1.68 8.05
C SER C 306 -26.27 2.59 9.09
N ILE C 307 -26.71 3.77 8.66
CA ILE C 307 -27.20 4.77 9.60
C ILE C 307 -28.43 5.47 9.02
N SER C 308 -29.32 5.91 9.90
CA SER C 308 -30.53 6.63 9.53
C SER C 308 -30.52 8.00 10.18
N LEU C 309 -30.76 9.04 9.36
CA LEU C 309 -31.05 10.34 9.94
C LEU C 309 -32.46 10.37 10.54
N ASN C 310 -33.44 9.82 9.82
CA ASN C 310 -34.82 9.73 10.30
C ASN C 310 -35.51 8.60 9.56
N ASP C 311 -36.82 8.43 9.79
CA ASP C 311 -37.52 7.26 9.23
C ASP C 311 -37.62 7.29 7.70
N HIS C 312 -37.17 8.36 7.05
CA HIS C 312 -37.32 8.54 5.62
C HIS C 312 -36.03 8.88 4.89
N PHE C 313 -34.90 8.93 5.58
CA PHE C 313 -33.65 9.39 4.97
C PHE C 313 -32.53 8.54 5.57
N VAL C 314 -31.98 7.62 4.77
CA VAL C 314 -31.11 6.56 5.27
C VAL C 314 -29.86 6.44 4.39
N LYS C 315 -28.80 5.91 5.00
CA LYS C 315 -27.57 5.56 4.30
C LYS C 315 -27.30 4.09 4.57
N VAL C 316 -27.31 3.28 3.52
CA VAL C 316 -27.15 1.83 3.64
C VAL C 316 -25.77 1.46 3.11
N VAL C 317 -25.07 0.59 3.83
CA VAL C 317 -23.71 0.20 3.50
C VAL C 317 -23.71 -1.28 3.14
N ALA C 318 -23.07 -1.62 2.02
CA ALA C 318 -23.09 -3.01 1.57
C ALA C 318 -21.77 -3.35 0.91
N TRP C 319 -21.20 -4.50 1.29
CA TRP C 319 -19.90 -4.95 0.85
C TRP C 319 -19.98 -5.91 -0.32
N TYR C 320 -18.93 -5.90 -1.16
CA TYR C 320 -18.86 -6.87 -2.25
C TYR C 320 -17.44 -7.17 -2.67
N ASP C 321 -17.12 -8.47 -2.77
CA ASP C 321 -15.89 -8.92 -3.42
C ASP C 321 -16.11 -8.75 -4.92
N ASN C 322 -15.58 -7.66 -5.47
CA ASN C 322 -15.85 -7.34 -6.87
C ASN C 322 -15.29 -8.39 -7.83
N GLU C 323 -14.27 -9.16 -7.43
CA GLU C 323 -13.79 -10.23 -8.28
C GLU C 323 -14.61 -11.51 -8.10
N TRP C 324 -14.74 -11.99 -6.86
CA TRP C 324 -15.23 -13.34 -6.67
C TRP C 324 -16.75 -13.41 -6.68
N GLY C 325 -17.46 -12.43 -6.11
CA GLY C 325 -18.90 -12.48 -6.18
C GLY C 325 -19.39 -12.41 -7.63
N TYR C 326 -18.85 -11.47 -8.38
CA TYR C 326 -19.26 -11.29 -9.77
C TYR C 326 -18.96 -12.53 -10.61
N SER C 327 -17.79 -13.15 -10.41
CA SER C 327 -17.44 -14.32 -11.20
C SER C 327 -18.41 -15.47 -10.94
N ASN C 328 -18.82 -15.64 -9.68
CA ASN C 328 -19.82 -16.66 -9.39
C ASN C 328 -21.19 -16.31 -9.97
N ARG C 329 -21.55 -15.03 -9.97
CA ARG C 329 -22.82 -14.63 -10.62
C ARG C 329 -22.81 -14.93 -12.11
N VAL C 330 -21.65 -14.77 -12.78
CA VAL C 330 -21.57 -15.10 -14.20
C VAL C 330 -22.00 -16.55 -14.43
N LEU C 331 -21.52 -17.47 -13.62
CA LEU C 331 -21.93 -18.87 -13.79
C LEU C 331 -23.39 -19.08 -13.43
N ASP C 332 -23.87 -18.41 -12.36
CA ASP C 332 -25.29 -18.51 -12.01
C ASP C 332 -26.16 -18.07 -13.19
N LEU C 333 -25.73 -17.02 -13.89
CA LEU C 333 -26.54 -16.49 -14.99
C LEU C 333 -26.54 -17.44 -16.17
N ILE C 334 -25.38 -18.01 -16.50
CA ILE C 334 -25.30 -19.04 -17.54
C ILE C 334 -26.29 -20.15 -17.23
N ILE C 335 -26.27 -20.66 -15.99
CA ILE C 335 -27.14 -21.79 -15.64
C ILE C 335 -28.61 -21.38 -15.68
N SER C 336 -28.96 -20.27 -15.05
CA SER C 336 -30.33 -19.78 -15.08
C SER C 336 -30.85 -19.69 -16.52
N THR C 337 -30.14 -18.96 -17.37
CA THR C 337 -30.63 -18.75 -18.73
C THR C 337 -30.58 -20.01 -19.58
N SER C 338 -29.67 -20.96 -19.26
CA SER C 338 -29.60 -22.19 -20.04
C SER C 338 -30.89 -23.00 -19.94
N LYS C 339 -31.67 -22.79 -18.90
CA LYS C 339 -32.95 -23.49 -18.73
C LYS C 339 -34.07 -22.88 -19.56
N VAL C 340 -33.88 -21.67 -20.09
CA VAL C 340 -34.88 -20.98 -20.88
C VAL C 340 -34.56 -21.22 -22.35
N GLN C 341 -35.36 -22.06 -23.00
CA GLN C 341 -35.16 -22.43 -24.40
C GLN C 341 -36.42 -22.20 -25.25
N MET D 9 3.76 39.92 16.63
CA MET D 9 3.85 38.47 16.78
C MET D 9 3.06 38.00 18.00
N VAL D 10 2.19 37.01 17.81
CA VAL D 10 1.52 36.32 18.91
C VAL D 10 2.43 35.18 19.35
N LYS D 11 2.69 35.09 20.66
CA LYS D 11 3.62 34.11 21.19
C LYS D 11 2.87 32.85 21.60
N VAL D 12 3.23 31.73 20.98
CA VAL D 12 2.50 30.47 21.06
C VAL D 12 3.38 29.42 21.73
N GLY D 13 2.76 28.56 22.53
CA GLY D 13 3.39 27.33 22.99
C GLY D 13 2.58 26.15 22.50
N ILE D 14 3.28 25.07 22.17
CA ILE D 14 2.67 23.87 21.60
C ILE D 14 2.81 22.73 22.58
N ASN D 15 1.70 22.14 22.98
CA ASN D 15 1.70 21.01 23.90
C ASN D 15 1.31 19.77 23.10
N GLY D 16 2.27 18.86 22.93
CA GLY D 16 2.07 17.69 22.09
C GLY D 16 2.65 17.88 20.71
N PHE D 17 3.79 17.24 20.45
CA PHE D 17 4.54 17.46 19.20
C PHE D 17 4.35 16.28 18.24
N GLY D 18 3.10 16.02 17.90
CA GLY D 18 2.73 14.97 16.96
C GLY D 18 2.55 15.50 15.56
N ARG D 19 1.73 14.81 14.77
CA ARG D 19 1.46 15.29 13.41
C ARG D 19 0.97 16.72 13.44
N ILE D 20 -0.08 16.99 14.25
CA ILE D 20 -0.67 18.32 14.31
C ILE D 20 0.31 19.31 14.92
N GLY D 21 0.84 18.98 16.10
CA GLY D 21 1.78 19.89 16.76
C GLY D 21 2.96 20.25 15.88
N ARG D 22 3.62 19.23 15.30
CA ARG D 22 4.76 19.51 14.43
C ARG D 22 4.36 20.30 13.20
N LEU D 23 3.15 20.08 12.70
CA LEU D 23 2.79 20.79 11.47
C LEU D 23 2.30 22.19 11.77
N VAL D 24 1.57 22.37 12.88
CA VAL D 24 1.35 23.72 13.39
C VAL D 24 2.67 24.47 13.44
N PHE D 25 3.73 23.80 13.88
CA PHE D 25 5.01 24.46 14.04
C PHE D 25 5.60 24.88 12.71
N ARG D 26 5.59 23.98 11.72
CA ARG D 26 6.13 24.30 10.41
C ARG D 26 5.38 25.45 9.76
N ALA D 27 4.07 25.52 9.97
CA ALA D 27 3.32 26.67 9.48
C ALA D 27 3.65 27.94 10.27
N SER D 28 3.99 27.81 11.56
CA SER D 28 4.32 28.99 12.34
C SER D 28 5.59 29.68 11.84
N LEU D 29 6.37 29.01 10.99
CA LEU D 29 7.60 29.57 10.47
C LEU D 29 7.36 30.44 9.25
N GLU D 30 6.15 30.43 8.69
CA GLU D 30 5.86 31.11 7.44
C GLU D 30 4.95 32.32 7.61
N ARG D 31 4.73 32.78 8.84
CA ARG D 31 3.96 34.00 9.06
C ARG D 31 4.60 34.79 10.20
N THR D 32 4.59 36.11 10.06
CA THR D 32 5.30 36.96 11.02
C THR D 32 4.45 37.33 12.22
N ASP D 33 3.17 36.98 12.25
CA ASP D 33 2.32 37.33 13.38
C ASP D 33 2.23 36.22 14.43
N VAL D 34 2.83 35.06 14.15
CA VAL D 34 2.81 33.92 15.06
C VAL D 34 4.24 33.42 15.23
N GLU D 35 4.66 33.23 16.49
CA GLU D 35 5.98 32.71 16.80
C GLU D 35 5.85 31.70 17.93
N VAL D 36 6.27 30.47 17.66
CA VAL D 36 6.25 29.41 18.67
C VAL D 36 7.51 29.51 19.52
N VAL D 37 7.34 29.75 20.82
CA VAL D 37 8.46 29.96 21.73
C VAL D 37 8.65 28.80 22.71
N ALA D 38 7.78 27.81 22.72
CA ALA D 38 7.93 26.71 23.68
C ALA D 38 7.16 25.48 23.20
N ILE D 39 7.73 24.30 23.47
CA ILE D 39 7.19 23.03 23.02
C ILE D 39 7.30 22.03 24.17
N ASN D 40 6.23 21.30 24.45
CA ASN D 40 6.22 20.24 25.45
C ASN D 40 5.85 18.91 24.81
N ASP D 41 6.65 17.87 25.06
CA ASP D 41 6.33 16.53 24.60
C ASP D 41 7.11 15.53 25.45
N ILE D 42 6.40 14.56 26.04
CA ILE D 42 7.02 13.65 27.01
C ILE D 42 7.62 12.42 26.37
N MET D 43 7.62 12.33 25.04
CA MET D 43 8.20 11.19 24.35
C MET D 43 9.43 11.58 23.54
N MET D 44 9.95 12.80 23.71
CA MET D 44 11.07 13.28 22.93
C MET D 44 12.01 14.09 23.80
N THR D 45 13.22 14.28 23.28
CA THR D 45 14.25 15.18 23.77
C THR D 45 14.55 16.17 22.64
N PRO D 46 15.25 17.28 22.91
CA PRO D 46 15.47 18.27 21.85
C PRO D 46 16.19 17.74 20.62
N ASP D 47 17.20 16.89 20.79
CA ASP D 47 17.90 16.37 19.62
C ASP D 47 17.00 15.51 18.76
N TYR D 48 16.07 14.78 19.38
CA TYR D 48 15.09 14.01 18.63
C TYR D 48 14.07 14.94 17.96
N MET D 49 13.64 15.97 18.68
CA MET D 49 12.66 16.91 18.11
CA MET D 49 12.67 16.91 18.12
C MET D 49 13.14 17.49 16.79
N ILE D 50 14.42 17.88 16.71
CA ILE D 50 14.85 18.53 15.47
C ILE D 50 14.95 17.55 14.33
N TYR D 51 15.17 16.26 14.62
CA TYR D 51 15.11 15.25 13.57
C TYR D 51 13.69 15.09 13.04
N MET D 52 12.69 15.11 13.92
CA MET D 52 11.32 14.97 13.46
C MET D 52 10.85 16.21 12.72
N ILE D 53 11.38 17.38 13.08
CA ILE D 53 11.12 18.60 12.30
C ILE D 53 11.76 18.50 10.92
N LYS D 54 12.97 17.96 10.84
CA LYS D 54 13.73 18.00 9.60
C LYS D 54 13.10 17.11 8.53
N TYR D 55 12.74 15.88 8.87
CA TYR D 55 12.27 14.89 7.91
C TYR D 55 10.80 14.57 8.16
N ASP D 56 10.02 14.54 7.09
CA ASP D 56 8.60 14.24 7.16
C ASP D 56 8.19 13.44 5.93
N SER D 57 7.60 12.26 6.15
CA SER D 57 7.24 11.35 5.08
C SER D 57 6.15 11.90 4.14
N VAL D 58 5.34 12.85 4.58
CA VAL D 58 4.27 13.43 3.75
C VAL D 58 4.67 14.79 3.19
N HIS D 59 5.24 15.64 4.03
CA HIS D 59 5.41 17.06 3.71
C HIS D 59 6.85 17.42 3.38
N GLY D 60 7.74 16.44 3.31
CA GLY D 60 9.08 16.68 2.84
C GLY D 60 10.02 17.25 3.88
N LYS D 61 11.24 17.53 3.40
CA LYS D 61 12.33 17.96 4.25
C LYS D 61 12.27 19.45 4.53
N PHE D 62 12.57 19.83 5.76
CA PHE D 62 12.77 21.22 6.15
C PHE D 62 14.26 21.52 6.12
N ASN D 63 14.65 22.59 5.43
CA ASN D 63 16.07 22.79 5.13
C ASN D 63 16.69 23.97 5.88
N GLY D 64 16.01 24.51 6.88
CA GLY D 64 16.61 25.54 7.70
C GLY D 64 17.59 24.97 8.71
N LYS D 65 18.29 25.87 9.41
CA LYS D 65 19.24 25.45 10.42
C LYS D 65 18.51 24.87 11.61
N LEU D 66 19.01 23.75 12.13
CA LEU D 66 18.44 23.08 13.30
C LEU D 66 19.55 22.75 14.28
N GLU D 67 19.42 23.25 15.50
CA GLU D 67 20.33 22.95 16.60
C GLU D 67 19.52 22.52 17.82
N TYR D 68 20.23 22.03 18.84
CA TYR D 68 19.59 21.64 20.09
C TYR D 68 20.54 21.87 21.26
N THR D 69 19.98 22.23 22.40
CA THR D 69 20.66 22.22 23.69
C THR D 69 20.04 21.13 24.56
N GLU D 70 20.33 21.18 25.86
CA GLU D 70 19.79 20.17 26.78
C GLU D 70 18.31 20.39 27.03
N ASN D 71 17.81 21.62 26.89
CA ASN D 71 16.40 21.91 27.17
C ASN D 71 15.79 22.88 26.16
N SER D 72 16.37 23.01 24.97
CA SER D 72 15.83 23.90 23.95
C SER D 72 16.24 23.40 22.57
N ILE D 73 15.64 24.00 21.55
CA ILE D 73 16.08 23.84 20.17
C ILE D 73 16.24 25.23 19.58
N LYS D 74 16.96 25.31 18.48
CA LYS D 74 17.15 26.57 17.77
C LYS D 74 16.85 26.33 16.30
N VAL D 75 15.90 27.08 15.75
CA VAL D 75 15.50 26.98 14.35
C VAL D 75 15.93 28.26 13.65
N ASN D 76 16.82 28.13 12.67
CA ASN D 76 17.40 29.29 11.98
C ASN D 76 17.93 30.33 12.97
N GLY D 77 18.50 29.85 14.08
CA GLY D 77 19.10 30.71 15.07
C GLY D 77 18.18 31.17 16.18
N ARG D 78 16.88 30.90 16.07
CA ARG D 78 15.90 31.35 17.07
C ARG D 78 15.69 30.24 18.08
N GLU D 79 15.87 30.55 19.37
CA GLU D 79 15.82 29.54 20.42
C GLU D 79 14.38 29.31 20.89
N ILE D 80 14.02 28.04 21.04
CA ILE D 80 12.68 27.62 21.46
C ILE D 80 12.85 26.67 22.65
N HIS D 81 12.23 27.01 23.77
CA HIS D 81 12.37 26.21 24.98
C HIS D 81 11.55 24.92 24.87
N VAL D 82 12.09 23.85 25.46
CA VAL D 82 11.47 22.52 25.41
C VAL D 82 11.21 22.03 26.83
N PHE D 83 9.97 21.59 27.07
CA PHE D 83 9.59 20.93 28.31
C PHE D 83 9.48 19.43 28.10
N CYS D 84 9.32 18.71 29.20
CA CYS D 84 9.05 17.27 29.15
C CYS D 84 8.20 16.90 30.37
N GLU D 85 7.00 17.46 30.46
CA GLU D 85 6.10 17.25 31.57
C GLU D 85 4.79 16.63 31.11
N ARG D 86 4.33 15.60 31.83
CA ARG D 86 3.09 14.91 31.50
C ARG D 86 1.87 15.74 31.89
N GLU D 87 1.92 16.42 33.03
CA GLU D 87 0.75 17.07 33.61
C GLU D 87 0.73 18.54 33.22
N PRO D 88 -0.28 18.99 32.48
CA PRO D 88 -0.29 20.40 32.02
C PRO D 88 -0.18 21.42 33.15
N GLU D 89 -0.72 21.13 34.33
CA GLU D 89 -0.63 22.05 35.45
C GLU D 89 0.81 22.38 35.83
N LYS D 90 1.78 21.60 35.35
CA LYS D 90 3.17 21.76 35.71
C LYS D 90 4.00 22.45 34.62
N LEU D 91 3.37 23.18 33.72
CA LEU D 91 4.08 23.83 32.61
C LEU D 91 4.11 25.34 32.79
N PRO D 92 5.27 25.94 33.06
CA PRO D 92 5.38 27.41 33.28
C PRO D 92 5.41 28.21 31.99
N TRP D 93 4.28 28.21 31.28
CA TRP D 93 4.17 28.86 29.99
C TRP D 93 4.51 30.35 30.07
N GLY D 94 3.99 31.02 31.10
CA GLY D 94 4.14 32.47 31.22
C GLY D 94 5.58 32.93 31.34
N GLN D 95 6.47 32.06 31.80
CA GLN D 95 7.88 32.42 31.88
C GLN D 95 8.44 32.81 30.52
N TYR D 96 7.97 32.15 29.46
CA TYR D 96 8.48 32.38 28.12
C TYR D 96 7.56 33.27 27.28
N GLY D 97 6.65 34.00 27.93
CA GLY D 97 5.81 34.94 27.23
C GLY D 97 4.68 34.33 26.43
N VAL D 98 4.30 33.09 26.73
CA VAL D 98 3.29 32.39 25.95
C VAL D 98 1.93 33.04 26.17
N GLU D 99 1.28 33.43 25.07
CA GLU D 99 -0.07 33.98 25.11
C GLU D 99 -1.12 32.89 24.87
N TYR D 100 -0.99 32.17 23.75
CA TYR D 100 -1.84 31.04 23.41
C TYR D 100 -1.07 29.73 23.55
N VAL D 101 -1.73 28.70 24.09
CA VAL D 101 -1.19 27.34 24.09
C VAL D 101 -2.03 26.48 23.16
N VAL D 102 -1.37 25.82 22.22
CA VAL D 102 -2.00 24.85 21.33
C VAL D 102 -1.97 23.49 22.02
N GLU D 103 -3.15 22.91 22.27
CA GLU D 103 -3.29 21.64 22.99
C GLU D 103 -3.50 20.53 21.95
N SER D 104 -2.40 19.85 21.59
CA SER D 104 -2.42 18.89 20.50
C SER D 104 -1.87 17.54 20.93
N THR D 105 -2.03 17.19 22.21
CA THR D 105 -1.64 15.86 22.66
C THR D 105 -2.61 14.78 22.19
N GLY D 106 -3.89 15.12 22.07
CA GLY D 106 -4.90 14.13 21.81
C GLY D 106 -5.41 13.42 23.03
N VAL D 107 -5.07 13.88 24.23
CA VAL D 107 -5.47 13.20 25.46
C VAL D 107 -6.02 14.19 26.48
N PHE D 108 -6.15 15.46 26.09
CA PHE D 108 -6.70 16.47 26.98
C PHE D 108 -7.85 17.23 26.32
N THR D 109 -8.63 16.52 25.49
CA THR D 109 -9.72 17.12 24.73
C THR D 109 -10.95 17.40 25.60
N LYS D 110 -10.73 17.78 26.85
CA LYS D 110 -11.80 18.11 27.77
C LYS D 110 -11.53 19.48 28.37
N LEU D 111 -12.58 20.09 28.92
CA LEU D 111 -12.45 21.46 29.43
C LEU D 111 -11.55 21.49 30.66
N ASP D 112 -11.75 20.58 31.61
CA ASP D 112 -11.05 20.67 32.89
C ASP D 112 -9.56 20.40 32.72
N THR D 113 -9.19 19.49 31.82
CA THR D 113 -7.78 19.16 31.64
C THR D 113 -7.03 20.24 30.87
N ALA D 114 -7.68 20.84 29.85
CA ALA D 114 -7.04 21.88 29.07
C ALA D 114 -6.98 23.22 29.80
N SER D 115 -7.86 23.43 30.80
CA SER D 115 -7.79 24.63 31.62
C SER D 115 -6.52 24.69 32.47
N LYS D 116 -5.85 23.55 32.67
CA LYS D 116 -4.67 23.52 33.51
C LYS D 116 -3.55 24.40 32.97
N HIS D 117 -3.48 24.57 31.65
CA HIS D 117 -2.42 25.39 31.07
C HIS D 117 -2.45 26.84 31.57
N LEU D 118 -3.62 27.31 32.02
CA LEU D 118 -3.72 28.69 32.48
C LEU D 118 -3.00 28.90 33.81
N LYS D 119 -2.85 27.85 34.61
CA LYS D 119 -2.21 27.99 35.92
C LYS D 119 -0.74 28.36 35.77
N GLY D 120 -0.13 28.01 34.65
CA GLY D 120 1.26 28.33 34.39
C GLY D 120 1.48 29.67 33.75
N GLY D 121 0.43 30.44 33.48
CA GLY D 121 0.57 31.78 32.96
C GLY D 121 0.16 31.98 31.52
N ALA D 122 -0.39 30.96 30.86
CA ALA D 122 -0.94 31.13 29.53
C ALA D 122 -2.28 31.84 29.61
N LYS D 123 -2.54 32.72 28.65
CA LYS D 123 -3.76 33.52 28.64
C LYS D 123 -4.94 32.79 28.00
N ARG D 124 -4.69 32.04 26.92
CA ARG D 124 -5.76 31.34 26.20
C ARG D 124 -5.26 30.02 25.66
N VAL D 125 -6.18 29.07 25.50
CA VAL D 125 -5.86 27.73 25.02
C VAL D 125 -6.74 27.40 23.82
N VAL D 126 -6.14 26.83 22.79
CA VAL D 126 -6.85 26.27 21.64
C VAL D 126 -6.61 24.77 21.64
N ILE D 127 -7.67 24.00 21.85
CA ILE D 127 -7.60 22.54 21.73
C ILE D 127 -7.71 22.16 20.26
N SER D 128 -6.82 21.27 19.80
CA SER D 128 -6.78 20.88 18.40
C SER D 128 -7.65 19.65 18.13
N ALA D 129 -8.85 19.61 18.69
CA ALA D 129 -9.79 18.50 18.53
C ALA D 129 -11.15 18.96 19.06
N PRO D 130 -12.23 18.25 18.72
CA PRO D 130 -13.51 18.54 19.36
C PRO D 130 -13.40 18.43 20.88
N ALA D 131 -14.18 19.26 21.58
CA ALA D 131 -14.06 19.32 23.04
C ALA D 131 -15.33 19.90 23.64
N ASP D 132 -15.46 19.75 24.96
CA ASP D 132 -16.57 20.31 25.73
C ASP D 132 -16.29 21.75 26.09
N THR D 133 -15.99 22.57 25.08
CA THR D 133 -15.62 23.97 25.16
C THR D 133 -16.25 24.68 23.96
N PRO D 134 -16.20 26.01 23.89
CA PRO D 134 -16.63 26.69 22.65
C PRO D 134 -15.86 26.19 21.43
N THR D 135 -16.61 25.93 20.36
CA THR D 135 -16.10 25.28 19.14
C THR D 135 -16.10 26.27 17.99
N PHE D 136 -15.04 26.25 17.17
CA PHE D 136 -14.88 27.28 16.15
C PHE D 136 -14.39 26.70 14.83
N VAL D 137 -14.83 27.33 13.75
CA VAL D 137 -14.43 26.98 12.39
C VAL D 137 -14.21 28.30 11.64
N MET D 138 -12.98 28.53 11.19
CA MET D 138 -12.65 29.74 10.45
C MET D 138 -13.55 29.86 9.23
N GLY D 139 -14.09 31.06 9.03
CA GLY D 139 -14.99 31.34 7.93
C GLY D 139 -16.45 31.12 8.25
N VAL D 140 -16.76 30.38 9.30
CA VAL D 140 -18.12 30.03 9.66
C VAL D 140 -18.58 30.76 10.92
N ASN D 141 -17.77 30.72 11.97
CA ASN D 141 -18.21 31.35 13.22
C ASN D 141 -17.08 31.92 14.07
N ASN D 142 -15.93 32.28 13.49
CA ASN D 142 -14.83 32.76 14.34
C ASN D 142 -15.11 34.13 14.94
N HIS D 143 -16.02 34.90 14.36
CA HIS D 143 -16.38 36.18 14.94
C HIS D 143 -17.37 36.06 16.09
N GLU D 144 -17.86 34.84 16.37
CA GLU D 144 -18.62 34.53 17.57
C GLU D 144 -17.77 34.56 18.83
N PHE D 145 -16.46 34.77 18.70
CA PHE D 145 -15.56 34.68 19.85
C PHE D 145 -15.66 35.92 20.73
N LYS D 146 -15.65 35.70 22.04
CA LYS D 146 -15.67 36.70 23.08
C LYS D 146 -14.52 36.45 24.04
N PRO D 147 -13.97 37.49 24.66
CA PRO D 147 -12.75 37.31 25.48
C PRO D 147 -12.97 36.49 26.73
N GLU D 148 -14.22 36.28 27.17
CA GLU D 148 -14.46 35.43 28.33
C GLU D 148 -14.06 33.98 28.08
N MET D 149 -13.90 33.58 26.81
CA MET D 149 -13.66 32.18 26.47
C MET D 149 -12.15 31.94 26.38
N THR D 150 -11.54 31.73 27.55
CA THR D 150 -10.12 31.47 27.67
C THR D 150 -9.72 30.09 27.16
N VAL D 151 -10.67 29.19 26.91
CA VAL D 151 -10.39 27.87 26.36
C VAL D 151 -11.39 27.61 25.24
N ILE D 152 -10.89 27.31 24.04
CA ILE D 152 -11.72 27.02 22.87
C ILE D 152 -11.10 25.84 22.12
N ASN D 153 -11.85 25.32 21.14
CA ASN D 153 -11.36 24.26 20.28
C ASN D 153 -11.64 24.63 18.82
N ASN D 154 -10.83 24.03 17.94
CA ASN D 154 -10.90 24.28 16.51
C ASN D 154 -11.66 23.19 15.77
N ALA D 155 -12.52 22.45 16.46
CA ALA D 155 -13.30 21.33 15.90
C ALA D 155 -12.34 20.27 15.37
N SER D 156 -12.76 19.50 14.36
CA SER D 156 -11.96 18.48 13.70
C SER D 156 -11.59 18.93 12.29
N CYS D 157 -10.70 18.16 11.65
CA CYS D 157 -10.37 18.44 10.26
C CYS D 157 -11.57 18.19 9.34
N THR D 158 -12.37 17.16 9.64
CA THR D 158 -13.53 16.89 8.77
C THR D 158 -14.61 17.97 8.94
N THR D 159 -14.83 18.43 10.17
CA THR D 159 -15.78 19.53 10.37
C THR D 159 -15.32 20.79 9.64
N ASN D 160 -14.01 21.04 9.60
CA ASN D 160 -13.49 22.21 8.90
C ASN D 160 -13.64 22.07 7.39
N CYS D 161 -13.67 20.85 6.88
CA CYS D 161 -13.99 20.66 5.47
C CYS D 161 -15.49 20.82 5.23
N LEU D 162 -16.31 20.18 6.06
CA LEU D 162 -17.75 20.15 5.83
C LEU D 162 -18.41 21.52 6.04
N ALA D 163 -18.13 22.18 7.16
CA ALA D 163 -18.89 23.37 7.54
C ALA D 163 -18.89 24.48 6.48
N PRO D 164 -17.77 24.81 5.82
CA PRO D 164 -17.86 25.81 4.74
C PRO D 164 -18.76 25.37 3.59
N ILE D 165 -18.67 24.11 3.18
CA ILE D 165 -19.56 23.60 2.14
C ILE D 165 -21.00 23.73 2.59
N ALA D 166 -21.27 23.34 3.85
CA ALA D 166 -22.64 23.41 4.34
C ALA D 166 -23.14 24.84 4.38
N ALA D 167 -22.29 25.77 4.81
CA ALA D 167 -22.70 27.17 4.91
C ALA D 167 -23.12 27.71 3.55
N VAL D 168 -22.33 27.42 2.51
CA VAL D 168 -22.63 27.92 1.17
C VAL D 168 -23.96 27.34 0.68
N LEU D 169 -24.14 26.02 0.83
CA LEU D 169 -25.39 25.41 0.39
C LEU D 169 -26.58 25.93 1.20
N HIS D 170 -26.41 26.00 2.52
CA HIS D 170 -27.54 26.39 3.38
C HIS D 170 -27.91 27.85 3.17
N GLU D 171 -26.92 28.74 3.05
CA GLU D 171 -27.23 30.15 2.86
C GLU D 171 -27.86 30.44 1.50
N ASN D 172 -27.48 29.70 0.47
CA ASN D 172 -28.00 29.96 -0.88
C ASN D 172 -29.32 29.24 -1.14
N PHE D 173 -29.45 28.00 -0.69
CA PHE D 173 -30.58 27.16 -1.08
C PHE D 173 -31.32 26.53 0.10
N GLY D 174 -30.70 26.48 1.27
CA GLY D 174 -31.31 25.82 2.41
C GLY D 174 -31.14 24.31 2.38
N ILE D 175 -30.52 23.76 3.42
CA ILE D 175 -30.33 22.31 3.56
C ILE D 175 -31.48 21.78 4.40
N VAL D 176 -32.31 20.96 3.79
CA VAL D 176 -33.42 20.36 4.53
C VAL D 176 -32.89 19.27 5.45
N GLU D 177 -32.00 18.44 4.93
CA GLU D 177 -31.38 17.34 5.64
C GLU D 177 -30.24 16.82 4.78
N GLY D 178 -29.24 16.23 5.41
CA GLY D 178 -28.15 15.66 4.65
C GLY D 178 -27.46 14.54 5.39
N LEU D 179 -26.81 13.67 4.61
CA LEU D 179 -25.99 12.57 5.12
C LEU D 179 -24.63 12.68 4.48
N MET D 180 -23.58 12.52 5.29
CA MET D 180 -22.22 12.76 4.87
C MET D 180 -21.38 11.49 5.02
N THR D 181 -20.51 11.24 4.04
CA THR D 181 -19.47 10.22 4.14
C THR D 181 -18.14 10.93 3.93
N THR D 182 -17.15 10.65 4.78
CA THR D 182 -15.79 11.08 4.49
C THR D 182 -14.94 9.85 4.21
N VAL D 183 -14.22 9.89 3.07
CA VAL D 183 -13.23 8.87 2.74
C VAL D 183 -11.91 9.46 3.22
N HIS D 184 -11.36 8.88 4.29
CA HIS D 184 -10.34 9.54 5.11
C HIS D 184 -9.02 8.77 5.07
N ALA D 185 -7.93 9.53 4.99
CA ALA D 185 -6.60 8.94 5.04
C ALA D 185 -6.32 8.32 6.41
N LEU D 186 -5.25 7.54 6.47
CA LEU D 186 -4.80 6.93 7.72
C LEU D 186 -4.41 7.98 8.76
N THR D 187 -4.67 7.67 10.03
CA THR D 187 -4.14 8.48 11.12
C THR D 187 -3.46 7.60 12.16
N ALA D 188 -2.77 8.29 13.07
CA ALA D 188 -1.92 7.67 14.07
C ALA D 188 -2.65 6.69 14.98
N THR D 189 -3.97 6.82 15.15
CA THR D 189 -4.65 5.87 16.05
C THR D 189 -4.84 4.48 15.45
N GLN D 190 -4.58 4.30 14.16
CA GLN D 190 -4.74 3.03 13.46
C GLN D 190 -3.45 2.22 13.50
N PRO D 191 -3.51 0.91 13.76
CA PRO D 191 -2.30 0.08 13.81
C PRO D 191 -1.93 -0.50 12.45
N THR D 192 -0.67 -0.92 12.33
CA THR D 192 -0.19 -1.47 11.06
C THR D 192 -0.63 -2.92 10.83
N VAL D 193 -0.98 -3.63 11.90
CA VAL D 193 -1.43 -5.03 11.86
C VAL D 193 -2.67 -5.12 12.74
N ASP D 194 -3.45 -6.20 12.57
CA ASP D 194 -4.62 -6.40 13.42
C ASP D 194 -4.20 -6.37 14.88
N ALA D 195 -4.73 -5.43 15.65
CA ALA D 195 -4.27 -5.14 17.00
C ALA D 195 -5.45 -4.78 17.87
N PRO D 196 -5.29 -4.82 19.20
CA PRO D 196 -6.45 -4.53 20.07
C PRO D 196 -6.84 -3.06 20.02
N SER D 197 -8.14 -2.83 20.03
CA SER D 197 -8.76 -1.50 20.00
C SER D 197 -10.12 -1.66 20.67
N LYS D 198 -10.10 -1.68 22.01
CA LYS D 198 -11.26 -2.13 22.80
C LYS D 198 -12.51 -1.28 22.57
N LYS D 199 -12.34 0.00 22.24
CA LYS D 199 -13.48 0.90 22.08
C LYS D 199 -13.91 1.07 20.63
N ASP D 200 -13.20 0.43 19.70
CA ASP D 200 -13.48 0.60 18.27
C ASP D 200 -12.86 -0.63 17.59
N TRP D 201 -13.63 -1.72 17.57
CA TRP D 201 -13.10 -2.99 17.07
C TRP D 201 -12.61 -2.86 15.63
N ARG D 202 -13.43 -2.25 14.76
CA ARG D 202 -13.01 -2.11 13.35
C ARG D 202 -11.72 -1.31 13.25
N GLY D 203 -11.57 -0.29 14.10
CA GLY D 203 -10.38 0.55 14.06
C GLY D 203 -9.12 -0.13 14.53
N GLY D 204 -9.22 -1.34 15.08
CA GLY D 204 -8.03 -2.12 15.38
C GLY D 204 -7.48 -2.93 14.23
N ARG D 205 -8.21 -3.06 13.12
CA ARG D 205 -7.77 -3.90 12.03
C ARG D 205 -6.70 -3.18 11.20
N ALA D 206 -5.84 -3.98 10.56
CA ALA D 206 -4.68 -3.46 9.84
C ALA D 206 -5.04 -2.29 8.92
N ALA D 207 -4.41 -1.14 9.19
CA ALA D 207 -4.81 0.11 8.51
C ALA D 207 -4.55 0.06 7.01
N GLY D 208 -3.42 -0.52 6.62
CA GLY D 208 -2.97 -0.44 5.25
C GLY D 208 -3.59 -1.42 4.29
N TYR D 209 -4.47 -2.29 4.77
CA TYR D 209 -4.97 -3.41 3.97
C TYR D 209 -6.49 -3.55 4.10
N ASN D 210 -7.18 -2.48 4.45
CA ASN D 210 -8.61 -2.55 4.67
C ASN D 210 -9.24 -1.22 4.33
N ILE D 211 -10.45 -1.27 3.80
CA ILE D 211 -11.41 -0.17 3.94
C ILE D 211 -12.11 -0.36 5.27
N ILE D 212 -12.08 0.67 6.12
CA ILE D 212 -12.53 0.48 7.50
C ILE D 212 -13.63 1.48 7.85
N PRO D 213 -14.86 1.01 8.02
CA PRO D 213 -15.93 1.92 8.49
C PRO D 213 -15.57 2.52 9.84
N SER D 214 -15.88 3.81 9.99
CA SER D 214 -15.56 4.52 11.20
C SER D 214 -16.65 5.54 11.50
N SER D 215 -16.73 5.95 12.76
CA SER D 215 -17.70 6.96 13.13
C SER D 215 -17.05 8.34 13.10
N THR D 216 -17.88 9.37 13.06
CA THR D 216 -17.40 10.74 13.01
C THR D 216 -18.53 11.64 13.47
N GLY D 217 -18.21 12.64 14.28
CA GLY D 217 -19.20 13.59 14.71
C GLY D 217 -19.24 14.86 13.90
N ALA D 218 -18.54 14.91 12.76
CA ALA D 218 -18.41 16.16 12.02
C ALA D 218 -19.75 16.68 11.53
N ALA D 219 -20.58 15.79 10.99
CA ALA D 219 -21.87 16.25 10.49
C ALA D 219 -22.78 16.74 11.61
N LYS D 220 -22.78 16.03 12.75
CA LYS D 220 -23.54 16.52 13.90
C LYS D 220 -22.89 17.74 14.54
N ALA D 221 -21.56 17.87 14.45
CA ALA D 221 -20.91 19.03 15.02
C ALA D 221 -21.17 20.30 14.22
N VAL D 222 -21.52 20.17 12.93
CA VAL D 222 -21.83 21.33 12.12
C VAL D 222 -22.97 22.12 12.75
N GLY D 223 -23.91 21.43 13.41
CA GLY D 223 -24.97 22.09 14.16
C GLY D 223 -24.49 22.88 15.35
N LEU D 224 -23.23 22.74 15.74
CA LEU D 224 -22.68 23.58 16.79
C LEU D 224 -22.24 24.94 16.26
N VAL D 225 -21.74 25.00 15.03
CA VAL D 225 -21.26 26.25 14.45
C VAL D 225 -22.35 26.90 13.62
N ILE D 226 -23.25 26.09 13.07
CA ILE D 226 -24.42 26.59 12.35
C ILE D 226 -25.65 26.04 13.06
N PRO D 227 -26.22 26.80 13.99
CA PRO D 227 -27.28 26.23 14.86
C PRO D 227 -28.53 25.82 14.12
N SER D 228 -28.88 26.48 13.02
CA SER D 228 -30.06 26.08 12.28
C SER D 228 -29.93 24.71 11.63
N LEU D 229 -28.72 24.13 11.59
CA LEU D 229 -28.50 22.80 11.06
C LEU D 229 -28.42 21.72 12.15
N ASN D 230 -28.61 22.10 13.41
CA ASN D 230 -28.66 21.10 14.47
C ASN D 230 -29.73 20.06 14.17
N GLY D 231 -29.34 18.79 14.22
CA GLY D 231 -30.24 17.68 13.97
C GLY D 231 -30.55 17.41 12.50
N LYS D 232 -30.00 18.20 11.58
CA LYS D 232 -30.33 18.04 10.16
C LYS D 232 -29.28 17.25 9.38
N LEU D 233 -28.11 16.97 9.97
CA LEU D 233 -27.06 16.22 9.31
C LEU D 233 -26.54 15.13 10.22
N THR D 234 -26.14 14.01 9.62
CA THR D 234 -25.30 13.04 10.31
C THR D 234 -24.45 12.33 9.25
N GLY D 235 -23.57 11.43 9.68
CA GLY D 235 -22.71 10.79 8.71
C GLY D 235 -21.79 9.77 9.34
N MET D 236 -20.82 9.33 8.52
CA MET D 236 -19.89 8.26 8.86
CA MET D 236 -19.84 8.33 8.95
C MET D 236 -18.59 8.46 8.08
N ALA D 237 -17.59 7.62 8.38
CA ALA D 237 -16.31 7.64 7.68
C ALA D 237 -15.96 6.25 7.15
N PHE D 238 -15.17 6.23 6.06
CA PHE D 238 -14.37 5.05 5.69
C PHE D 238 -12.91 5.44 5.74
N ARG D 239 -12.12 4.72 6.54
CA ARG D 239 -10.66 4.88 6.51
C ARG D 239 -10.08 4.01 5.41
N VAL D 240 -9.18 4.58 4.60
CA VAL D 240 -8.63 3.86 3.45
C VAL D 240 -7.12 4.04 3.45
N PRO D 241 -6.37 3.15 2.74
CA PRO D 241 -4.90 3.23 2.81
C PRO D 241 -4.24 4.30 1.94
N THR D 242 -4.31 5.55 2.41
CA THR D 242 -3.50 6.64 1.90
C THR D 242 -2.89 7.41 3.07
N ALA D 243 -1.74 8.06 2.80
CA ALA D 243 -0.97 8.66 3.87
C ALA D 243 -1.58 9.97 4.35
N ASP D 244 -2.26 10.71 3.47
CA ASP D 244 -2.76 12.02 3.79
C ASP D 244 -3.68 12.46 2.65
N VAL D 245 -4.64 13.32 3.02
CA VAL D 245 -5.65 13.95 2.19
C VAL D 245 -6.91 13.11 2.19
N SER D 246 -8.03 13.72 2.55
CA SER D 246 -9.31 13.03 2.69
C SER D 246 -10.33 13.78 1.87
N VAL D 247 -11.52 13.20 1.70
CA VAL D 247 -12.54 13.84 0.87
C VAL D 247 -13.91 13.67 1.51
N VAL D 248 -14.70 14.73 1.47
CA VAL D 248 -16.06 14.73 1.98
C VAL D 248 -17.01 14.50 0.82
N ASP D 249 -17.99 13.65 1.07
CA ASP D 249 -19.01 13.24 0.12
C ASP D 249 -20.34 13.57 0.80
N LEU D 250 -20.92 14.73 0.47
CA LEU D 250 -22.09 15.22 1.19
C LEU D 250 -23.32 15.11 0.30
N THR D 251 -24.30 14.33 0.71
CA THR D 251 -25.56 14.17 -0.01
C THR D 251 -26.63 14.93 0.77
N CYS D 252 -27.23 15.94 0.14
CA CYS D 252 -28.22 16.72 0.85
CA CYS D 252 -28.14 16.89 0.78
C CYS D 252 -29.41 17.05 -0.04
N ARG D 253 -30.51 17.31 0.65
CA ARG D 253 -31.76 17.75 0.06
C ARG D 253 -31.84 19.27 0.25
N LEU D 254 -32.22 19.97 -0.80
CA LEU D 254 -32.22 21.43 -0.81
C LEU D 254 -33.65 21.95 -0.75
N GLU D 255 -33.84 23.02 0.02
CA GLU D 255 -35.16 23.62 0.15
CA GLU D 255 -35.16 23.62 0.15
C GLU D 255 -35.55 24.34 -1.14
N LYS D 256 -34.71 25.29 -1.59
CA LYS D 256 -34.92 25.97 -2.85
C LYS D 256 -34.20 25.22 -3.97
N PRO D 257 -34.77 25.23 -5.18
CA PRO D 257 -34.13 24.53 -6.30
C PRO D 257 -32.79 25.15 -6.67
N ALA D 258 -31.84 24.28 -7.04
CA ALA D 258 -30.52 24.72 -7.46
C ALA D 258 -30.04 23.80 -8.58
N THR D 259 -29.81 24.36 -9.76
CA THR D 259 -29.19 23.57 -10.80
C THR D 259 -27.73 23.30 -10.44
N LYS D 260 -27.12 22.36 -11.17
CA LYS D 260 -25.70 22.10 -10.99
CA LYS D 260 -25.70 22.11 -10.97
C LYS D 260 -24.87 23.36 -11.24
N LYS D 261 -25.25 24.14 -12.25
CA LYS D 261 -24.50 25.35 -12.59
C LYS D 261 -24.58 26.36 -11.46
N GLN D 262 -25.77 26.51 -10.85
CA GLN D 262 -25.92 27.45 -9.74
C GLN D 262 -25.11 27.03 -8.52
N ILE D 263 -25.01 25.72 -8.26
CA ILE D 263 -24.16 25.25 -7.17
C ILE D 263 -22.70 25.57 -7.45
N ASP D 264 -22.23 25.28 -8.67
CA ASP D 264 -20.87 25.67 -9.06
C ASP D 264 -20.66 27.17 -8.86
N GLU D 265 -21.59 27.99 -9.34
CA GLU D 265 -21.42 29.43 -9.24
C GLU D 265 -21.40 29.90 -7.79
N ALA D 266 -22.23 29.30 -6.93
CA ALA D 266 -22.22 29.70 -5.52
C ALA D 266 -20.90 29.34 -4.84
N MET D 267 -20.39 28.14 -5.11
CA MET D 267 -19.12 27.71 -4.52
C MET D 267 -17.97 28.58 -5.01
N LYS D 268 -17.96 28.90 -6.31
CA LYS D 268 -16.88 29.71 -6.86
CA LYS D 268 -16.87 29.71 -6.85
C LYS D 268 -16.90 31.11 -6.27
N LYS D 269 -18.08 31.73 -6.23
CA LYS D 269 -18.19 33.06 -5.63
C LYS D 269 -17.74 33.06 -4.17
N ALA D 270 -18.16 32.04 -3.41
CA ALA D 270 -17.74 31.92 -2.02
C ALA D 270 -16.21 31.88 -1.90
N SER D 271 -15.55 31.11 -2.77
CA SER D 271 -14.09 30.96 -2.69
C SER D 271 -13.36 32.27 -2.96
N GLU D 272 -14.03 33.24 -3.59
CA GLU D 272 -13.44 34.54 -3.88
C GLU D 272 -13.83 35.61 -2.86
N SER D 273 -14.74 35.30 -1.94
CA SER D 273 -15.11 36.27 -0.92
C SER D 273 -14.00 36.40 0.11
N GLU D 274 -13.94 37.56 0.79
CA GLU D 274 -12.96 37.72 1.85
C GLU D 274 -13.23 36.78 3.02
N ARG D 275 -14.51 36.48 3.27
CA ARG D 275 -14.89 35.55 4.32
C ARG D 275 -14.17 34.21 4.18
N PHE D 276 -14.10 33.68 2.97
CA PHE D 276 -13.60 32.32 2.73
C PHE D 276 -12.28 32.25 1.96
N LYS D 277 -11.65 33.37 1.61
CA LYS D 277 -10.39 33.32 0.87
C LYS D 277 -9.34 32.51 1.61
N GLY D 278 -8.76 31.52 0.92
CA GLY D 278 -7.83 30.61 1.54
C GLY D 278 -8.45 29.47 2.32
N ILE D 279 -9.75 29.53 2.62
CA ILE D 279 -10.38 28.55 3.48
C ILE D 279 -11.15 27.56 2.62
N LEU D 280 -12.05 28.07 1.80
CA LEU D 280 -12.78 27.28 0.81
C LEU D 280 -12.24 27.65 -0.55
N LYS D 281 -11.75 26.66 -1.29
CA LYS D 281 -11.24 26.82 -2.63
C LYS D 281 -12.14 26.09 -3.62
N TYR D 282 -11.88 26.33 -4.90
CA TYR D 282 -12.74 25.84 -5.97
C TYR D 282 -11.86 25.26 -7.06
N THR D 283 -12.27 24.12 -7.62
CA THR D 283 -11.54 23.53 -8.72
C THR D 283 -12.49 22.97 -9.75
N GLU D 284 -12.06 23.05 -11.01
CA GLU D 284 -12.67 22.36 -12.15
C GLU D 284 -11.67 21.44 -12.83
N GLU D 285 -10.55 21.12 -12.18
CA GLU D 285 -9.55 20.27 -12.81
C GLU D 285 -9.74 18.81 -12.41
N GLU D 286 -9.07 17.92 -13.15
CA GLU D 286 -9.14 16.47 -12.96
C GLU D 286 -8.20 16.01 -11.84
N VAL D 287 -8.48 16.49 -10.61
CA VAL D 287 -7.58 16.31 -9.48
C VAL D 287 -7.77 14.93 -8.87
N VAL D 288 -6.72 14.44 -8.21
CA VAL D 288 -6.80 13.28 -7.34
C VAL D 288 -6.17 13.66 -5.99
N SER D 289 -6.22 12.76 -5.00
CA SER D 289 -5.92 13.17 -3.63
C SER D 289 -4.51 13.74 -3.46
N SER D 290 -3.50 13.16 -4.12
CA SER D 290 -2.14 13.64 -3.89
CA SER D 290 -2.14 13.64 -3.88
C SER D 290 -1.96 15.10 -4.31
N ASP D 291 -2.83 15.61 -5.16
CA ASP D 291 -2.72 16.99 -5.60
C ASP D 291 -3.00 17.98 -4.50
N PHE D 292 -3.59 17.54 -3.38
CA PHE D 292 -3.88 18.43 -2.26
C PHE D 292 -2.91 18.27 -1.11
N ILE D 293 -1.86 17.45 -1.25
CA ILE D 293 -0.83 17.41 -0.22
C ILE D 293 -0.17 18.78 -0.11
N HIS D 294 -0.16 19.33 1.10
CA HIS D 294 0.39 20.64 1.42
C HIS D 294 -0.43 21.77 0.84
N ASP D 295 -1.71 21.52 0.56
CA ASP D 295 -2.66 22.57 0.25
C ASP D 295 -3.27 23.03 1.56
N SER D 296 -3.17 24.31 1.88
CA SER D 296 -3.58 24.78 3.20
C SER D 296 -5.08 25.06 3.29
N ALA D 297 -5.87 24.73 2.27
CA ALA D 297 -7.29 25.00 2.34
C ALA D 297 -7.97 24.10 3.38
N SER D 298 -9.07 24.60 3.95
CA SER D 298 -9.92 23.74 4.76
C SER D 298 -10.75 22.80 3.89
N SER D 299 -11.03 23.20 2.66
CA SER D 299 -12.04 22.55 1.83
C SER D 299 -11.89 23.01 0.39
N THR D 300 -11.74 22.09 -0.58
CA THR D 300 -11.76 22.44 -2.00
C THR D 300 -12.93 21.73 -2.68
N TYR D 301 -13.90 22.51 -3.12
CA TYR D 301 -15.05 22.00 -3.86
C TYR D 301 -14.60 21.47 -5.22
N ASP D 302 -14.97 20.23 -5.50
CA ASP D 302 -14.59 19.55 -6.73
C ASP D 302 -15.82 19.61 -7.63
N SER D 303 -15.83 20.57 -8.56
CA SER D 303 -17.04 20.74 -9.36
C SER D 303 -17.28 19.55 -10.28
N LYS D 304 -16.23 19.01 -10.91
CA LYS D 304 -16.44 17.91 -11.86
C LYS D 304 -16.86 16.60 -11.19
N ALA D 305 -16.47 16.36 -9.94
CA ALA D 305 -16.88 15.13 -9.27
C ALA D 305 -18.23 15.24 -8.59
N SER D 306 -18.68 16.45 -8.25
CA SER D 306 -19.98 16.63 -7.63
C SER D 306 -21.09 16.38 -8.66
N ILE D 307 -22.22 15.84 -8.20
CA ILE D 307 -23.32 15.49 -9.11
C ILE D 307 -24.67 15.83 -8.49
N SER D 308 -25.63 16.09 -9.36
CA SER D 308 -27.02 16.36 -8.98
C SER D 308 -27.90 15.28 -9.57
N LEU D 309 -28.78 14.71 -8.75
CA LEU D 309 -29.86 13.91 -9.32
C LEU D 309 -30.94 14.80 -9.91
N ASN D 310 -31.29 15.87 -9.20
CA ASN D 310 -32.28 16.84 -9.64
C ASN D 310 -32.04 18.13 -8.87
N ASP D 311 -32.91 19.13 -9.07
CA ASP D 311 -32.67 20.46 -8.49
C ASP D 311 -32.75 20.48 -6.97
N HIS D 312 -33.23 19.43 -6.31
CA HIS D 312 -33.33 19.42 -4.86
C HIS D 312 -32.55 18.30 -4.19
N PHE D 313 -31.70 17.57 -4.91
CA PHE D 313 -31.04 16.40 -4.34
C PHE D 313 -29.66 16.24 -4.99
N VAL D 314 -28.60 16.52 -4.23
CA VAL D 314 -27.27 16.71 -4.79
C VAL D 314 -26.24 16.00 -3.92
N LYS D 315 -25.12 15.65 -4.54
CA LYS D 315 -23.95 15.09 -3.87
C LYS D 315 -22.76 16.00 -4.13
N VAL D 316 -22.21 16.58 -3.08
CA VAL D 316 -21.12 17.54 -3.20
C VAL D 316 -19.84 16.89 -2.68
N VAL D 317 -18.77 17.01 -3.46
CA VAL D 317 -17.47 16.42 -3.15
C VAL D 317 -16.49 17.54 -2.81
N ALA D 318 -15.79 17.41 -1.68
CA ALA D 318 -14.85 18.44 -1.27
C ALA D 318 -13.61 17.83 -0.62
N TRP D 319 -12.43 18.27 -1.07
CA TRP D 319 -11.15 17.71 -0.63
C TRP D 319 -10.55 18.46 0.55
N TYR D 320 -9.79 17.74 1.39
CA TYR D 320 -9.01 18.42 2.42
C TYR D 320 -7.74 17.67 2.78
N ASP D 321 -6.63 18.40 2.84
CA ASP D 321 -5.41 17.89 3.48
C ASP D 321 -5.67 17.91 4.98
N ASN D 322 -6.00 16.73 5.53
CA ASN D 322 -6.44 16.66 6.92
C ASN D 322 -5.35 17.05 7.89
N GLU D 323 -4.08 17.01 7.47
CA GLU D 323 -2.98 17.48 8.32
C GLU D 323 -2.69 18.96 8.13
N TRP D 324 -2.47 19.40 6.89
CA TRP D 324 -1.93 20.75 6.65
C TRP D 324 -3.02 21.82 6.67
N GLY D 325 -4.20 21.52 6.15
CA GLY D 325 -5.28 22.48 6.24
C GLY D 325 -5.60 22.84 7.67
N TYR D 326 -5.87 21.82 8.49
CA TYR D 326 -6.25 22.03 9.88
C TYR D 326 -5.15 22.75 10.65
N SER D 327 -3.90 22.35 10.46
CA SER D 327 -2.78 22.99 11.15
C SER D 327 -2.76 24.49 10.90
N ASN D 328 -3.01 24.91 9.66
CA ASN D 328 -3.04 26.34 9.35
C ASN D 328 -4.26 27.03 9.96
N ARG D 329 -5.41 26.34 10.03
CA ARG D 329 -6.59 26.95 10.66
C ARG D 329 -6.38 27.20 12.15
N VAL D 330 -5.64 26.32 12.83
CA VAL D 330 -5.32 26.57 14.24
C VAL D 330 -4.64 27.91 14.39
N LEU D 331 -3.62 28.18 13.55
CA LEU D 331 -2.92 29.44 13.64
C LEU D 331 -3.81 30.60 13.23
N ASP D 332 -4.67 30.41 12.22
CA ASP D 332 -5.65 31.42 11.83
C ASP D 332 -6.58 31.74 13.00
N LEU D 333 -7.04 30.71 13.73
CA LEU D 333 -7.97 30.95 14.82
C LEU D 333 -7.30 31.72 15.95
N ILE D 334 -6.01 31.43 16.22
CA ILE D 334 -5.27 32.20 17.22
C ILE D 334 -5.22 33.66 16.82
N ILE D 335 -4.83 33.94 15.58
CA ILE D 335 -4.72 35.33 15.12
C ILE D 335 -6.07 36.03 15.18
N SER D 336 -7.11 35.40 14.62
CA SER D 336 -8.45 35.97 14.62
C SER D 336 -8.89 36.35 16.03
N THR D 337 -8.85 35.39 16.96
CA THR D 337 -9.30 35.65 18.32
C THR D 337 -8.37 36.58 19.08
N SER D 338 -7.08 36.61 18.70
CA SER D 338 -6.13 37.48 19.38
C SER D 338 -6.46 38.94 19.21
N LYS D 339 -7.25 39.30 18.19
CA LYS D 339 -7.68 40.67 18.00
C LYS D 339 -8.89 41.04 18.85
N VAL D 340 -9.32 40.13 19.72
CA VAL D 340 -10.49 40.34 20.57
C VAL D 340 -10.07 40.30 22.04
C1 EDO E . 20.77 -23.70 23.02
O1 EDO E . 20.71 -22.59 23.93
C2 EDO E . 21.59 -24.84 23.59
O2 EDO E . 21.10 -25.19 24.90
C1 EDO F . -4.58 -18.47 2.91
C1 EDO F . -4.79 -16.40 1.49
O1 EDO F . -3.64 -18.43 1.84
O1 EDO F . -3.60 -16.53 0.70
C2 EDO F . -5.01 -19.90 3.22
C2 EDO F . -4.62 -17.19 2.79
O2 EDO F . -5.99 -19.87 4.26
O2 EDO F . -4.25 -18.54 2.48
C1 EDO G . 2.87 -9.72 18.49
O1 EDO G . 3.46 -9.77 17.18
C2 EDO G . 2.65 -8.27 18.93
O2 EDO G . 1.24 -7.93 19.02
PA NAD H . 6.71 5.38 -18.78
O1A NAD H . 6.29 6.33 -17.65
O2A NAD H . 5.81 4.16 -19.12
O5B NAD H . 6.87 6.33 -20.15
C5B NAD H . 7.01 5.93 -21.52
C4B NAD H . 6.27 6.99 -22.32
O4B NAD H . 6.49 6.68 -23.74
C3B NAD H . 4.74 6.94 -22.15
O3B NAD H . 4.30 8.29 -21.91
C2B NAD H . 4.20 6.44 -23.52
O2B NAD H . 2.96 7.04 -23.86
C1B NAD H . 5.30 6.92 -24.47
N9A NAD H . 5.46 6.12 -25.67
C8A NAD H . 5.37 4.74 -25.81
N7A NAD H . 5.62 4.38 -27.05
C5A NAD H . 5.89 5.55 -27.75
C6A NAD H . 6.23 5.82 -29.09
N6A NAD H . 6.33 4.86 -30.04
N1A NAD H . 6.44 7.10 -29.43
C2A NAD H . 6.32 8.06 -28.53
N3A NAD H . 6.02 7.90 -27.23
C4A NAD H . 5.81 6.63 -26.88
O3 NAD H . 8.21 4.85 -18.56
PN NAD H . 9.41 5.45 -17.63
O1N NAD H . 9.45 6.96 -17.90
O2N NAD H . 9.40 4.87 -16.22
O5D NAD H . 10.64 4.66 -18.47
C5D NAD H . 11.09 5.19 -19.69
C4D NAD H . 12.44 4.56 -20.01
O4D NAD H . 13.46 4.96 -19.01
C3D NAD H . 12.45 3.04 -19.93
O3D NAD H . 13.44 2.50 -20.86
C2D NAD H . 12.90 2.70 -18.47
O2D NAD H . 13.53 1.42 -18.34
C1D NAD H . 13.92 3.86 -18.26
N1N NAD H . 14.15 4.29 -16.83
C2N NAD H . 13.16 4.39 -15.89
C3N NAD H . 13.45 4.78 -14.61
C7N NAD H . 12.35 4.87 -13.59
O7N NAD H . 12.63 4.80 -12.39
N7N NAD H . 11.09 5.02 -14.03
C4N NAD H . 14.79 5.08 -14.28
C5N NAD H . 15.77 4.99 -15.23
C6N NAD H . 15.43 4.58 -16.52
C1 EDO I . 31.66 3.78 -23.27
O1 EDO I . 32.35 3.53 -24.49
C2 EDO I . 31.44 2.47 -22.51
O2 EDO I . 30.57 1.63 -23.27
C1 EDO J . 19.06 14.21 3.33
O1 EDO J . 19.92 13.07 3.15
C2 EDO J . 17.69 13.96 2.71
O2 EDO J . 17.73 14.11 1.29
C1 EDO K . 6.08 -22.22 -3.42
O1 EDO K . 6.08 -23.58 -3.00
C2 EDO K . 4.82 -21.54 -2.91
O2 EDO K . 3.74 -22.46 -2.98
PA NAD L . -7.99 -8.20 -16.97
O1A NAD L . -7.49 -8.94 -15.70
O2A NAD L . -7.15 -7.02 -17.57
O5B NAD L . -8.38 -9.37 -18.04
C5B NAD L . -8.47 -9.18 -19.46
C4B NAD L . -7.76 -10.37 -20.06
O4B NAD L . -8.14 -10.43 -21.50
C3B NAD L . -6.22 -10.28 -20.07
O3B NAD L . -5.79 -11.57 -19.60
C2B NAD L . -5.86 -10.03 -21.55
O2B NAD L . -4.62 -10.62 -21.97
C1B NAD L . -7.02 -10.69 -22.32
N9A NAD L . -7.32 -10.11 -23.64
C8A NAD L . -7.26 -8.78 -24.06
N7A NAD L . -7.63 -8.67 -25.30
C5A NAD L . -7.94 -9.96 -25.75
C6A NAD L . -8.38 -10.49 -26.97
N6A NAD L . -8.60 -9.74 -28.07
N1A NAD L . -8.60 -11.81 -27.05
C2A NAD L . -8.39 -12.58 -25.99
N3A NAD L . -7.97 -12.16 -24.80
C4A NAD L . -7.75 -10.85 -24.71
O3 NAD L . -9.45 -7.59 -16.67
PN NAD L . -10.60 -8.02 -15.62
O1N NAD L . -10.64 -9.56 -15.58
O2N NAD L . -10.48 -7.15 -14.37
O5D NAD L . -11.92 -7.44 -16.49
C5D NAD L . -12.38 -8.11 -17.66
C4D NAD L . -13.80 -7.60 -17.90
O4D NAD L . -14.67 -7.82 -16.72
C3D NAD L . -13.85 -6.07 -18.05
O3D NAD L . -14.93 -5.68 -18.94
C2D NAD L . -14.18 -5.52 -16.64
O2D NAD L . -14.79 -4.22 -16.57
C1D NAD L . -15.14 -6.63 -16.13
N1N NAD L . -15.27 -6.76 -14.61
C2N NAD L . -14.20 -6.65 -13.79
C3N NAD L . -14.38 -6.77 -12.42
C7N NAD L . -13.21 -6.63 -11.49
O7N NAD L . -13.44 -6.27 -10.34
N7N NAD L . -11.98 -6.94 -11.92
C4N NAD L . -15.66 -7.01 -11.91
C5N NAD L . -16.73 -7.13 -12.76
C6N NAD L . -16.50 -7.02 -14.12
C1 EDO M . -32.91 -6.33 -19.43
O1 EDO M . -32.11 -5.63 -20.38
C2 EDO M . -33.37 -7.68 -19.96
O2 EDO M . -34.24 -7.60 -21.11
C1 EDO N . -9.08 -15.30 1.89
C1 EDO N . -8.99 -15.38 2.08
O1 EDO N . -9.83 -14.67 2.94
O1 EDO N . -8.73 -16.54 1.28
C2 EDO N . -7.61 -15.45 2.29
C2 EDO N . -7.68 -14.67 2.39
O2 EDO N . -7.11 -14.21 2.80
O2 EDO N . -7.92 -13.51 3.20
C1 EDO O . -10.51 -20.98 0.11
O1 EDO O . -10.87 -22.35 0.35
C2 EDO O . -10.46 -20.23 1.44
O2 EDO O . -10.39 -18.83 1.16
C1 EDO P . -28.36 -22.05 -26.16
O1 EDO P . -28.81 -22.30 -24.82
C2 EDO P . -28.87 -23.13 -27.12
O2 EDO P . -30.24 -22.91 -27.38
C1 EDO Q . -10.41 16.89 -19.13
O1 EDO Q . -11.15 17.88 -18.40
C2 EDO Q . -10.90 16.82 -20.57
O2 EDO Q . -10.48 17.98 -21.30
PA NAD R . 0.06 12.07 17.07
O1A NAD R . 0.91 12.14 15.77
O2A NAD R . -0.17 10.67 17.74
O5B NAD R . 0.64 13.15 18.18
C5B NAD R . 0.37 13.15 19.59
C4B NAD R . 1.70 13.52 20.24
O4B NAD R . 1.48 13.93 21.65
C3B NAD R . 2.69 12.37 20.30
O3B NAD R . 3.99 12.87 19.89
C2B NAD R . 2.78 11.98 21.79
O2B NAD R . 4.10 11.50 22.06
C1B NAD R . 2.46 13.33 22.48
N9A NAD R . 1.88 13.21 23.82
C8A NAD R . 0.95 12.29 24.29
N7A NAD R . 0.63 12.49 25.54
C5A NAD R . 1.38 13.61 25.94
C6A NAD R . 1.48 14.32 27.15
N6A NAD R . 0.81 14.00 28.25
N1A NAD R . 2.31 15.38 27.19
C2A NAD R . 3.01 15.72 26.10
N3A NAD R . 2.98 15.12 24.92
C4A NAD R . 2.15 14.06 24.87
O3 NAD R . -1.37 12.78 16.78
PN NAD R . -1.95 13.89 15.75
O1N NAD R . -1.12 15.21 15.82
O2N NAD R . -2.38 13.26 14.40
O5D NAD R . -3.32 14.18 16.70
C5D NAD R . -3.28 15.06 17.81
C4D NAD R . -4.69 15.62 17.99
O4D NAD R . -5.16 16.28 16.73
C3D NAD R . -5.73 14.51 18.20
O3D NAD R . -6.83 14.96 19.03
C2D NAD R . -6.32 14.23 16.78
O2D NAD R . -7.60 13.61 16.82
C1D NAD R . -6.35 15.70 16.27
N1N NAD R . -6.40 15.89 14.76
C2N NAD R . -5.64 15.14 13.92
C3N NAD R . -5.70 15.33 12.56
C7N NAD R . -4.86 14.49 11.66
O7N NAD R . -5.11 14.42 10.45
N7N NAD R . -3.82 13.81 12.20
C4N NAD R . -6.59 16.34 12.09
C5N NAD R . -7.35 17.08 12.94
C6N NAD R . -7.23 16.84 14.31
C1 EDO S . -20.15 26.99 20.66
O1 EDO S . -21.19 26.05 20.38
C2 EDO S . -19.96 27.87 19.44
O2 EDO S . -19.35 29.10 19.84
C1 EDO T . -19.31 25.68 25.46
O1 EDO T . -20.12 25.56 24.28
C2 EDO T . -19.30 24.35 26.21
O2 EDO T . -19.39 23.29 25.27
#